data_2JK7
# 
_entry.id   2JK7 
# 
_audit_conform.dict_name       mmcif_pdbx.dic 
_audit_conform.dict_version    5.391 
_audit_conform.dict_location   http://mmcif.pdb.org/dictionaries/ascii/mmcif_pdbx.dic 
# 
loop_
_database_2.database_id 
_database_2.database_code 
_database_2.pdbx_database_accession 
_database_2.pdbx_DOI 
PDB   2JK7         pdb_00002jk7 10.2210/pdb2jk7/pdb 
PDBE  EBI-37235    ?            ?                   
WWPDB D_1290037235 ?            ?                   
# 
loop_
_pdbx_audit_revision_history.ordinal 
_pdbx_audit_revision_history.data_content_type 
_pdbx_audit_revision_history.major_revision 
_pdbx_audit_revision_history.minor_revision 
_pdbx_audit_revision_history.revision_date 
1 'Structure model' 1 0 2008-11-04 
2 'Structure model' 1 1 2011-05-07 
3 'Structure model' 1 2 2011-07-13 
4 'Structure model' 1 3 2024-05-01 
# 
_pdbx_audit_revision_details.ordinal             1 
_pdbx_audit_revision_details.revision_ordinal    1 
_pdbx_audit_revision_details.data_content_type   'Structure model' 
_pdbx_audit_revision_details.provider            repository 
_pdbx_audit_revision_details.type                'Initial release' 
_pdbx_audit_revision_details.description         ? 
_pdbx_audit_revision_details.details             ? 
# 
loop_
_pdbx_audit_revision_group.ordinal 
_pdbx_audit_revision_group.revision_ordinal 
_pdbx_audit_revision_group.data_content_type 
_pdbx_audit_revision_group.group 
1 2 'Structure model' 'Version format compliance' 
2 3 'Structure model' 'Version format compliance' 
3 4 'Structure model' 'Data collection'           
4 4 'Structure model' 'Database references'       
5 4 'Structure model' 'Derived calculations'      
6 4 'Structure model' Other                       
7 4 'Structure model' 'Refinement description'    
# 
loop_
_pdbx_audit_revision_category.ordinal 
_pdbx_audit_revision_category.revision_ordinal 
_pdbx_audit_revision_category.data_content_type 
_pdbx_audit_revision_category.category 
1 4 'Structure model' chem_comp_atom                
2 4 'Structure model' chem_comp_bond                
3 4 'Structure model' database_2                    
4 4 'Structure model' pdbx_database_status          
5 4 'Structure model' pdbx_initial_refinement_model 
6 4 'Structure model' struct_conn                   
# 
loop_
_pdbx_audit_revision_item.ordinal 
_pdbx_audit_revision_item.revision_ordinal 
_pdbx_audit_revision_item.data_content_type 
_pdbx_audit_revision_item.item 
1  4 'Structure model' '_database_2.pdbx_DOI'                 
2  4 'Structure model' '_database_2.pdbx_database_accession'  
3  4 'Structure model' '_pdbx_database_status.status_code_sf' 
4  4 'Structure model' '_struct_conn.ptnr1_auth_comp_id'      
5  4 'Structure model' '_struct_conn.ptnr1_auth_seq_id'       
6  4 'Structure model' '_struct_conn.ptnr1_label_asym_id'     
7  4 'Structure model' '_struct_conn.ptnr1_label_atom_id'     
8  4 'Structure model' '_struct_conn.ptnr1_label_comp_id'     
9  4 'Structure model' '_struct_conn.ptnr1_label_seq_id'      
10 4 'Structure model' '_struct_conn.ptnr2_auth_comp_id'      
11 4 'Structure model' '_struct_conn.ptnr2_auth_seq_id'       
12 4 'Structure model' '_struct_conn.ptnr2_label_asym_id'     
13 4 'Structure model' '_struct_conn.ptnr2_label_atom_id'     
14 4 'Structure model' '_struct_conn.ptnr2_label_comp_id'     
15 4 'Structure model' '_struct_conn.ptnr2_label_seq_id'      
# 
_pdbx_database_status.status_code                     REL 
_pdbx_database_status.entry_id                        2JK7 
_pdbx_database_status.deposit_site                    PDBE 
_pdbx_database_status.process_site                    PDBE 
_pdbx_database_status.SG_entry                        . 
_pdbx_database_status.recvd_initial_deposition_date   2008-08-21 
_pdbx_database_status.pdb_format_compatible           Y 
_pdbx_database_status.status_code_sf                  REL 
_pdbx_database_status.status_code_mr                  ? 
_pdbx_database_status.status_code_cs                  ? 
_pdbx_database_status.methods_development_category    ? 
_pdbx_database_status.status_code_nmr_data            ? 
# 
loop_
_pdbx_database_related.db_name 
_pdbx_database_related.db_id 
_pdbx_database_related.content_type 
_pdbx_database_related.details 
PDB 1KMC unspecified 'CRYSTAL STRUCTURE OF THE CASPASE-7 / XIAP- BIR2 COMPLEX'                                               
PDB 1F9X unspecified 'AVERAGE NMR SOLUTION STRUCTURE OF THE BIR- 3 DOMAIN OF XIAP'                                           
PDB 1G73 unspecified 'CRYSTAL STRUCTURE OF SMAC BOUND TO XIAP- BIR3 DOMAIN'                                                  
PDB 1I4O unspecified 'CRYSTAL STRUCTURE OF THE XIAP/CASPASE-7 COMPLEX'                                                       
PDB 2VSL unspecified 'CRYSTAL STRUCTURE OF XIAP BIR3 WITH A BIVALENT SMAC MIMETIC'                                           
PDB 1TFQ unspecified 'NMR STRUCTURE OF AN ANTAGONISTS OF THE XIAP-CASPASE-9INTERACTION COMPLEXED TO THE BIR3 DOMAIN OF XIAP' 
PDB 1TFT unspecified 'NMR STRUCTURE OF AN ANTAGONISTS OF THE XIAP-CASPASE-9INTERACTION COMPLEXED TO THE BIR3 DOMAIN OF XIAP' 
PDB 1C9Q unspecified 'AVERAGE NMR SOLUTION STRUCTURE OF THE BIR- 2 DOMAIN OF XIAP'                                           
PDB 1NW9 unspecified 'STRUCTURE OF CASPASE-9 IN AN INHIBITORY COMPLEX WITH XIAP-BIR3'                                        
PDB 1I3O unspecified 'CRYSTAL STRUCTURE OF THE COMPLEX OF XIAP- BIR2 AND CASPASE 3'                                          
PDB 1I51 unspecified 'CRYSTAL STRUCTURE OF CASPASE-7 COMPLEXED WITH XIAP'                                                    
PDB 1G3F unspecified 'NMR STRUCTURE OF A 9 RESIDUE PEPTIDE FROM SMAC/DIABLOCOMPLEXED TO THE BIR3 DOMAIN OF XIAP'             
# 
loop_
_audit_author.name 
_audit_author.pdbx_ordinal 
'Saito, N.G.'   1 
'Meagher, J.L.' 2 
'Stuckey, J.A.' 3 
# 
_citation.id                        primary 
_citation.title                     
;Structure-Based Design, Synthesis, Evaluation, and Crystallographic Studies of Conformationally Constrained Smac Mimetics as Inhibitors of the X-Linked Inhibitor of Apoptosis Protein (Xiap).
;
_citation.journal_abbrev            J.Med.Chem. 
_citation.journal_volume            51 
_citation.page_first                7169 
_citation.page_last                 ? 
_citation.year                      2008 
_citation.journal_id_ASTM           JMCMAR 
_citation.country                   US 
_citation.journal_id_ISSN           0022-2623 
_citation.journal_id_CSD            0151 
_citation.book_publisher            ? 
_citation.pdbx_database_id_PubMed   18954041 
_citation.pdbx_database_id_DOI      10.1021/JM8006849 
# 
loop_
_citation_author.citation_id 
_citation_author.name 
_citation_author.ordinal 
_citation_author.identifier_ORCID 
primary 'Sun, H.'                1  ? 
primary 'Stuckey, J.A.'          2  ? 
primary 'Nikolovska-Coleska, Z.' 3  ? 
primary 'Qin, D.'                4  ? 
primary 'Meagher, J.L.'          5  ? 
primary 'Qiu, S.'                6  ? 
primary 'Lu, J.'                 7  ? 
primary 'Yang, C.'               8  ? 
primary 'Saito, N.G.'            9  ? 
primary 'Wang, S.'               10 ? 
# 
loop_
_entity.id 
_entity.type 
_entity.src_method 
_entity.pdbx_description 
_entity.formula_weight 
_entity.pdbx_number_of_molecules 
_entity.pdbx_ec 
_entity.pdbx_mutation 
_entity.pdbx_fragment 
_entity.details 
1 polymer     man 'BACULOVIRAL IAP REPEAT-CONTAINING PROTEIN 4' 13293.755 1  ? ? 'BIR3, RESIDUES 241-356' 
'SMALL MOLECULE SMAC MIMETIC' 
2 non-polymer syn 
;(3S,6S,7Z,10AS)-N-(DIPHENYLMETHYL)-6-{[(2S)-2-(METHYLIDENEAMINO)BUTANOYL]AMINO}-5-OXO-1,2,3,5,6,9,10,10A-OCTAHYDROPYRROLO[1,2-A]AZOCINE-3-CARBOXAMIDE
;
486.605   1  ? ? ?                        ?                             
3 non-polymer syn 'ZINC ION' 65.409    1  ? ? ?                        ?                             
4 water       nat water 18.015    37 ? ? ?                        ?                             
# 
_entity_name_com.entity_id   1 
_entity_name_com.name        
'E3 UBIQUITIN-PROTEIN LIGASE XIAP, INHIBITOR OF APOPTOSIS PROTEIN 3, X-LINKED INHIBITOR OF APOPTOSIS PROTEIN, IAP-LIKE PROTEIN, HILP' 
# 
_entity_poly.entity_id                      1 
_entity_poly.type                           'polypeptide(L)' 
_entity_poly.nstd_linkage                   no 
_entity_poly.nstd_monomer                   no 
_entity_poly.pdbx_seq_one_letter_code       
;SDAVSSDRNFPNSTNLPRNPSMADYEARIFTFGTWIYSVNKEQLARAGFYALGEGDKVKCFHCGGGLTDWKPSEDPWEQH
AKWYPGCKYLLEQKGQEYINNIHLTHSLEECLVRTT
;
_entity_poly.pdbx_seq_one_letter_code_can   
;SDAVSSDRNFPNSTNLPRNPSMADYEARIFTFGTWIYSVNKEQLARAGFYALGEGDKVKCFHCGGGLTDWKPSEDPWEQH
AKWYPGCKYLLEQKGQEYINNIHLTHSLEECLVRTT
;
_entity_poly.pdbx_strand_id                 A 
_entity_poly.pdbx_target_identifier         ? 
# 
loop_
_pdbx_entity_nonpoly.entity_id 
_pdbx_entity_nonpoly.name 
_pdbx_entity_nonpoly.comp_id 
2 
;(3S,6S,7Z,10AS)-N-(DIPHENYLMETHYL)-6-{[(2S)-2-(METHYLIDENEAMINO)BUTANOYL]AMINO}-5-OXO-1,2,3,5,6,9,10,10A-OCTAHYDROPYRROLO[1,2-A]AZOCINE-3-CARBOXAMIDE
;
BI6 
3 'ZINC ION' ZN  
4 water HOH 
# 
loop_
_entity_poly_seq.entity_id 
_entity_poly_seq.num 
_entity_poly_seq.mon_id 
_entity_poly_seq.hetero 
1 1   SER n 
1 2   ASP n 
1 3   ALA n 
1 4   VAL n 
1 5   SER n 
1 6   SER n 
1 7   ASP n 
1 8   ARG n 
1 9   ASN n 
1 10  PHE n 
1 11  PRO n 
1 12  ASN n 
1 13  SER n 
1 14  THR n 
1 15  ASN n 
1 16  LEU n 
1 17  PRO n 
1 18  ARG n 
1 19  ASN n 
1 20  PRO n 
1 21  SER n 
1 22  MET n 
1 23  ALA n 
1 24  ASP n 
1 25  TYR n 
1 26  GLU n 
1 27  ALA n 
1 28  ARG n 
1 29  ILE n 
1 30  PHE n 
1 31  THR n 
1 32  PHE n 
1 33  GLY n 
1 34  THR n 
1 35  TRP n 
1 36  ILE n 
1 37  TYR n 
1 38  SER n 
1 39  VAL n 
1 40  ASN n 
1 41  LYS n 
1 42  GLU n 
1 43  GLN n 
1 44  LEU n 
1 45  ALA n 
1 46  ARG n 
1 47  ALA n 
1 48  GLY n 
1 49  PHE n 
1 50  TYR n 
1 51  ALA n 
1 52  LEU n 
1 53  GLY n 
1 54  GLU n 
1 55  GLY n 
1 56  ASP n 
1 57  LYS n 
1 58  VAL n 
1 59  LYS n 
1 60  CYS n 
1 61  PHE n 
1 62  HIS n 
1 63  CYS n 
1 64  GLY n 
1 65  GLY n 
1 66  GLY n 
1 67  LEU n 
1 68  THR n 
1 69  ASP n 
1 70  TRP n 
1 71  LYS n 
1 72  PRO n 
1 73  SER n 
1 74  GLU n 
1 75  ASP n 
1 76  PRO n 
1 77  TRP n 
1 78  GLU n 
1 79  GLN n 
1 80  HIS n 
1 81  ALA n 
1 82  LYS n 
1 83  TRP n 
1 84  TYR n 
1 85  PRO n 
1 86  GLY n 
1 87  CYS n 
1 88  LYS n 
1 89  TYR n 
1 90  LEU n 
1 91  LEU n 
1 92  GLU n 
1 93  GLN n 
1 94  LYS n 
1 95  GLY n 
1 96  GLN n 
1 97  GLU n 
1 98  TYR n 
1 99  ILE n 
1 100 ASN n 
1 101 ASN n 
1 102 ILE n 
1 103 HIS n 
1 104 LEU n 
1 105 THR n 
1 106 HIS n 
1 107 SER n 
1 108 LEU n 
1 109 GLU n 
1 110 GLU n 
1 111 CYS n 
1 112 LEU n 
1 113 VAL n 
1 114 ARG n 
1 115 THR n 
1 116 THR n 
# 
_entity_src_gen.entity_id                          1 
_entity_src_gen.pdbx_src_id                        1 
_entity_src_gen.pdbx_alt_source_flag               sample 
_entity_src_gen.pdbx_seq_type                      ? 
_entity_src_gen.pdbx_beg_seq_num                   ? 
_entity_src_gen.pdbx_end_seq_num                   ? 
_entity_src_gen.gene_src_common_name               HUMAN 
_entity_src_gen.gene_src_genus                     ? 
_entity_src_gen.pdbx_gene_src_gene                 ? 
_entity_src_gen.gene_src_species                   ? 
_entity_src_gen.gene_src_strain                    ? 
_entity_src_gen.gene_src_tissue                    ? 
_entity_src_gen.gene_src_tissue_fraction           ? 
_entity_src_gen.gene_src_details                   ? 
_entity_src_gen.pdbx_gene_src_fragment             ? 
_entity_src_gen.pdbx_gene_src_scientific_name      'HOMO SAPIENS' 
_entity_src_gen.pdbx_gene_src_ncbi_taxonomy_id     9606 
_entity_src_gen.pdbx_gene_src_variant              ? 
_entity_src_gen.pdbx_gene_src_cell_line            ? 
_entity_src_gen.pdbx_gene_src_atcc                 ? 
_entity_src_gen.pdbx_gene_src_organ                ? 
_entity_src_gen.pdbx_gene_src_organelle            ? 
_entity_src_gen.pdbx_gene_src_cell                 ? 
_entity_src_gen.pdbx_gene_src_cellular_location    ? 
_entity_src_gen.host_org_common_name               ? 
_entity_src_gen.pdbx_host_org_scientific_name      'ESCHERICHIA COLI' 
_entity_src_gen.pdbx_host_org_ncbi_taxonomy_id     469008 
_entity_src_gen.host_org_genus                     ? 
_entity_src_gen.pdbx_host_org_gene                 ? 
_entity_src_gen.pdbx_host_org_organ                ? 
_entity_src_gen.host_org_species                   ? 
_entity_src_gen.pdbx_host_org_tissue               ? 
_entity_src_gen.pdbx_host_org_tissue_fraction      ? 
_entity_src_gen.pdbx_host_org_strain               'BL21(DE3)' 
_entity_src_gen.pdbx_host_org_variant              ? 
_entity_src_gen.pdbx_host_org_cell_line            ? 
_entity_src_gen.pdbx_host_org_atcc                 ? 
_entity_src_gen.pdbx_host_org_culture_collection   ? 
_entity_src_gen.pdbx_host_org_cell                 ? 
_entity_src_gen.pdbx_host_org_organelle            ? 
_entity_src_gen.pdbx_host_org_cellular_location    ? 
_entity_src_gen.pdbx_host_org_vector_type          ? 
_entity_src_gen.pdbx_host_org_vector               ? 
_entity_src_gen.host_org_details                   ? 
_entity_src_gen.expression_system_id               ? 
_entity_src_gen.plasmid_name                       PET28 
_entity_src_gen.plasmid_details                    ? 
_entity_src_gen.pdbx_description                   ? 
# 
loop_
_chem_comp.id 
_chem_comp.type 
_chem_comp.mon_nstd_flag 
_chem_comp.name 
_chem_comp.pdbx_synonyms 
_chem_comp.formula 
_chem_comp.formula_weight 
ALA 'L-peptide linking' y ALANINE ? 'C3 H7 N O2'     89.093  
ARG 'L-peptide linking' y ARGININE ? 'C6 H15 N4 O2 1' 175.209 
ASN 'L-peptide linking' y ASPARAGINE ? 'C4 H8 N2 O3'    132.118 
ASP 'L-peptide linking' y 'ASPARTIC ACID' ? 'C4 H7 N O4'     133.103 
BI6 non-polymer         . 
;(3S,6S,7Z,10AS)-N-(DIPHENYLMETHYL)-6-{[(2S)-2-(METHYLIDENEAMINO)BUTANOYL]AMINO}-5-OXO-1,2,3,5,6,9,10,10A-OCTAHYDROPYRROLO[1,2-A]AZOCINE-3-CARBOXAMIDE
;
? 'C29 H34 N4 O3'  486.605 
CYS 'L-peptide linking' y CYSTEINE ? 'C3 H7 N O2 S'   121.158 
GLN 'L-peptide linking' y GLUTAMINE ? 'C5 H10 N2 O3'   146.144 
GLU 'L-peptide linking' y 'GLUTAMIC ACID' ? 'C5 H9 N O4'     147.129 
GLY 'peptide linking'   y GLYCINE ? 'C2 H5 N O2'     75.067  
HIS 'L-peptide linking' y HISTIDINE ? 'C6 H10 N3 O2 1' 156.162 
HOH non-polymer         . WATER ? 'H2 O'           18.015  
ILE 'L-peptide linking' y ISOLEUCINE ? 'C6 H13 N O2'    131.173 
LEU 'L-peptide linking' y LEUCINE ? 'C6 H13 N O2'    131.173 
LYS 'L-peptide linking' y LYSINE ? 'C6 H15 N2 O2 1' 147.195 
MET 'L-peptide linking' y METHIONINE ? 'C5 H11 N O2 S'  149.211 
PHE 'L-peptide linking' y PHENYLALANINE ? 'C9 H11 N O2'    165.189 
PRO 'L-peptide linking' y PROLINE ? 'C5 H9 N O2'     115.130 
SER 'L-peptide linking' y SERINE ? 'C3 H7 N O3'     105.093 
THR 'L-peptide linking' y THREONINE ? 'C4 H9 N O3'     119.119 
TRP 'L-peptide linking' y TRYPTOPHAN ? 'C11 H12 N2 O2'  204.225 
TYR 'L-peptide linking' y TYROSINE ? 'C9 H11 N O3'    181.189 
VAL 'L-peptide linking' y VALINE ? 'C5 H11 N O2'    117.146 
ZN  non-polymer         . 'ZINC ION' ? 'Zn 2'           65.409  
# 
loop_
_pdbx_poly_seq_scheme.asym_id 
_pdbx_poly_seq_scheme.entity_id 
_pdbx_poly_seq_scheme.seq_id 
_pdbx_poly_seq_scheme.mon_id 
_pdbx_poly_seq_scheme.ndb_seq_num 
_pdbx_poly_seq_scheme.pdb_seq_num 
_pdbx_poly_seq_scheme.auth_seq_num 
_pdbx_poly_seq_scheme.pdb_mon_id 
_pdbx_poly_seq_scheme.auth_mon_id 
_pdbx_poly_seq_scheme.pdb_strand_id 
_pdbx_poly_seq_scheme.pdb_ins_code 
_pdbx_poly_seq_scheme.hetero 
A 1 1   SER 1   241 ?   ?   ?   A . n 
A 1 2   ASP 2   242 ?   ?   ?   A . n 
A 1 3   ALA 3   243 ?   ?   ?   A . n 
A 1 4   VAL 4   244 ?   ?   ?   A . n 
A 1 5   SER 5   245 ?   ?   ?   A . n 
A 1 6   SER 6   246 ?   ?   ?   A . n 
A 1 7   ASP 7   247 ?   ?   ?   A . n 
A 1 8   ARG 8   248 ?   ?   ?   A . n 
A 1 9   ASN 9   249 ?   ?   ?   A . n 
A 1 10  PHE 10  250 250 PHE PHE A . n 
A 1 11  PRO 11  251 251 PRO PRO A . n 
A 1 12  ASN 12  252 252 ASN ASN A . n 
A 1 13  SER 13  253 253 SER SER A . n 
A 1 14  THR 14  254 254 THR THR A . n 
A 1 15  ASN 15  255 255 ASN ASN A . n 
A 1 16  LEU 16  256 256 LEU LEU A . n 
A 1 17  PRO 17  257 257 PRO PRO A . n 
A 1 18  ARG 18  258 258 ARG ARG A . n 
A 1 19  ASN 19  259 259 ASN ASN A . n 
A 1 20  PRO 20  260 260 PRO PRO A . n 
A 1 21  SER 21  261 261 SER SER A . n 
A 1 22  MET 22  262 262 MET MET A . n 
A 1 23  ALA 23  263 263 ALA ALA A . n 
A 1 24  ASP 24  264 264 ASP ASP A . n 
A 1 25  TYR 25  265 265 TYR TYR A . n 
A 1 26  GLU 26  266 266 GLU GLU A . n 
A 1 27  ALA 27  267 267 ALA ALA A . n 
A 1 28  ARG 28  268 268 ARG ARG A . n 
A 1 29  ILE 29  269 269 ILE ILE A . n 
A 1 30  PHE 30  270 270 PHE PHE A . n 
A 1 31  THR 31  271 271 THR THR A . n 
A 1 32  PHE 32  272 272 PHE PHE A . n 
A 1 33  GLY 33  273 273 GLY GLY A . n 
A 1 34  THR 34  274 274 THR THR A . n 
A 1 35  TRP 35  275 275 TRP TRP A . n 
A 1 36  ILE 36  276 276 ILE ILE A . n 
A 1 37  TYR 37  277 277 TYR TYR A . n 
A 1 38  SER 38  278 278 SER SER A . n 
A 1 39  VAL 39  279 279 VAL VAL A . n 
A 1 40  ASN 40  280 280 ASN ASN A . n 
A 1 41  LYS 41  281 281 LYS LYS A . n 
A 1 42  GLU 42  282 282 GLU GLU A . n 
A 1 43  GLN 43  283 283 GLN GLN A . n 
A 1 44  LEU 44  284 284 LEU LEU A . n 
A 1 45  ALA 45  285 285 ALA ALA A . n 
A 1 46  ARG 46  286 286 ARG ARG A . n 
A 1 47  ALA 47  287 287 ALA ALA A . n 
A 1 48  GLY 48  288 288 GLY GLY A . n 
A 1 49  PHE 49  289 289 PHE PHE A . n 
A 1 50  TYR 50  290 290 TYR TYR A . n 
A 1 51  ALA 51  291 291 ALA ALA A . n 
A 1 52  LEU 52  292 292 LEU LEU A . n 
A 1 53  GLY 53  293 293 GLY GLY A . n 
A 1 54  GLU 54  294 294 GLU GLU A . n 
A 1 55  GLY 55  295 295 GLY GLY A . n 
A 1 56  ASP 56  296 296 ASP ASP A . n 
A 1 57  LYS 57  297 297 LYS LYS A . n 
A 1 58  VAL 58  298 298 VAL VAL A . n 
A 1 59  LYS 59  299 299 LYS LYS A . n 
A 1 60  CYS 60  300 300 CYS CYS A . n 
A 1 61  PHE 61  301 301 PHE PHE A . n 
A 1 62  HIS 62  302 302 HIS HIS A . n 
A 1 63  CYS 63  303 303 CYS CYS A . n 
A 1 64  GLY 64  304 304 GLY GLY A . n 
A 1 65  GLY 65  305 305 GLY GLY A . n 
A 1 66  GLY 66  306 306 GLY GLY A . n 
A 1 67  LEU 67  307 307 LEU LEU A . n 
A 1 68  THR 68  308 308 THR THR A . n 
A 1 69  ASP 69  309 309 ASP ASP A . n 
A 1 70  TRP 70  310 310 TRP TRP A . n 
A 1 71  LYS 71  311 311 LYS LYS A . n 
A 1 72  PRO 72  312 312 PRO PRO A . n 
A 1 73  SER 73  313 313 SER SER A . n 
A 1 74  GLU 74  314 314 GLU GLU A . n 
A 1 75  ASP 75  315 315 ASP ASP A . n 
A 1 76  PRO 76  316 316 PRO PRO A . n 
A 1 77  TRP 77  317 317 TRP TRP A . n 
A 1 78  GLU 78  318 318 GLU GLU A . n 
A 1 79  GLN 79  319 319 GLN GLN A . n 
A 1 80  HIS 80  320 320 HIS HIS A . n 
A 1 81  ALA 81  321 321 ALA ALA A . n 
A 1 82  LYS 82  322 322 LYS LYS A . n 
A 1 83  TRP 83  323 323 TRP TRP A . n 
A 1 84  TYR 84  324 324 TYR TYR A . n 
A 1 85  PRO 85  325 325 PRO PRO A . n 
A 1 86  GLY 86  326 326 GLY GLY A . n 
A 1 87  CYS 87  327 327 CYS CYS A . n 
A 1 88  LYS 88  328 328 LYS LYS A . n 
A 1 89  TYR 89  329 329 TYR TYR A . n 
A 1 90  LEU 90  330 330 LEU LEU A . n 
A 1 91  LEU 91  331 331 LEU LEU A . n 
A 1 92  GLU 92  332 332 GLU GLU A . n 
A 1 93  GLN 93  333 333 GLN GLN A . n 
A 1 94  LYS 94  334 334 LYS LYS A . n 
A 1 95  GLY 95  335 335 GLY GLY A . n 
A 1 96  GLN 96  336 336 GLN GLN A . n 
A 1 97  GLU 97  337 337 GLU GLU A . n 
A 1 98  TYR 98  338 338 TYR TYR A . n 
A 1 99  ILE 99  339 339 ILE ILE A . n 
A 1 100 ASN 100 340 340 ASN ASN A . n 
A 1 101 ASN 101 341 341 ASN ASN A . n 
A 1 102 ILE 102 342 342 ILE ILE A . n 
A 1 103 HIS 103 343 343 HIS HIS A . n 
A 1 104 LEU 104 344 344 LEU LEU A . n 
A 1 105 THR 105 345 345 THR THR A . n 
A 1 106 HIS 106 346 346 HIS HIS A . n 
A 1 107 SER 107 347 ?   ?   ?   A . n 
A 1 108 LEU 108 348 ?   ?   ?   A . n 
A 1 109 GLU 109 349 ?   ?   ?   A . n 
A 1 110 GLU 110 350 ?   ?   ?   A . n 
A 1 111 CYS 111 351 ?   ?   ?   A . n 
A 1 112 LEU 112 352 ?   ?   ?   A . n 
A 1 113 VAL 113 353 ?   ?   ?   A . n 
A 1 114 ARG 114 354 ?   ?   ?   A . n 
A 1 115 THR 115 355 ?   ?   ?   A . n 
A 1 116 THR 116 356 ?   ?   ?   A . n 
# 
loop_
_pdbx_nonpoly_scheme.asym_id 
_pdbx_nonpoly_scheme.entity_id 
_pdbx_nonpoly_scheme.mon_id 
_pdbx_nonpoly_scheme.ndb_seq_num 
_pdbx_nonpoly_scheme.pdb_seq_num 
_pdbx_nonpoly_scheme.auth_seq_num 
_pdbx_nonpoly_scheme.pdb_mon_id 
_pdbx_nonpoly_scheme.auth_mon_id 
_pdbx_nonpoly_scheme.pdb_strand_id 
_pdbx_nonpoly_scheme.pdb_ins_code 
B 2 BI6 1  1346 1346 BI6 BI6 A . 
C 3 ZN  1  1347 1347 ZN  ZN  A . 
D 4 HOH 1  2001 2001 HOH HOH A . 
D 4 HOH 2  2002 2002 HOH HOH A . 
D 4 HOH 3  2003 2003 HOH HOH A . 
D 4 HOH 4  2004 2004 HOH HOH A . 
D 4 HOH 5  2005 2005 HOH HOH A . 
D 4 HOH 6  2006 2006 HOH HOH A . 
D 4 HOH 7  2007 2007 HOH HOH A . 
D 4 HOH 8  2008 2008 HOH HOH A . 
D 4 HOH 9  2009 2009 HOH HOH A . 
D 4 HOH 10 2010 2010 HOH HOH A . 
D 4 HOH 11 2011 2011 HOH HOH A . 
D 4 HOH 12 2012 2012 HOH HOH A . 
D 4 HOH 13 2013 2013 HOH HOH A . 
D 4 HOH 14 2014 2014 HOH HOH A . 
D 4 HOH 15 2015 2015 HOH HOH A . 
D 4 HOH 16 2016 2016 HOH HOH A . 
D 4 HOH 17 2017 2017 HOH HOH A . 
D 4 HOH 18 2018 2018 HOH HOH A . 
D 4 HOH 19 2019 2019 HOH HOH A . 
D 4 HOH 20 2020 2020 HOH HOH A . 
D 4 HOH 21 2021 2021 HOH HOH A . 
D 4 HOH 22 2022 2022 HOH HOH A . 
D 4 HOH 23 2023 2023 HOH HOH A . 
D 4 HOH 24 2024 2024 HOH HOH A . 
D 4 HOH 25 2025 2025 HOH HOH A . 
D 4 HOH 26 2026 2026 HOH HOH A . 
D 4 HOH 27 2027 2027 HOH HOH A . 
D 4 HOH 28 2028 2028 HOH HOH A . 
D 4 HOH 29 2029 2029 HOH HOH A . 
D 4 HOH 30 2030 2030 HOH HOH A . 
D 4 HOH 31 2031 2031 HOH HOH A . 
D 4 HOH 32 2032 2032 HOH HOH A . 
D 4 HOH 33 2033 2033 HOH HOH A . 
D 4 HOH 34 2034 2034 HOH HOH A . 
D 4 HOH 35 2035 2035 HOH HOH A . 
D 4 HOH 36 2036 2036 HOH HOH A . 
D 4 HOH 37 2037 2037 HOH HOH A . 
# 
loop_
_pdbx_unobs_or_zero_occ_atoms.id 
_pdbx_unobs_or_zero_occ_atoms.PDB_model_num 
_pdbx_unobs_or_zero_occ_atoms.polymer_flag 
_pdbx_unobs_or_zero_occ_atoms.occupancy_flag 
_pdbx_unobs_or_zero_occ_atoms.auth_asym_id 
_pdbx_unobs_or_zero_occ_atoms.auth_comp_id 
_pdbx_unobs_or_zero_occ_atoms.auth_seq_id 
_pdbx_unobs_or_zero_occ_atoms.PDB_ins_code 
_pdbx_unobs_or_zero_occ_atoms.auth_atom_id 
_pdbx_unobs_or_zero_occ_atoms.label_alt_id 
_pdbx_unobs_or_zero_occ_atoms.label_asym_id 
_pdbx_unobs_or_zero_occ_atoms.label_comp_id 
_pdbx_unobs_or_zero_occ_atoms.label_seq_id 
_pdbx_unobs_or_zero_occ_atoms.label_atom_id 
1 1 Y 1 A HIS 346 ? CA  ? A HIS 106 CA  
2 1 Y 1 A HIS 346 ? C   ? A HIS 106 C   
3 1 Y 1 A HIS 346 ? O   ? A HIS 106 O   
4 1 Y 1 A HIS 346 ? CB  ? A HIS 106 CB  
5 1 Y 1 A HIS 346 ? CG  ? A HIS 106 CG  
6 1 Y 1 A HIS 346 ? ND1 ? A HIS 106 ND1 
7 1 Y 1 A HIS 346 ? CD2 ? A HIS 106 CD2 
8 1 Y 1 A HIS 346 ? CE1 ? A HIS 106 CE1 
9 1 Y 1 A HIS 346 ? NE2 ? A HIS 106 NE2 
# 
loop_
_software.name 
_software.classification 
_software.version 
_software.citation_id 
_software.pdbx_ordinal 
CNS       refinement       1.1 ? 1 
DENZO     'data reduction' .   ? 2 
SCALEPACK 'data scaling'   .   ? 3 
CNS       phasing          .   ? 4 
# 
_cell.entry_id           2JK7 
_cell.length_a           115.760 
_cell.length_b           115.760 
_cell.length_c           61.790 
_cell.angle_alpha        90.00 
_cell.angle_beta         90.00 
_cell.angle_gamma        120.00 
_cell.Z_PDB              12 
_cell.pdbx_unique_axis   ? 
# 
_symmetry.entry_id                         2JK7 
_symmetry.space_group_name_H-M             'P 65 2 2' 
_symmetry.pdbx_full_space_group_name_H-M   ? 
_symmetry.cell_setting                     ? 
_symmetry.Int_Tables_number                179 
# 
_exptl.entry_id          2JK7 
_exptl.method            'X-RAY DIFFRACTION' 
_exptl.crystals_number   1 
# 
_exptl_crystal.id                    1 
_exptl_crystal.density_meas          ? 
_exptl_crystal.density_Matthews      3.6 
_exptl_crystal.density_percent_sol   66 
_exptl_crystal.description           NONE 
# 
_exptl_crystal_grow.crystal_id      1 
_exptl_crystal_grow.method          ? 
_exptl_crystal_grow.temp            ? 
_exptl_crystal_grow.temp_details    ? 
_exptl_crystal_grow.pH              7.5 
_exptl_crystal_grow.pdbx_pH_range   ? 
_exptl_crystal_grow.pdbx_details    '20% POLYETHYLENE GLYCOL 8000 0.2M MGCL2 0.1M TRIS, PH 8.5' 
# 
_diffrn.id                     1 
_diffrn.ambient_temp           100 
_diffrn.ambient_temp_details   ? 
_diffrn.crystal_id             1 
# 
_diffrn_detector.diffrn_id              1 
_diffrn_detector.detector               CCD 
_diffrn_detector.type                   MARRESEARCH 
_diffrn_detector.pdbx_collection_date   2004-07-14 
_diffrn_detector.details                DIAMOND 
# 
_diffrn_radiation.diffrn_id                        1 
_diffrn_radiation.wavelength_id                    1 
_diffrn_radiation.pdbx_monochromatic_or_laue_m_l   M 
_diffrn_radiation.monochromator                    ? 
_diffrn_radiation.pdbx_diffrn_protocol             'SINGLE WAVELENGTH' 
_diffrn_radiation.pdbx_scattering_type             x-ray 
# 
_diffrn_radiation_wavelength.id           1 
_diffrn_radiation_wavelength.wavelength   1.00 
_diffrn_radiation_wavelength.wt           1.0 
# 
_diffrn_source.diffrn_id                   1 
_diffrn_source.source                      SYNCHROTRON 
_diffrn_source.type                        'APS BEAMLINE 32-ID' 
_diffrn_source.pdbx_synchrotron_site       APS 
_diffrn_source.pdbx_synchrotron_beamline   32-ID 
_diffrn_source.pdbx_wavelength             1.00 
_diffrn_source.pdbx_wavelength_list        ? 
# 
_reflns.pdbx_diffrn_id               1 
_reflns.pdbx_ordinal                 1 
_reflns.entry_id                     2JK7 
_reflns.observed_criterion_sigma_I   2.0 
_reflns.observed_criterion_sigma_F   ? 
_reflns.d_resolution_low             50.00 
_reflns.d_resolution_high            2.80 
_reflns.number_obs                   6181 
_reflns.number_all                   ? 
_reflns.percent_possible_obs         99.3 
_reflns.pdbx_Rmerge_I_obs            0.07 
_reflns.pdbx_Rsym_value              ? 
_reflns.pdbx_netI_over_sigmaI        20.00 
_reflns.B_iso_Wilson_estimate        61.9 
_reflns.pdbx_redundancy              9 
# 
_reflns_shell.pdbx_diffrn_id         1 
_reflns_shell.pdbx_ordinal           1 
_reflns_shell.d_res_high             2.80 
_reflns_shell.d_res_low              2.90 
_reflns_shell.percent_possible_all   100.0 
_reflns_shell.Rmerge_I_obs           0.30 
_reflns_shell.pdbx_Rsym_value        ? 
_reflns_shell.meanI_over_sigI_obs    3.00 
_reflns_shell.pdbx_redundancy        9 
# 
_refine.pdbx_refine_id                           'X-RAY DIFFRACTION' 
_refine.entry_id                                 2JK7 
_refine.pdbx_diffrn_id                           1 
_refine.pdbx_TLS_residual_ADP_flag               ? 
_refine.ls_number_reflns_obs                     5155 
_refine.ls_number_reflns_all                     ? 
_refine.pdbx_ls_sigma_I                          ? 
_refine.pdbx_ls_sigma_F                          0.0 
_refine.pdbx_data_cutoff_high_absF               414409.45 
_refine.pdbx_data_cutoff_low_absF                ? 
_refine.pdbx_data_cutoff_high_rms_absF           ? 
_refine.ls_d_res_low                             6.00 
_refine.ls_d_res_high                            2.82 
_refine.ls_percent_reflns_obs                    93.2 
_refine.ls_R_factor_obs                          0.229 
_refine.ls_R_factor_all                          ? 
_refine.ls_R_factor_R_work                       0.229 
_refine.ls_R_factor_R_free                       0.276 
_refine.ls_R_factor_R_free_error                 0.012 
_refine.ls_R_factor_R_free_error_details         ? 
_refine.ls_percent_reflns_R_free                 11.0 
_refine.ls_number_reflns_R_free                  566 
_refine.ls_number_parameters                     ? 
_refine.ls_number_restraints                     ? 
_refine.occupancy_min                            ? 
_refine.occupancy_max                            ? 
_refine.correlation_coeff_Fo_to_Fc               ? 
_refine.correlation_coeff_Fo_to_Fc_free          ? 
_refine.B_iso_mean                               60.3 
_refine.aniso_B[1][1]                            0.00 
_refine.aniso_B[2][2]                            0.00 
_refine.aniso_B[3][3]                            0.00 
_refine.aniso_B[1][2]                            0.00 
_refine.aniso_B[1][3]                            0.00 
_refine.aniso_B[2][3]                            0.00 
_refine.solvent_model_details                    'FLAT MODEL' 
_refine.solvent_model_param_ksol                 0.467133 
_refine.solvent_model_param_bsol                 73.6531 
_refine.pdbx_solvent_vdw_probe_radii             ? 
_refine.pdbx_solvent_ion_probe_radii             ? 
_refine.pdbx_solvent_shrinkage_radii             ? 
_refine.pdbx_ls_cross_valid_method               THROUGHOUT 
_refine.details                                  ? 
_refine.pdbx_starting_model                      'UNPUBLISHED STRUCTURE IN LAB' 
_refine.pdbx_method_to_determine_struct          'MOLECULAR REPLACEMENT' 
_refine.pdbx_isotropic_thermal_model             RESTRAINED 
_refine.pdbx_stereochemistry_target_values       ? 
_refine.pdbx_stereochem_target_val_spec_case     ? 
_refine.pdbx_R_Free_selection_details            RANDOM 
_refine.pdbx_overall_ESU_R                       ? 
_refine.pdbx_overall_ESU_R_Free                  ? 
_refine.overall_SU_ML                            ? 
_refine.pdbx_overall_phase_error                 ? 
_refine.overall_SU_B                             ? 
_refine.overall_SU_R_Cruickshank_DPI             ? 
_refine.pdbx_overall_SU_R_free_Cruickshank_DPI   ? 
_refine.pdbx_overall_SU_R_Blow_DPI               ? 
_refine.pdbx_overall_SU_R_free_Blow_DPI          ? 
# 
_refine_analyze.pdbx_refine_id                  'X-RAY DIFFRACTION' 
_refine_analyze.entry_id                        2JK7 
_refine_analyze.Luzzati_coordinate_error_obs    0.40 
_refine_analyze.Luzzati_sigma_a_obs             0.51 
_refine_analyze.Luzzati_d_res_low_obs           5.00 
_refine_analyze.Luzzati_coordinate_error_free   0.52 
_refine_analyze.Luzzati_sigma_a_free            0.60 
_refine_analyze.Luzzati_d_res_low_free          ? 
_refine_analyze.number_disordered_residues      ? 
_refine_analyze.occupancy_sum_hydrogen          ? 
_refine_analyze.occupancy_sum_non_hydrogen      ? 
# 
_refine_hist.pdbx_refine_id                   'X-RAY DIFFRACTION' 
_refine_hist.cycle_id                         LAST 
_refine_hist.pdbx_number_atoms_protein        784 
_refine_hist.pdbx_number_atoms_nucleic_acid   0 
_refine_hist.pdbx_number_atoms_ligand         37 
_refine_hist.number_atoms_solvent             37 
_refine_hist.number_atoms_total               858 
_refine_hist.d_res_high                       2.82 
_refine_hist.d_res_low                        6.00 
# 
loop_
_refine_ls_restr.type 
_refine_ls_restr.dev_ideal 
_refine_ls_restr.dev_ideal_target 
_refine_ls_restr.weight 
_refine_ls_restr.number 
_refine_ls_restr.pdbx_refine_id 
_refine_ls_restr.pdbx_restraint_function 
c_bond_d                0.007 ?    ? ? 'X-RAY DIFFRACTION' ? 
c_bond_d_na             ?     ?    ? ? 'X-RAY DIFFRACTION' ? 
c_bond_d_prot           ?     ?    ? ? 'X-RAY DIFFRACTION' ? 
c_angle_d               ?     ?    ? ? 'X-RAY DIFFRACTION' ? 
c_angle_d_na            ?     ?    ? ? 'X-RAY DIFFRACTION' ? 
c_angle_d_prot          ?     ?    ? ? 'X-RAY DIFFRACTION' ? 
c_angle_deg             1.2   ?    ? ? 'X-RAY DIFFRACTION' ? 
c_angle_deg_na          ?     ?    ? ? 'X-RAY DIFFRACTION' ? 
c_angle_deg_prot        ?     ?    ? ? 'X-RAY DIFFRACTION' ? 
c_dihedral_angle_d      21.9  ?    ? ? 'X-RAY DIFFRACTION' ? 
c_dihedral_angle_d_na   ?     ?    ? ? 'X-RAY DIFFRACTION' ? 
c_dihedral_angle_d_prot ?     ?    ? ? 'X-RAY DIFFRACTION' ? 
c_improper_angle_d      0.84  ?    ? ? 'X-RAY DIFFRACTION' ? 
c_improper_angle_d_na   ?     ?    ? ? 'X-RAY DIFFRACTION' ? 
c_improper_angle_d_prot ?     ?    ? ? 'X-RAY DIFFRACTION' ? 
c_mcbond_it             1.46  1.50 ? ? 'X-RAY DIFFRACTION' ? 
c_mcangle_it            2.56  2.00 ? ? 'X-RAY DIFFRACTION' ? 
c_scbond_it             1.82  2.00 ? ? 'X-RAY DIFFRACTION' ? 
c_scangle_it            3.01  2.50 ? ? 'X-RAY DIFFRACTION' ? 
# 
_refine_ls_shell.pdbx_refine_id                   'X-RAY DIFFRACTION' 
_refine_ls_shell.pdbx_total_number_of_bins_used   6 
_refine_ls_shell.d_res_high                       2.80 
_refine_ls_shell.d_res_low                        2.96 
_refine_ls_shell.number_reflns_R_work             600 
_refine_ls_shell.R_factor_R_work                  0.380 
_refine_ls_shell.percent_reflns_obs               71.8 
_refine_ls_shell.R_factor_R_free                  0.455 
_refine_ls_shell.R_factor_R_free_error            0.058 
_refine_ls_shell.percent_reflns_R_free            9.4 
_refine_ls_shell.number_reflns_R_free             62 
_refine_ls_shell.number_reflns_all                ? 
_refine_ls_shell.R_factor_all                     ? 
# 
loop_
_pdbx_xplor_file.pdbx_refine_id 
_pdbx_xplor_file.serial_no 
_pdbx_xplor_file.param_file 
_pdbx_xplor_file.topol_file 
'X-RAY DIFFRACTION' 1 PROTEIN_REP.PARAM PROTEIN.TOP 
'X-RAY DIFFRACTION' 2 WATER.PARAM       WATER.TOP   
'X-RAY DIFFRACTION' 3 ION.PARAM         ION.TOP     
'X-RAY DIFFRACTION' 4 SH130.PARAM       SH130.TOP   
# 
_struct.entry_id                  2JK7 
_struct.title                     'XIAP BIR3 bound to a Smac Mimetic' 
_struct.pdbx_model_details        ? 
_struct.pdbx_CASP_flag            ? 
_struct.pdbx_model_type_details   ? 
# 
_struct_keywords.entry_id        2JK7 
_struct_keywords.pdbx_keywords   APOPTOSIS 
_struct_keywords.text            
;ZINC-FINGER, POLYMORPHISM, SMAC MIMETIC, METAL-BINDING, BIR3, ZINC, LIGASE, APOPTOSIS, CYTOPLASM, X-LINKED INHIBITOR OF APOPTOSIS, UBL CONJUGATION PATHWAY, THIOL PROTEASE INHIBITOR, PHOSPHOPROTEIN, UBL CONJUGATION, PROTEASE INHIBITOR
;
# 
loop_
_struct_asym.id 
_struct_asym.pdbx_blank_PDB_chainid_flag 
_struct_asym.pdbx_modified 
_struct_asym.entity_id 
_struct_asym.details 
A N N 1 ? 
B N N 2 ? 
C N N 3 ? 
D N N 4 ? 
# 
_struct_ref.id                         1 
_struct_ref.db_name                    UNP 
_struct_ref.db_code                    BIRC4_HUMAN 
_struct_ref.entity_id                  1 
_struct_ref.pdbx_seq_one_letter_code   ? 
_struct_ref.pdbx_align_begin           ? 
_struct_ref.pdbx_db_accession          P98170 
_struct_ref.pdbx_db_isoform            ? 
# 
_struct_ref_seq.align_id                      1 
_struct_ref_seq.ref_id                        1 
_struct_ref_seq.pdbx_PDB_id_code              2JK7 
_struct_ref_seq.pdbx_strand_id                A 
_struct_ref_seq.seq_align_beg                 1 
_struct_ref_seq.pdbx_seq_align_beg_ins_code   ? 
_struct_ref_seq.seq_align_end                 116 
_struct_ref_seq.pdbx_seq_align_end_ins_code   ? 
_struct_ref_seq.pdbx_db_accession             P98170 
_struct_ref_seq.db_align_beg                  241 
_struct_ref_seq.pdbx_db_align_beg_ins_code    ? 
_struct_ref_seq.db_align_end                  356 
_struct_ref_seq.pdbx_db_align_end_ins_code    ? 
_struct_ref_seq.pdbx_auth_seq_align_beg       241 
_struct_ref_seq.pdbx_auth_seq_align_end       356 
# 
_pdbx_struct_assembly.id                   1 
_pdbx_struct_assembly.details              author_and_software_defined_assembly 
_pdbx_struct_assembly.method_details       PQS 
_pdbx_struct_assembly.oligomeric_details   monomeric 
_pdbx_struct_assembly.oligomeric_count     1 
# 
_pdbx_struct_assembly_gen.assembly_id       1 
_pdbx_struct_assembly_gen.oper_expression   1 
_pdbx_struct_assembly_gen.asym_id_list      A,B,C,D 
# 
_pdbx_struct_oper_list.id                   1 
_pdbx_struct_oper_list.type                 'identity operation' 
_pdbx_struct_oper_list.name                 1_555 
_pdbx_struct_oper_list.symmetry_operation   x,y,z 
_pdbx_struct_oper_list.matrix[1][1]         1.0000000000 
_pdbx_struct_oper_list.matrix[1][2]         0.0000000000 
_pdbx_struct_oper_list.matrix[1][3]         0.0000000000 
_pdbx_struct_oper_list.vector[1]            0.0000000000 
_pdbx_struct_oper_list.matrix[2][1]         0.0000000000 
_pdbx_struct_oper_list.matrix[2][2]         1.0000000000 
_pdbx_struct_oper_list.matrix[2][3]         0.0000000000 
_pdbx_struct_oper_list.vector[2]            0.0000000000 
_pdbx_struct_oper_list.matrix[3][1]         0.0000000000 
_pdbx_struct_oper_list.matrix[3][2]         0.0000000000 
_pdbx_struct_oper_list.matrix[3][3]         1.0000000000 
_pdbx_struct_oper_list.vector[3]            0.0000000000 
# 
_struct_biol.id   1 
# 
loop_
_struct_conf.conf_type_id 
_struct_conf.id 
_struct_conf.pdbx_PDB_helix_id 
_struct_conf.beg_label_comp_id 
_struct_conf.beg_label_asym_id 
_struct_conf.beg_label_seq_id 
_struct_conf.pdbx_beg_PDB_ins_code 
_struct_conf.end_label_comp_id 
_struct_conf.end_label_asym_id 
_struct_conf.end_label_seq_id 
_struct_conf.pdbx_end_PDB_ins_code 
_struct_conf.beg_auth_comp_id 
_struct_conf.beg_auth_asym_id 
_struct_conf.beg_auth_seq_id 
_struct_conf.end_auth_comp_id 
_struct_conf.end_auth_asym_id 
_struct_conf.end_auth_seq_id 
_struct_conf.pdbx_PDB_helix_class 
_struct_conf.details 
_struct_conf.pdbx_PDB_helix_length 
HELX_P HELX_P1 1 ASN A 19 ? ALA A 23  ? ASN A 259 ALA A 263 5 ? 5  
HELX_P HELX_P2 2 ASP A 24 ? PHE A 32  ? ASP A 264 PHE A 272 1 ? 9  
HELX_P HELX_P3 3 ASN A 40 ? ALA A 47  ? ASN A 280 ALA A 287 1 ? 8  
HELX_P HELX_P4 4 ASP A 75 ? TYR A 84  ? ASP A 315 TYR A 324 1 ? 10 
HELX_P HELX_P5 5 CYS A 87 ? THR A 105 ? CYS A 327 THR A 345 1 ? 19 
# 
_struct_conf_type.id          HELX_P 
_struct_conf_type.criteria    ? 
_struct_conf_type.reference   ? 
# 
loop_
_struct_conn.id 
_struct_conn.conn_type_id 
_struct_conn.pdbx_leaving_atom_flag 
_struct_conn.pdbx_PDB_id 
_struct_conn.ptnr1_label_asym_id 
_struct_conn.ptnr1_label_comp_id 
_struct_conn.ptnr1_label_seq_id 
_struct_conn.ptnr1_label_atom_id 
_struct_conn.pdbx_ptnr1_label_alt_id 
_struct_conn.pdbx_ptnr1_PDB_ins_code 
_struct_conn.pdbx_ptnr1_standard_comp_id 
_struct_conn.ptnr1_symmetry 
_struct_conn.ptnr2_label_asym_id 
_struct_conn.ptnr2_label_comp_id 
_struct_conn.ptnr2_label_seq_id 
_struct_conn.ptnr2_label_atom_id 
_struct_conn.pdbx_ptnr2_label_alt_id 
_struct_conn.pdbx_ptnr2_PDB_ins_code 
_struct_conn.ptnr1_auth_asym_id 
_struct_conn.ptnr1_auth_comp_id 
_struct_conn.ptnr1_auth_seq_id 
_struct_conn.ptnr2_auth_asym_id 
_struct_conn.ptnr2_auth_comp_id 
_struct_conn.ptnr2_auth_seq_id 
_struct_conn.ptnr2_symmetry 
_struct_conn.pdbx_ptnr3_label_atom_id 
_struct_conn.pdbx_ptnr3_label_seq_id 
_struct_conn.pdbx_ptnr3_label_comp_id 
_struct_conn.pdbx_ptnr3_label_asym_id 
_struct_conn.pdbx_ptnr3_label_alt_id 
_struct_conn.pdbx_ptnr3_PDB_ins_code 
_struct_conn.details 
_struct_conn.pdbx_dist_value 
_struct_conn.pdbx_value_order 
_struct_conn.pdbx_role 
metalc1 metalc ? ? A CYS 60 SG  ? ? ? 1_555 C ZN . ZN ? ? A CYS 300 A ZN 1347 1_555 ? ? ? ? ? ? ? 2.097 ? ? 
metalc2 metalc ? ? A CYS 63 SG  ? ? ? 1_555 C ZN . ZN ? ? A CYS 303 A ZN 1347 1_555 ? ? ? ? ? ? ? 2.279 ? ? 
metalc3 metalc ? ? A HIS 80 NE2 ? ? ? 1_555 C ZN . ZN ? ? A HIS 320 A ZN 1347 1_555 ? ? ? ? ? ? ? 2.176 ? ? 
metalc4 metalc ? ? A CYS 87 SG  ? ? ? 1_555 C ZN . ZN ? ? A CYS 327 A ZN 1347 1_555 ? ? ? ? ? ? ? 2.361 ? ? 
# 
_struct_conn_type.id          metalc 
_struct_conn_type.criteria    ? 
_struct_conn_type.reference   ? 
# 
loop_
_pdbx_struct_conn_angle.id 
_pdbx_struct_conn_angle.ptnr1_label_atom_id 
_pdbx_struct_conn_angle.ptnr1_label_alt_id 
_pdbx_struct_conn_angle.ptnr1_label_asym_id 
_pdbx_struct_conn_angle.ptnr1_label_comp_id 
_pdbx_struct_conn_angle.ptnr1_label_seq_id 
_pdbx_struct_conn_angle.ptnr1_auth_atom_id 
_pdbx_struct_conn_angle.ptnr1_auth_asym_id 
_pdbx_struct_conn_angle.ptnr1_auth_comp_id 
_pdbx_struct_conn_angle.ptnr1_auth_seq_id 
_pdbx_struct_conn_angle.ptnr1_PDB_ins_code 
_pdbx_struct_conn_angle.ptnr1_symmetry 
_pdbx_struct_conn_angle.ptnr2_label_atom_id 
_pdbx_struct_conn_angle.ptnr2_label_alt_id 
_pdbx_struct_conn_angle.ptnr2_label_asym_id 
_pdbx_struct_conn_angle.ptnr2_label_comp_id 
_pdbx_struct_conn_angle.ptnr2_label_seq_id 
_pdbx_struct_conn_angle.ptnr2_auth_atom_id 
_pdbx_struct_conn_angle.ptnr2_auth_asym_id 
_pdbx_struct_conn_angle.ptnr2_auth_comp_id 
_pdbx_struct_conn_angle.ptnr2_auth_seq_id 
_pdbx_struct_conn_angle.ptnr2_PDB_ins_code 
_pdbx_struct_conn_angle.ptnr2_symmetry 
_pdbx_struct_conn_angle.ptnr3_label_atom_id 
_pdbx_struct_conn_angle.ptnr3_label_alt_id 
_pdbx_struct_conn_angle.ptnr3_label_asym_id 
_pdbx_struct_conn_angle.ptnr3_label_comp_id 
_pdbx_struct_conn_angle.ptnr3_label_seq_id 
_pdbx_struct_conn_angle.ptnr3_auth_atom_id 
_pdbx_struct_conn_angle.ptnr3_auth_asym_id 
_pdbx_struct_conn_angle.ptnr3_auth_comp_id 
_pdbx_struct_conn_angle.ptnr3_auth_seq_id 
_pdbx_struct_conn_angle.ptnr3_PDB_ins_code 
_pdbx_struct_conn_angle.ptnr3_symmetry 
_pdbx_struct_conn_angle.value 
_pdbx_struct_conn_angle.value_esd 
1 SG  ? A CYS 60 ? A CYS 300 ? 1_555 ZN ? C ZN . ? A ZN 1347 ? 1_555 SG  ? A CYS 63 ? A CYS 303 ? 1_555 112.9 ? 
2 SG  ? A CYS 60 ? A CYS 300 ? 1_555 ZN ? C ZN . ? A ZN 1347 ? 1_555 NE2 ? A HIS 80 ? A HIS 320 ? 1_555 109.2 ? 
3 SG  ? A CYS 63 ? A CYS 303 ? 1_555 ZN ? C ZN . ? A ZN 1347 ? 1_555 NE2 ? A HIS 80 ? A HIS 320 ? 1_555 110.2 ? 
4 SG  ? A CYS 60 ? A CYS 300 ? 1_555 ZN ? C ZN . ? A ZN 1347 ? 1_555 SG  ? A CYS 87 ? A CYS 327 ? 1_555 125.7 ? 
5 SG  ? A CYS 63 ? A CYS 303 ? 1_555 ZN ? C ZN . ? A ZN 1347 ? 1_555 SG  ? A CYS 87 ? A CYS 327 ? 1_555 100.6 ? 
6 NE2 ? A HIS 80 ? A HIS 320 ? 1_555 ZN ? C ZN . ? A ZN 1347 ? 1_555 SG  ? A CYS 87 ? A CYS 327 ? 1_555 96.7  ? 
# 
_struct_sheet.id               AA 
_struct_sheet.type             ? 
_struct_sheet.number_strands   3 
_struct_sheet.details          ? 
# 
loop_
_struct_sheet_order.sheet_id 
_struct_sheet_order.range_id_1 
_struct_sheet_order.range_id_2 
_struct_sheet_order.offset 
_struct_sheet_order.sense 
AA 1 2 ? anti-parallel 
AA 2 3 ? anti-parallel 
# 
loop_
_struct_sheet_range.sheet_id 
_struct_sheet_range.id 
_struct_sheet_range.beg_label_comp_id 
_struct_sheet_range.beg_label_asym_id 
_struct_sheet_range.beg_label_seq_id 
_struct_sheet_range.pdbx_beg_PDB_ins_code 
_struct_sheet_range.end_label_comp_id 
_struct_sheet_range.end_label_asym_id 
_struct_sheet_range.end_label_seq_id 
_struct_sheet_range.pdbx_end_PDB_ins_code 
_struct_sheet_range.beg_auth_comp_id 
_struct_sheet_range.beg_auth_asym_id 
_struct_sheet_range.beg_auth_seq_id 
_struct_sheet_range.end_auth_comp_id 
_struct_sheet_range.end_auth_asym_id 
_struct_sheet_range.end_auth_seq_id 
AA 1 PHE A 49 ? ALA A 51 ? PHE A 289 ALA A 291 
AA 2 VAL A 58 ? CYS A 60 ? VAL A 298 CYS A 300 
AA 3 GLY A 66 ? LEU A 67 ? GLY A 306 LEU A 307 
# 
loop_
_pdbx_struct_sheet_hbond.sheet_id 
_pdbx_struct_sheet_hbond.range_id_1 
_pdbx_struct_sheet_hbond.range_id_2 
_pdbx_struct_sheet_hbond.range_1_label_atom_id 
_pdbx_struct_sheet_hbond.range_1_label_comp_id 
_pdbx_struct_sheet_hbond.range_1_label_asym_id 
_pdbx_struct_sheet_hbond.range_1_label_seq_id 
_pdbx_struct_sheet_hbond.range_1_PDB_ins_code 
_pdbx_struct_sheet_hbond.range_1_auth_atom_id 
_pdbx_struct_sheet_hbond.range_1_auth_comp_id 
_pdbx_struct_sheet_hbond.range_1_auth_asym_id 
_pdbx_struct_sheet_hbond.range_1_auth_seq_id 
_pdbx_struct_sheet_hbond.range_2_label_atom_id 
_pdbx_struct_sheet_hbond.range_2_label_comp_id 
_pdbx_struct_sheet_hbond.range_2_label_asym_id 
_pdbx_struct_sheet_hbond.range_2_label_seq_id 
_pdbx_struct_sheet_hbond.range_2_PDB_ins_code 
_pdbx_struct_sheet_hbond.range_2_auth_atom_id 
_pdbx_struct_sheet_hbond.range_2_auth_comp_id 
_pdbx_struct_sheet_hbond.range_2_auth_asym_id 
_pdbx_struct_sheet_hbond.range_2_auth_seq_id 
AA 1 2 N TYR A 50 ? N TYR A 290 O LYS A 59 ? O LYS A 299 
AA 2 3 N VAL A 58 ? N VAL A 298 O LEU A 67 ? O LEU A 307 
# 
loop_
_struct_site.id 
_struct_site.pdbx_evidence_code 
_struct_site.pdbx_auth_asym_id 
_struct_site.pdbx_auth_comp_id 
_struct_site.pdbx_auth_seq_id 
_struct_site.pdbx_auth_ins_code 
_struct_site.pdbx_num_residues 
_struct_site.details 
AC1 Software ? ? ? ? 12 'BINDING SITE FOR RESIDUE BI6 A1346' 
AC2 Software ? ? ? ? 4  'BINDING SITE FOR RESIDUE ZN A1347'  
# 
loop_
_struct_site_gen.id 
_struct_site_gen.site_id 
_struct_site_gen.pdbx_num_res 
_struct_site_gen.label_comp_id 
_struct_site_gen.label_asym_id 
_struct_site_gen.label_seq_id 
_struct_site_gen.pdbx_auth_ins_code 
_struct_site_gen.auth_comp_id 
_struct_site_gen.auth_asym_id 
_struct_site_gen.auth_seq_id 
_struct_site_gen.label_atom_id 
_struct_site_gen.label_alt_id 
_struct_site_gen.symmetry 
_struct_site_gen.details 
1  AC1 12 LYS A 57 ? LYS A 297  . ? 1_555 ? 
2  AC1 12 VAL A 58 ? VAL A 298  . ? 1_555 ? 
3  AC1 12 GLY A 66 ? GLY A 306  . ? 1_555 ? 
4  AC1 12 LEU A 67 ? LEU A 307  . ? 1_555 ? 
5  AC1 12 THR A 68 ? THR A 308  . ? 1_555 ? 
6  AC1 12 ASP A 69 ? ASP A 309  . ? 1_555 ? 
7  AC1 12 TRP A 70 ? TRP A 310  . ? 1_555 ? 
8  AC1 12 LYS A 71 ? LYS A 311  . ? 1_555 ? 
9  AC1 12 GLU A 74 ? GLU A 314  . ? 1_555 ? 
10 AC1 12 TRP A 83 ? TRP A 323  . ? 1_555 ? 
11 AC1 12 TYR A 84 ? TYR A 324  . ? 1_555 ? 
12 AC1 12 HOH D .  ? HOH A 2037 . ? 1_555 ? 
13 AC2 4  CYS A 60 ? CYS A 300  . ? 1_555 ? 
14 AC2 4  CYS A 63 ? CYS A 303  . ? 1_555 ? 
15 AC2 4  HIS A 80 ? HIS A 320  . ? 1_555 ? 
16 AC2 4  CYS A 87 ? CYS A 327  . ? 1_555 ? 
# 
loop_
_pdbx_validate_torsion.id 
_pdbx_validate_torsion.PDB_model_num 
_pdbx_validate_torsion.auth_comp_id 
_pdbx_validate_torsion.auth_asym_id 
_pdbx_validate_torsion.auth_seq_id 
_pdbx_validate_torsion.PDB_ins_code 
_pdbx_validate_torsion.label_alt_id 
_pdbx_validate_torsion.phi 
_pdbx_validate_torsion.psi 
1 1 TRP A 275 ? ? -31.55  115.72  
2 1 HIS A 302 ? ? -92.10  -68.57  
3 1 THR A 345 ? ? -124.23 -168.63 
# 
_pdbx_distant_solvent_atoms.id                                1 
_pdbx_distant_solvent_atoms.PDB_model_num                     1 
_pdbx_distant_solvent_atoms.auth_atom_id                      O 
_pdbx_distant_solvent_atoms.label_alt_id                      ? 
_pdbx_distant_solvent_atoms.auth_asym_id                      A 
_pdbx_distant_solvent_atoms.auth_comp_id                      HOH 
_pdbx_distant_solvent_atoms.auth_seq_id                       2005 
_pdbx_distant_solvent_atoms.PDB_ins_code                      ? 
_pdbx_distant_solvent_atoms.neighbor_macromolecule_distance   6.86 
_pdbx_distant_solvent_atoms.neighbor_ligand_distance          . 
# 
loop_
_pdbx_unobs_or_zero_occ_residues.id 
_pdbx_unobs_or_zero_occ_residues.PDB_model_num 
_pdbx_unobs_or_zero_occ_residues.polymer_flag 
_pdbx_unobs_or_zero_occ_residues.occupancy_flag 
_pdbx_unobs_or_zero_occ_residues.auth_asym_id 
_pdbx_unobs_or_zero_occ_residues.auth_comp_id 
_pdbx_unobs_or_zero_occ_residues.auth_seq_id 
_pdbx_unobs_or_zero_occ_residues.PDB_ins_code 
_pdbx_unobs_or_zero_occ_residues.label_asym_id 
_pdbx_unobs_or_zero_occ_residues.label_comp_id 
_pdbx_unobs_or_zero_occ_residues.label_seq_id 
1  1 Y 1 A SER 241 ? A SER 1   
2  1 Y 1 A ASP 242 ? A ASP 2   
3  1 Y 1 A ALA 243 ? A ALA 3   
4  1 Y 1 A VAL 244 ? A VAL 4   
5  1 Y 1 A SER 245 ? A SER 5   
6  1 Y 1 A SER 246 ? A SER 6   
7  1 Y 1 A ASP 247 ? A ASP 7   
8  1 Y 1 A ARG 248 ? A ARG 8   
9  1 Y 1 A ASN 249 ? A ASN 9   
10 1 Y 1 A SER 347 ? A SER 107 
11 1 Y 1 A LEU 348 ? A LEU 108 
12 1 Y 1 A GLU 349 ? A GLU 109 
13 1 Y 1 A GLU 350 ? A GLU 110 
14 1 Y 1 A CYS 351 ? A CYS 111 
15 1 Y 1 A LEU 352 ? A LEU 112 
16 1 Y 1 A VAL 353 ? A VAL 113 
17 1 Y 1 A ARG 354 ? A ARG 114 
18 1 Y 1 A THR 355 ? A THR 115 
19 1 Y 1 A THR 356 ? A THR 116 
# 
loop_
_chem_comp_atom.comp_id 
_chem_comp_atom.atom_id 
_chem_comp_atom.type_symbol 
_chem_comp_atom.pdbx_aromatic_flag 
_chem_comp_atom.pdbx_stereo_config 
_chem_comp_atom.pdbx_ordinal 
ALA N    N  N N 1   
ALA CA   C  N S 2   
ALA C    C  N N 3   
ALA O    O  N N 4   
ALA CB   C  N N 5   
ALA OXT  O  N N 6   
ALA H    H  N N 7   
ALA H2   H  N N 8   
ALA HA   H  N N 9   
ALA HB1  H  N N 10  
ALA HB2  H  N N 11  
ALA HB3  H  N N 12  
ALA HXT  H  N N 13  
ARG N    N  N N 14  
ARG CA   C  N S 15  
ARG C    C  N N 16  
ARG O    O  N N 17  
ARG CB   C  N N 18  
ARG CG   C  N N 19  
ARG CD   C  N N 20  
ARG NE   N  N N 21  
ARG CZ   C  N N 22  
ARG NH1  N  N N 23  
ARG NH2  N  N N 24  
ARG OXT  O  N N 25  
ARG H    H  N N 26  
ARG H2   H  N N 27  
ARG HA   H  N N 28  
ARG HB2  H  N N 29  
ARG HB3  H  N N 30  
ARG HG2  H  N N 31  
ARG HG3  H  N N 32  
ARG HD2  H  N N 33  
ARG HD3  H  N N 34  
ARG HE   H  N N 35  
ARG HH11 H  N N 36  
ARG HH12 H  N N 37  
ARG HH21 H  N N 38  
ARG HH22 H  N N 39  
ARG HXT  H  N N 40  
ASN N    N  N N 41  
ASN CA   C  N S 42  
ASN C    C  N N 43  
ASN O    O  N N 44  
ASN CB   C  N N 45  
ASN CG   C  N N 46  
ASN OD1  O  N N 47  
ASN ND2  N  N N 48  
ASN OXT  O  N N 49  
ASN H    H  N N 50  
ASN H2   H  N N 51  
ASN HA   H  N N 52  
ASN HB2  H  N N 53  
ASN HB3  H  N N 54  
ASN HD21 H  N N 55  
ASN HD22 H  N N 56  
ASN HXT  H  N N 57  
ASP N    N  N N 58  
ASP CA   C  N S 59  
ASP C    C  N N 60  
ASP O    O  N N 61  
ASP CB   C  N N 62  
ASP CG   C  N N 63  
ASP OD1  O  N N 64  
ASP OD2  O  N N 65  
ASP OXT  O  N N 66  
ASP H    H  N N 67  
ASP H2   H  N N 68  
ASP HA   H  N N 69  
ASP HB2  H  N N 70  
ASP HB3  H  N N 71  
ASP HD2  H  N N 72  
ASP HXT  H  N N 73  
BI6 C49  C  N N 74  
BI6 C9   C  N N 75  
BI6 C10  C  N S 76  
BI6 N3   N  N N 77  
BI6 C6   C  N N 78  
BI6 C5   C  N S 79  
BI6 N2   N  N N 80  
BI6 C4   C  N N 81  
BI6 C1   C  N S 82  
BI6 C2   C  N N 83  
BI6 C3   C  N N 84  
BI6 N1   N  N N 85  
BI6 O1   O  N N 86  
BI6 C7   C  N N 87  
BI6 C8   C  N N 88  
BI6 O2   O  N N 89  
BI6 C13  C  N S 90  
BI6 C14  C  N N 91  
BI6 O3   O  N N 92  
BI6 N4   N  N N 93  
BI6 C15  C  N N 94  
BI6 C17  C  Y N 95  
BI6 C18  C  Y N 96  
BI6 C26  C  N N 97  
BI6 C19  C  Y N 98  
BI6 C20  C  Y N 99  
BI6 C21  C  Y N 100 
BI6 C22  C  Y N 101 
BI6 C16  C  Y N 102 
BI6 C23  C  Y N 103 
BI6 C24  C  Y N 104 
BI6 C25  C  Y N 105 
BI6 C27  C  Y N 106 
BI6 C28  C  Y N 107 
BI6 C12  C  N N 108 
BI6 C11  C  N N 109 
BI6 H491 H  N N 110 
BI6 H492 H  N N 111 
BI6 H91C H  N N 112 
BI6 H92C H  N N 113 
BI6 H8   H  N N 114 
BI6 H10  H  N N 115 
BI6 H111 H  N N 116 
BI6 H112 H  N N 117 
BI6 H13  H  N N 118 
BI6 H5   H  N N 119 
BI6 H2   H  N N 120 
BI6 H7   H  N N 121 
BI6 H1   H  N N 122 
BI6 H21C H  N N 123 
BI6 H22C H  N N 124 
BI6 H31C H  N N 125 
BI6 H32C H  N N 126 
BI6 H33C H  N N 127 
BI6 H261 H  N N 128 
BI6 H262 H  N N 129 
BI6 H121 H  N N 130 
BI6 H122 H  N N 131 
BI6 H4   H  N N 132 
BI6 H15  H  N N 133 
BI6 H18  H  N N 134 
BI6 H22  H  N N 135 
BI6 H19  H  N N 136 
BI6 H20  H  N N 137 
BI6 H21  H  N N 138 
BI6 H23  H  N N 139 
BI6 H27  H  N N 140 
BI6 H24  H  N N 141 
BI6 H25  H  N N 142 
BI6 H28  H  N N 143 
CYS N    N  N N 144 
CYS CA   C  N R 145 
CYS C    C  N N 146 
CYS O    O  N N 147 
CYS CB   C  N N 148 
CYS SG   S  N N 149 
CYS OXT  O  N N 150 
CYS H    H  N N 151 
CYS H2   H  N N 152 
CYS HA   H  N N 153 
CYS HB2  H  N N 154 
CYS HB3  H  N N 155 
CYS HG   H  N N 156 
CYS HXT  H  N N 157 
GLN N    N  N N 158 
GLN CA   C  N S 159 
GLN C    C  N N 160 
GLN O    O  N N 161 
GLN CB   C  N N 162 
GLN CG   C  N N 163 
GLN CD   C  N N 164 
GLN OE1  O  N N 165 
GLN NE2  N  N N 166 
GLN OXT  O  N N 167 
GLN H    H  N N 168 
GLN H2   H  N N 169 
GLN HA   H  N N 170 
GLN HB2  H  N N 171 
GLN HB3  H  N N 172 
GLN HG2  H  N N 173 
GLN HG3  H  N N 174 
GLN HE21 H  N N 175 
GLN HE22 H  N N 176 
GLN HXT  H  N N 177 
GLU N    N  N N 178 
GLU CA   C  N S 179 
GLU C    C  N N 180 
GLU O    O  N N 181 
GLU CB   C  N N 182 
GLU CG   C  N N 183 
GLU CD   C  N N 184 
GLU OE1  O  N N 185 
GLU OE2  O  N N 186 
GLU OXT  O  N N 187 
GLU H    H  N N 188 
GLU H2   H  N N 189 
GLU HA   H  N N 190 
GLU HB2  H  N N 191 
GLU HB3  H  N N 192 
GLU HG2  H  N N 193 
GLU HG3  H  N N 194 
GLU HE2  H  N N 195 
GLU HXT  H  N N 196 
GLY N    N  N N 197 
GLY CA   C  N N 198 
GLY C    C  N N 199 
GLY O    O  N N 200 
GLY OXT  O  N N 201 
GLY H    H  N N 202 
GLY H2   H  N N 203 
GLY HA2  H  N N 204 
GLY HA3  H  N N 205 
GLY HXT  H  N N 206 
HIS N    N  N N 207 
HIS CA   C  N S 208 
HIS C    C  N N 209 
HIS O    O  N N 210 
HIS CB   C  N N 211 
HIS CG   C  Y N 212 
HIS ND1  N  Y N 213 
HIS CD2  C  Y N 214 
HIS CE1  C  Y N 215 
HIS NE2  N  Y N 216 
HIS OXT  O  N N 217 
HIS H    H  N N 218 
HIS H2   H  N N 219 
HIS HA   H  N N 220 
HIS HB2  H  N N 221 
HIS HB3  H  N N 222 
HIS HD1  H  N N 223 
HIS HD2  H  N N 224 
HIS HE1  H  N N 225 
HIS HE2  H  N N 226 
HIS HXT  H  N N 227 
HOH O    O  N N 228 
HOH H1   H  N N 229 
HOH H2   H  N N 230 
ILE N    N  N N 231 
ILE CA   C  N S 232 
ILE C    C  N N 233 
ILE O    O  N N 234 
ILE CB   C  N S 235 
ILE CG1  C  N N 236 
ILE CG2  C  N N 237 
ILE CD1  C  N N 238 
ILE OXT  O  N N 239 
ILE H    H  N N 240 
ILE H2   H  N N 241 
ILE HA   H  N N 242 
ILE HB   H  N N 243 
ILE HG12 H  N N 244 
ILE HG13 H  N N 245 
ILE HG21 H  N N 246 
ILE HG22 H  N N 247 
ILE HG23 H  N N 248 
ILE HD11 H  N N 249 
ILE HD12 H  N N 250 
ILE HD13 H  N N 251 
ILE HXT  H  N N 252 
LEU N    N  N N 253 
LEU CA   C  N S 254 
LEU C    C  N N 255 
LEU O    O  N N 256 
LEU CB   C  N N 257 
LEU CG   C  N N 258 
LEU CD1  C  N N 259 
LEU CD2  C  N N 260 
LEU OXT  O  N N 261 
LEU H    H  N N 262 
LEU H2   H  N N 263 
LEU HA   H  N N 264 
LEU HB2  H  N N 265 
LEU HB3  H  N N 266 
LEU HG   H  N N 267 
LEU HD11 H  N N 268 
LEU HD12 H  N N 269 
LEU HD13 H  N N 270 
LEU HD21 H  N N 271 
LEU HD22 H  N N 272 
LEU HD23 H  N N 273 
LEU HXT  H  N N 274 
LYS N    N  N N 275 
LYS CA   C  N S 276 
LYS C    C  N N 277 
LYS O    O  N N 278 
LYS CB   C  N N 279 
LYS CG   C  N N 280 
LYS CD   C  N N 281 
LYS CE   C  N N 282 
LYS NZ   N  N N 283 
LYS OXT  O  N N 284 
LYS H    H  N N 285 
LYS H2   H  N N 286 
LYS HA   H  N N 287 
LYS HB2  H  N N 288 
LYS HB3  H  N N 289 
LYS HG2  H  N N 290 
LYS HG3  H  N N 291 
LYS HD2  H  N N 292 
LYS HD3  H  N N 293 
LYS HE2  H  N N 294 
LYS HE3  H  N N 295 
LYS HZ1  H  N N 296 
LYS HZ2  H  N N 297 
LYS HZ3  H  N N 298 
LYS HXT  H  N N 299 
MET N    N  N N 300 
MET CA   C  N S 301 
MET C    C  N N 302 
MET O    O  N N 303 
MET CB   C  N N 304 
MET CG   C  N N 305 
MET SD   S  N N 306 
MET CE   C  N N 307 
MET OXT  O  N N 308 
MET H    H  N N 309 
MET H2   H  N N 310 
MET HA   H  N N 311 
MET HB2  H  N N 312 
MET HB3  H  N N 313 
MET HG2  H  N N 314 
MET HG3  H  N N 315 
MET HE1  H  N N 316 
MET HE2  H  N N 317 
MET HE3  H  N N 318 
MET HXT  H  N N 319 
PHE N    N  N N 320 
PHE CA   C  N S 321 
PHE C    C  N N 322 
PHE O    O  N N 323 
PHE CB   C  N N 324 
PHE CG   C  Y N 325 
PHE CD1  C  Y N 326 
PHE CD2  C  Y N 327 
PHE CE1  C  Y N 328 
PHE CE2  C  Y N 329 
PHE CZ   C  Y N 330 
PHE OXT  O  N N 331 
PHE H    H  N N 332 
PHE H2   H  N N 333 
PHE HA   H  N N 334 
PHE HB2  H  N N 335 
PHE HB3  H  N N 336 
PHE HD1  H  N N 337 
PHE HD2  H  N N 338 
PHE HE1  H  N N 339 
PHE HE2  H  N N 340 
PHE HZ   H  N N 341 
PHE HXT  H  N N 342 
PRO N    N  N N 343 
PRO CA   C  N S 344 
PRO C    C  N N 345 
PRO O    O  N N 346 
PRO CB   C  N N 347 
PRO CG   C  N N 348 
PRO CD   C  N N 349 
PRO OXT  O  N N 350 
PRO H    H  N N 351 
PRO HA   H  N N 352 
PRO HB2  H  N N 353 
PRO HB3  H  N N 354 
PRO HG2  H  N N 355 
PRO HG3  H  N N 356 
PRO HD2  H  N N 357 
PRO HD3  H  N N 358 
PRO HXT  H  N N 359 
SER N    N  N N 360 
SER CA   C  N S 361 
SER C    C  N N 362 
SER O    O  N N 363 
SER CB   C  N N 364 
SER OG   O  N N 365 
SER OXT  O  N N 366 
SER H    H  N N 367 
SER H2   H  N N 368 
SER HA   H  N N 369 
SER HB2  H  N N 370 
SER HB3  H  N N 371 
SER HG   H  N N 372 
SER HXT  H  N N 373 
THR N    N  N N 374 
THR CA   C  N S 375 
THR C    C  N N 376 
THR O    O  N N 377 
THR CB   C  N R 378 
THR OG1  O  N N 379 
THR CG2  C  N N 380 
THR OXT  O  N N 381 
THR H    H  N N 382 
THR H2   H  N N 383 
THR HA   H  N N 384 
THR HB   H  N N 385 
THR HG1  H  N N 386 
THR HG21 H  N N 387 
THR HG22 H  N N 388 
THR HG23 H  N N 389 
THR HXT  H  N N 390 
TRP N    N  N N 391 
TRP CA   C  N S 392 
TRP C    C  N N 393 
TRP O    O  N N 394 
TRP CB   C  N N 395 
TRP CG   C  Y N 396 
TRP CD1  C  Y N 397 
TRP CD2  C  Y N 398 
TRP NE1  N  Y N 399 
TRP CE2  C  Y N 400 
TRP CE3  C  Y N 401 
TRP CZ2  C  Y N 402 
TRP CZ3  C  Y N 403 
TRP CH2  C  Y N 404 
TRP OXT  O  N N 405 
TRP H    H  N N 406 
TRP H2   H  N N 407 
TRP HA   H  N N 408 
TRP HB2  H  N N 409 
TRP HB3  H  N N 410 
TRP HD1  H  N N 411 
TRP HE1  H  N N 412 
TRP HE3  H  N N 413 
TRP HZ2  H  N N 414 
TRP HZ3  H  N N 415 
TRP HH2  H  N N 416 
TRP HXT  H  N N 417 
TYR N    N  N N 418 
TYR CA   C  N S 419 
TYR C    C  N N 420 
TYR O    O  N N 421 
TYR CB   C  N N 422 
TYR CG   C  Y N 423 
TYR CD1  C  Y N 424 
TYR CD2  C  Y N 425 
TYR CE1  C  Y N 426 
TYR CE2  C  Y N 427 
TYR CZ   C  Y N 428 
TYR OH   O  N N 429 
TYR OXT  O  N N 430 
TYR H    H  N N 431 
TYR H2   H  N N 432 
TYR HA   H  N N 433 
TYR HB2  H  N N 434 
TYR HB3  H  N N 435 
TYR HD1  H  N N 436 
TYR HD2  H  N N 437 
TYR HE1  H  N N 438 
TYR HE2  H  N N 439 
TYR HH   H  N N 440 
TYR HXT  H  N N 441 
VAL N    N  N N 442 
VAL CA   C  N S 443 
VAL C    C  N N 444 
VAL O    O  N N 445 
VAL CB   C  N N 446 
VAL CG1  C  N N 447 
VAL CG2  C  N N 448 
VAL OXT  O  N N 449 
VAL H    H  N N 450 
VAL H2   H  N N 451 
VAL HA   H  N N 452 
VAL HB   H  N N 453 
VAL HG11 H  N N 454 
VAL HG12 H  N N 455 
VAL HG13 H  N N 456 
VAL HG21 H  N N 457 
VAL HG22 H  N N 458 
VAL HG23 H  N N 459 
VAL HXT  H  N N 460 
ZN  ZN   ZN N N 461 
# 
loop_
_chem_comp_bond.comp_id 
_chem_comp_bond.atom_id_1 
_chem_comp_bond.atom_id_2 
_chem_comp_bond.value_order 
_chem_comp_bond.pdbx_aromatic_flag 
_chem_comp_bond.pdbx_stereo_config 
_chem_comp_bond.pdbx_ordinal 
ALA N   CA   sing N N 1   
ALA N   H    sing N N 2   
ALA N   H2   sing N N 3   
ALA CA  C    sing N N 4   
ALA CA  CB   sing N N 5   
ALA CA  HA   sing N N 6   
ALA C   O    doub N N 7   
ALA C   OXT  sing N N 8   
ALA CB  HB1  sing N N 9   
ALA CB  HB2  sing N N 10  
ALA CB  HB3  sing N N 11  
ALA OXT HXT  sing N N 12  
ARG N   CA   sing N N 13  
ARG N   H    sing N N 14  
ARG N   H2   sing N N 15  
ARG CA  C    sing N N 16  
ARG CA  CB   sing N N 17  
ARG CA  HA   sing N N 18  
ARG C   O    doub N N 19  
ARG C   OXT  sing N N 20  
ARG CB  CG   sing N N 21  
ARG CB  HB2  sing N N 22  
ARG CB  HB3  sing N N 23  
ARG CG  CD   sing N N 24  
ARG CG  HG2  sing N N 25  
ARG CG  HG3  sing N N 26  
ARG CD  NE   sing N N 27  
ARG CD  HD2  sing N N 28  
ARG CD  HD3  sing N N 29  
ARG NE  CZ   sing N N 30  
ARG NE  HE   sing N N 31  
ARG CZ  NH1  sing N N 32  
ARG CZ  NH2  doub N N 33  
ARG NH1 HH11 sing N N 34  
ARG NH1 HH12 sing N N 35  
ARG NH2 HH21 sing N N 36  
ARG NH2 HH22 sing N N 37  
ARG OXT HXT  sing N N 38  
ASN N   CA   sing N N 39  
ASN N   H    sing N N 40  
ASN N   H2   sing N N 41  
ASN CA  C    sing N N 42  
ASN CA  CB   sing N N 43  
ASN CA  HA   sing N N 44  
ASN C   O    doub N N 45  
ASN C   OXT  sing N N 46  
ASN CB  CG   sing N N 47  
ASN CB  HB2  sing N N 48  
ASN CB  HB3  sing N N 49  
ASN CG  OD1  doub N N 50  
ASN CG  ND2  sing N N 51  
ASN ND2 HD21 sing N N 52  
ASN ND2 HD22 sing N N 53  
ASN OXT HXT  sing N N 54  
ASP N   CA   sing N N 55  
ASP N   H    sing N N 56  
ASP N   H2   sing N N 57  
ASP CA  C    sing N N 58  
ASP CA  CB   sing N N 59  
ASP CA  HA   sing N N 60  
ASP C   O    doub N N 61  
ASP C   OXT  sing N N 62  
ASP CB  CG   sing N N 63  
ASP CB  HB2  sing N N 64  
ASP CB  HB3  sing N N 65  
ASP CG  OD1  doub N N 66  
ASP CG  OD2  sing N N 67  
ASP OD2 HD2  sing N N 68  
ASP OXT HXT  sing N N 69  
BI6 C49 C9   sing N N 70  
BI6 C49 C8   sing N N 71  
BI6 C9  C10  sing N N 72  
BI6 C10 N3   sing N N 73  
BI6 C10 C11  sing N N 74  
BI6 N3  C6   sing N N 75  
BI6 N3  C13  sing N N 76  
BI6 C6  C5   sing N N 77  
BI6 C6  O2   doub N N 78  
BI6 C5  N2   sing N N 79  
BI6 C5  C7   sing N N 80  
BI6 N2  C4   sing N N 81  
BI6 C4  C1   sing N N 82  
BI6 C4  O1   doub N N 83  
BI6 C1  C2   sing N N 84  
BI6 C1  N1   sing N N 85  
BI6 C2  C3   sing N N 86  
BI6 N1  C26  doub N N 87  
BI6 C7  C8   doub N N 88  
BI6 C13 C14  sing N N 89  
BI6 C13 C12  sing N N 90  
BI6 C14 O3   doub N N 91  
BI6 C14 N4   sing N N 92  
BI6 N4  C15  sing N N 93  
BI6 C15 C17  sing N N 94  
BI6 C15 C16  sing N N 95  
BI6 C17 C18  sing Y N 96  
BI6 C17 C22  doub Y N 97  
BI6 C18 C19  doub Y N 98  
BI6 C19 C20  sing Y N 99  
BI6 C20 C21  doub Y N 100 
BI6 C21 C22  sing Y Z 101 
BI6 C16 C23  sing Y N 102 
BI6 C16 C27  doub Y N 103 
BI6 C23 C24  doub Y N 104 
BI6 C24 C25  sing Y N 105 
BI6 C25 C28  doub Y N 106 
BI6 C27 C28  sing Y N 107 
BI6 C12 C11  sing N N 108 
BI6 C49 H491 sing N N 109 
BI6 C49 H492 sing N N 110 
BI6 C9  H91C sing N N 111 
BI6 C9  H92C sing N N 112 
BI6 C8  H8   sing N N 113 
BI6 C10 H10  sing N N 114 
BI6 C11 H111 sing N N 115 
BI6 C11 H112 sing N N 116 
BI6 C13 H13  sing N N 117 
BI6 C5  H5   sing N N 118 
BI6 N2  H2   sing N N 119 
BI6 C7  H7   sing N N 120 
BI6 C1  H1   sing N N 121 
BI6 C2  H21C sing N N 122 
BI6 C2  H22C sing N N 123 
BI6 C3  H31C sing N N 124 
BI6 C3  H32C sing N N 125 
BI6 C3  H33C sing N N 126 
BI6 C26 H261 sing N N 127 
BI6 C26 H262 sing N N 128 
BI6 C12 H121 sing N N 129 
BI6 C12 H122 sing N N 130 
BI6 N4  H4   sing N N 131 
BI6 C15 H15  sing N N 132 
BI6 C18 H18  sing N N 133 
BI6 C22 H22  sing N N 134 
BI6 C19 H19  sing N N 135 
BI6 C20 H20  sing N N 136 
BI6 C21 H21  sing N N 137 
BI6 C23 H23  sing N N 138 
BI6 C27 H27  sing N N 139 
BI6 C24 H24  sing N N 140 
BI6 C25 H25  sing N N 141 
BI6 C28 H28  sing N N 142 
CYS N   CA   sing N N 143 
CYS N   H    sing N N 144 
CYS N   H2   sing N N 145 
CYS CA  C    sing N N 146 
CYS CA  CB   sing N N 147 
CYS CA  HA   sing N N 148 
CYS C   O    doub N N 149 
CYS C   OXT  sing N N 150 
CYS CB  SG   sing N N 151 
CYS CB  HB2  sing N N 152 
CYS CB  HB3  sing N N 153 
CYS SG  HG   sing N N 154 
CYS OXT HXT  sing N N 155 
GLN N   CA   sing N N 156 
GLN N   H    sing N N 157 
GLN N   H2   sing N N 158 
GLN CA  C    sing N N 159 
GLN CA  CB   sing N N 160 
GLN CA  HA   sing N N 161 
GLN C   O    doub N N 162 
GLN C   OXT  sing N N 163 
GLN CB  CG   sing N N 164 
GLN CB  HB2  sing N N 165 
GLN CB  HB3  sing N N 166 
GLN CG  CD   sing N N 167 
GLN CG  HG2  sing N N 168 
GLN CG  HG3  sing N N 169 
GLN CD  OE1  doub N N 170 
GLN CD  NE2  sing N N 171 
GLN NE2 HE21 sing N N 172 
GLN NE2 HE22 sing N N 173 
GLN OXT HXT  sing N N 174 
GLU N   CA   sing N N 175 
GLU N   H    sing N N 176 
GLU N   H2   sing N N 177 
GLU CA  C    sing N N 178 
GLU CA  CB   sing N N 179 
GLU CA  HA   sing N N 180 
GLU C   O    doub N N 181 
GLU C   OXT  sing N N 182 
GLU CB  CG   sing N N 183 
GLU CB  HB2  sing N N 184 
GLU CB  HB3  sing N N 185 
GLU CG  CD   sing N N 186 
GLU CG  HG2  sing N N 187 
GLU CG  HG3  sing N N 188 
GLU CD  OE1  doub N N 189 
GLU CD  OE2  sing N N 190 
GLU OE2 HE2  sing N N 191 
GLU OXT HXT  sing N N 192 
GLY N   CA   sing N N 193 
GLY N   H    sing N N 194 
GLY N   H2   sing N N 195 
GLY CA  C    sing N N 196 
GLY CA  HA2  sing N N 197 
GLY CA  HA3  sing N N 198 
GLY C   O    doub N N 199 
GLY C   OXT  sing N N 200 
GLY OXT HXT  sing N N 201 
HIS N   CA   sing N N 202 
HIS N   H    sing N N 203 
HIS N   H2   sing N N 204 
HIS CA  C    sing N N 205 
HIS CA  CB   sing N N 206 
HIS CA  HA   sing N N 207 
HIS C   O    doub N N 208 
HIS C   OXT  sing N N 209 
HIS CB  CG   sing N N 210 
HIS CB  HB2  sing N N 211 
HIS CB  HB3  sing N N 212 
HIS CG  ND1  sing Y N 213 
HIS CG  CD2  doub Y N 214 
HIS ND1 CE1  doub Y N 215 
HIS ND1 HD1  sing N N 216 
HIS CD2 NE2  sing Y N 217 
HIS CD2 HD2  sing N N 218 
HIS CE1 NE2  sing Y N 219 
HIS CE1 HE1  sing N N 220 
HIS NE2 HE2  sing N N 221 
HIS OXT HXT  sing N N 222 
HOH O   H1   sing N N 223 
HOH O   H2   sing N N 224 
ILE N   CA   sing N N 225 
ILE N   H    sing N N 226 
ILE N   H2   sing N N 227 
ILE CA  C    sing N N 228 
ILE CA  CB   sing N N 229 
ILE CA  HA   sing N N 230 
ILE C   O    doub N N 231 
ILE C   OXT  sing N N 232 
ILE CB  CG1  sing N N 233 
ILE CB  CG2  sing N N 234 
ILE CB  HB   sing N N 235 
ILE CG1 CD1  sing N N 236 
ILE CG1 HG12 sing N N 237 
ILE CG1 HG13 sing N N 238 
ILE CG2 HG21 sing N N 239 
ILE CG2 HG22 sing N N 240 
ILE CG2 HG23 sing N N 241 
ILE CD1 HD11 sing N N 242 
ILE CD1 HD12 sing N N 243 
ILE CD1 HD13 sing N N 244 
ILE OXT HXT  sing N N 245 
LEU N   CA   sing N N 246 
LEU N   H    sing N N 247 
LEU N   H2   sing N N 248 
LEU CA  C    sing N N 249 
LEU CA  CB   sing N N 250 
LEU CA  HA   sing N N 251 
LEU C   O    doub N N 252 
LEU C   OXT  sing N N 253 
LEU CB  CG   sing N N 254 
LEU CB  HB2  sing N N 255 
LEU CB  HB3  sing N N 256 
LEU CG  CD1  sing N N 257 
LEU CG  CD2  sing N N 258 
LEU CG  HG   sing N N 259 
LEU CD1 HD11 sing N N 260 
LEU CD1 HD12 sing N N 261 
LEU CD1 HD13 sing N N 262 
LEU CD2 HD21 sing N N 263 
LEU CD2 HD22 sing N N 264 
LEU CD2 HD23 sing N N 265 
LEU OXT HXT  sing N N 266 
LYS N   CA   sing N N 267 
LYS N   H    sing N N 268 
LYS N   H2   sing N N 269 
LYS CA  C    sing N N 270 
LYS CA  CB   sing N N 271 
LYS CA  HA   sing N N 272 
LYS C   O    doub N N 273 
LYS C   OXT  sing N N 274 
LYS CB  CG   sing N N 275 
LYS CB  HB2  sing N N 276 
LYS CB  HB3  sing N N 277 
LYS CG  CD   sing N N 278 
LYS CG  HG2  sing N N 279 
LYS CG  HG3  sing N N 280 
LYS CD  CE   sing N N 281 
LYS CD  HD2  sing N N 282 
LYS CD  HD3  sing N N 283 
LYS CE  NZ   sing N N 284 
LYS CE  HE2  sing N N 285 
LYS CE  HE3  sing N N 286 
LYS NZ  HZ1  sing N N 287 
LYS NZ  HZ2  sing N N 288 
LYS NZ  HZ3  sing N N 289 
LYS OXT HXT  sing N N 290 
MET N   CA   sing N N 291 
MET N   H    sing N N 292 
MET N   H2   sing N N 293 
MET CA  C    sing N N 294 
MET CA  CB   sing N N 295 
MET CA  HA   sing N N 296 
MET C   O    doub N N 297 
MET C   OXT  sing N N 298 
MET CB  CG   sing N N 299 
MET CB  HB2  sing N N 300 
MET CB  HB3  sing N N 301 
MET CG  SD   sing N N 302 
MET CG  HG2  sing N N 303 
MET CG  HG3  sing N N 304 
MET SD  CE   sing N N 305 
MET CE  HE1  sing N N 306 
MET CE  HE2  sing N N 307 
MET CE  HE3  sing N N 308 
MET OXT HXT  sing N N 309 
PHE N   CA   sing N N 310 
PHE N   H    sing N N 311 
PHE N   H2   sing N N 312 
PHE CA  C    sing N N 313 
PHE CA  CB   sing N N 314 
PHE CA  HA   sing N N 315 
PHE C   O    doub N N 316 
PHE C   OXT  sing N N 317 
PHE CB  CG   sing N N 318 
PHE CB  HB2  sing N N 319 
PHE CB  HB3  sing N N 320 
PHE CG  CD1  doub Y N 321 
PHE CG  CD2  sing Y N 322 
PHE CD1 CE1  sing Y N 323 
PHE CD1 HD1  sing N N 324 
PHE CD2 CE2  doub Y N 325 
PHE CD2 HD2  sing N N 326 
PHE CE1 CZ   doub Y N 327 
PHE CE1 HE1  sing N N 328 
PHE CE2 CZ   sing Y N 329 
PHE CE2 HE2  sing N N 330 
PHE CZ  HZ   sing N N 331 
PHE OXT HXT  sing N N 332 
PRO N   CA   sing N N 333 
PRO N   CD   sing N N 334 
PRO N   H    sing N N 335 
PRO CA  C    sing N N 336 
PRO CA  CB   sing N N 337 
PRO CA  HA   sing N N 338 
PRO C   O    doub N N 339 
PRO C   OXT  sing N N 340 
PRO CB  CG   sing N N 341 
PRO CB  HB2  sing N N 342 
PRO CB  HB3  sing N N 343 
PRO CG  CD   sing N N 344 
PRO CG  HG2  sing N N 345 
PRO CG  HG3  sing N N 346 
PRO CD  HD2  sing N N 347 
PRO CD  HD3  sing N N 348 
PRO OXT HXT  sing N N 349 
SER N   CA   sing N N 350 
SER N   H    sing N N 351 
SER N   H2   sing N N 352 
SER CA  C    sing N N 353 
SER CA  CB   sing N N 354 
SER CA  HA   sing N N 355 
SER C   O    doub N N 356 
SER C   OXT  sing N N 357 
SER CB  OG   sing N N 358 
SER CB  HB2  sing N N 359 
SER CB  HB3  sing N N 360 
SER OG  HG   sing N N 361 
SER OXT HXT  sing N N 362 
THR N   CA   sing N N 363 
THR N   H    sing N N 364 
THR N   H2   sing N N 365 
THR CA  C    sing N N 366 
THR CA  CB   sing N N 367 
THR CA  HA   sing N N 368 
THR C   O    doub N N 369 
THR C   OXT  sing N N 370 
THR CB  OG1  sing N N 371 
THR CB  CG2  sing N N 372 
THR CB  HB   sing N N 373 
THR OG1 HG1  sing N N 374 
THR CG2 HG21 sing N N 375 
THR CG2 HG22 sing N N 376 
THR CG2 HG23 sing N N 377 
THR OXT HXT  sing N N 378 
TRP N   CA   sing N N 379 
TRP N   H    sing N N 380 
TRP N   H2   sing N N 381 
TRP CA  C    sing N N 382 
TRP CA  CB   sing N N 383 
TRP CA  HA   sing N N 384 
TRP C   O    doub N N 385 
TRP C   OXT  sing N N 386 
TRP CB  CG   sing N N 387 
TRP CB  HB2  sing N N 388 
TRP CB  HB3  sing N N 389 
TRP CG  CD1  doub Y N 390 
TRP CG  CD2  sing Y N 391 
TRP CD1 NE1  sing Y N 392 
TRP CD1 HD1  sing N N 393 
TRP CD2 CE2  doub Y N 394 
TRP CD2 CE3  sing Y N 395 
TRP NE1 CE2  sing Y N 396 
TRP NE1 HE1  sing N N 397 
TRP CE2 CZ2  sing Y N 398 
TRP CE3 CZ3  doub Y N 399 
TRP CE3 HE3  sing N N 400 
TRP CZ2 CH2  doub Y N 401 
TRP CZ2 HZ2  sing N N 402 
TRP CZ3 CH2  sing Y N 403 
TRP CZ3 HZ3  sing N N 404 
TRP CH2 HH2  sing N N 405 
TRP OXT HXT  sing N N 406 
TYR N   CA   sing N N 407 
TYR N   H    sing N N 408 
TYR N   H2   sing N N 409 
TYR CA  C    sing N N 410 
TYR CA  CB   sing N N 411 
TYR CA  HA   sing N N 412 
TYR C   O    doub N N 413 
TYR C   OXT  sing N N 414 
TYR CB  CG   sing N N 415 
TYR CB  HB2  sing N N 416 
TYR CB  HB3  sing N N 417 
TYR CG  CD1  doub Y N 418 
TYR CG  CD2  sing Y N 419 
TYR CD1 CE1  sing Y N 420 
TYR CD1 HD1  sing N N 421 
TYR CD2 CE2  doub Y N 422 
TYR CD2 HD2  sing N N 423 
TYR CE1 CZ   doub Y N 424 
TYR CE1 HE1  sing N N 425 
TYR CE2 CZ   sing Y N 426 
TYR CE2 HE2  sing N N 427 
TYR CZ  OH   sing N N 428 
TYR OH  HH   sing N N 429 
TYR OXT HXT  sing N N 430 
VAL N   CA   sing N N 431 
VAL N   H    sing N N 432 
VAL N   H2   sing N N 433 
VAL CA  C    sing N N 434 
VAL CA  CB   sing N N 435 
VAL CA  HA   sing N N 436 
VAL C   O    doub N N 437 
VAL C   OXT  sing N N 438 
VAL CB  CG1  sing N N 439 
VAL CB  CG2  sing N N 440 
VAL CB  HB   sing N N 441 
VAL CG1 HG11 sing N N 442 
VAL CG1 HG12 sing N N 443 
VAL CG1 HG13 sing N N 444 
VAL CG2 HG21 sing N N 445 
VAL CG2 HG22 sing N N 446 
VAL CG2 HG23 sing N N 447 
VAL OXT HXT  sing N N 448 
# 
_pdbx_initial_refinement_model.accession_code   ? 
_pdbx_initial_refinement_model.id               1 
_pdbx_initial_refinement_model.entity_id_list   ? 
_pdbx_initial_refinement_model.type             other 
_pdbx_initial_refinement_model.source_name      ? 
_pdbx_initial_refinement_model.details          'UNPUBLISHED STRUCTURE IN LAB' 
# 
_atom_sites.entry_id                    2JK7 
_atom_sites.fract_transf_matrix[1][1]   0.00917933 
_atom_sites.fract_transf_matrix[1][2]   -0.00352588 
_atom_sites.fract_transf_matrix[1][3]   0.00167647 
_atom_sites.fract_transf_matrix[2][1]   0.00145688 
_atom_sites.fract_transf_matrix[2][2]   -0.00981070 
_atom_sites.fract_transf_matrix[2][3]   0.00106226 
_atom_sites.fract_transf_matrix[3][1]   0.00238550 
_atom_sites.fract_transf_matrix[3][2]   -0.00137256 
_atom_sites.fract_transf_matrix[3][3]   -0.01594827 
_atom_sites.fract_transf_vector[1]      1.318234 
_atom_sites.fract_transf_vector[2]      0.878953 
_atom_sites.fract_transf_vector[3]      0.920252 
# 
loop_
_atom_type.symbol 
C  
N  
O  
S  
ZN 
# 
loop_
_atom_site.group_PDB 
_atom_site.id 
_atom_site.type_symbol 
_atom_site.label_atom_id 
_atom_site.label_alt_id 
_atom_site.label_comp_id 
_atom_site.label_asym_id 
_atom_site.label_entity_id 
_atom_site.label_seq_id 
_atom_site.pdbx_PDB_ins_code 
_atom_site.Cartn_x 
_atom_site.Cartn_y 
_atom_site.Cartn_z 
_atom_site.occupancy 
_atom_site.B_iso_or_equiv 
_atom_site.pdbx_formal_charge 
_atom_site.auth_seq_id 
_atom_site.auth_comp_id 
_atom_site.auth_asym_id 
_atom_site.auth_atom_id 
_atom_site.pdbx_PDB_model_num 
ATOM   1   N  N   . PHE A 1 10  ? -1.596  -14.139 -5.177  1.00 107.14 ? 250  PHE A N   1 
ATOM   2   C  CA  . PHE A 1 10  ? -1.693  -13.259 -6.371  1.00 107.38 ? 250  PHE A CA  1 
ATOM   3   C  C   . PHE A 1 10  ? -2.481  -12.016 -5.976  1.00 107.04 ? 250  PHE A C   1 
ATOM   4   O  O   . PHE A 1 10  ? -3.579  -12.115 -5.428  1.00 107.53 ? 250  PHE A O   1 
ATOM   5   C  CB  . PHE A 1 10  ? -2.392  -14.015 -7.507  1.00 107.82 ? 250  PHE A CB  1 
ATOM   6   C  CG  . PHE A 1 10  ? -3.645  -14.733 -7.078  1.00 107.74 ? 250  PHE A CG  1 
ATOM   7   C  CD1 . PHE A 1 10  ? -4.889  -14.128 -7.194  1.00 107.79 ? 250  PHE A CD1 1 
ATOM   8   C  CD2 . PHE A 1 10  ? -3.575  -16.006 -6.525  1.00 107.75 ? 250  PHE A CD2 1 
ATOM   9   C  CE1 . PHE A 1 10  ? -6.043  -14.782 -6.764  1.00 107.12 ? 250  PHE A CE1 1 
ATOM   10  C  CE2 . PHE A 1 10  ? -4.723  -16.662 -6.091  1.00 106.90 ? 250  PHE A CE2 1 
ATOM   11  C  CZ  . PHE A 1 10  ? -5.957  -16.049 -6.212  1.00 106.18 ? 250  PHE A CZ  1 
ATOM   12  N  N   . PRO A 1 11  ? -1.925  -10.823 -6.229  1.00 106.19 ? 251  PRO A N   1 
ATOM   13  C  CA  . PRO A 1 11  ? -2.701  -9.647  -5.837  1.00 104.76 ? 251  PRO A CA  1 
ATOM   14  C  C   . PRO A 1 11  ? -4.073  -9.655  -6.501  1.00 103.58 ? 251  PRO A C   1 
ATOM   15  O  O   . PRO A 1 11  ? -4.319  -10.402 -7.453  1.00 102.43 ? 251  PRO A O   1 
ATOM   16  C  CB  . PRO A 1 11  ? -1.821  -8.485  -6.299  1.00 104.94 ? 251  PRO A CB  1 
ATOM   17  C  CG  . PRO A 1 11  ? -1.140  -9.047  -7.510  1.00 105.39 ? 251  PRO A CG  1 
ATOM   18  C  CD  . PRO A 1 11  ? -0.761  -10.441 -7.049  1.00 106.11 ? 251  PRO A CD  1 
ATOM   19  N  N   . ASN A 1 12  ? -4.967  -8.828  -5.976  1.00 102.67 ? 252  ASN A N   1 
ATOM   20  C  CA  . ASN A 1 12  ? -6.317  -8.707  -6.501  1.00 101.50 ? 252  ASN A CA  1 
ATOM   21  C  C   . ASN A 1 12  ? -6.281  -7.782  -7.709  1.00 100.60 ? 252  ASN A C   1 
ATOM   22  O  O   . ASN A 1 12  ? -5.501  -6.832  -7.756  1.00 100.10 ? 252  ASN A O   1 
ATOM   23  C  CB  . ASN A 1 12  ? -7.243  -8.132  -5.420  1.00 102.24 ? 252  ASN A CB  1 
ATOM   24  C  CG  . ASN A 1 12  ? -8.673  -7.948  -5.900  1.00 102.20 ? 252  ASN A CG  1 
ATOM   25  O  OD1 . ASN A 1 12  ? -9.276  -8.867  -6.452  1.00 102.33 ? 252  ASN A OD1 1 
ATOM   26  N  ND2 . ASN A 1 12  ? -9.226  -6.759  -5.678  1.00 102.35 ? 252  ASN A ND2 1 
ATOM   27  N  N   . SER A 1 13  ? -7.120  -8.072  -8.693  1.00 100.12 ? 253  SER A N   1 
ATOM   28  C  CA  . SER A 1 13  ? -7.180  -7.254  -9.889  1.00 99.67  ? 253  SER A CA  1 
ATOM   29  C  C   . SER A 1 13  ? -8.599  -6.743  -10.088 1.00 99.45  ? 253  SER A C   1 
ATOM   30  O  O   . SER A 1 13  ? -8.828  -5.814  -10.861 1.00 99.46  ? 253  SER A O   1 
ATOM   31  C  CB  . SER A 1 13  ? -6.728  -8.064  -11.103 1.00 99.83  ? 253  SER A CB  1 
ATOM   32  O  OG  . SER A 1 13  ? -5.374  -8.457  -10.965 1.00 100.21 ? 253  SER A OG  1 
ATOM   33  N  N   . THR A 1 14  ? -9.550  -7.348  -9.378  1.00 99.12  ? 254  THR A N   1 
ATOM   34  C  CA  . THR A 1 14  ? -10.950 -6.940  -9.468  1.00 98.69  ? 254  THR A CA  1 
ATOM   35  C  C   . THR A 1 14  ? -11.170 -5.626  -8.708  1.00 97.68  ? 254  THR A C   1 
ATOM   36  O  O   . THR A 1 14  ? -10.215 -4.996  -8.245  1.00 97.49  ? 254  THR A O   1 
ATOM   37  C  CB  . THR A 1 14  ? -11.907 -8.029  -8.893  1.00 99.08  ? 254  THR A CB  1 
ATOM   38  O  OG1 . THR A 1 14  ? -11.708 -8.162  -7.478  1.00 98.64  ? 254  THR A OG1 1 
ATOM   39  C  CG2 . THR A 1 14  ? -11.656 -9.370  -9.571  1.00 98.20  ? 254  THR A CG2 1 
ATOM   40  N  N   . ASN A 1 15  ? -12.429 -5.217  -8.579  1.00 96.17  ? 255  ASN A N   1 
ATOM   41  C  CA  . ASN A 1 15  ? -12.752 -3.977  -7.885  1.00 94.11  ? 255  ASN A CA  1 
ATOM   42  C  C   . ASN A 1 15  ? -13.314 -4.206  -6.489  1.00 92.36  ? 255  ASN A C   1 
ATOM   43  O  O   . ASN A 1 15  ? -13.970 -3.330  -5.929  1.00 92.89  ? 255  ASN A O   1 
ATOM   44  C  CB  . ASN A 1 15  ? -13.736 -3.156  -8.723  1.00 94.36  ? 255  ASN A CB  1 
ATOM   45  C  CG  . ASN A 1 15  ? -13.095 -2.586  -9.978  1.00 95.07  ? 255  ASN A CG  1 
ATOM   46  O  OD1 . ASN A 1 15  ? -12.317 -1.633  -9.915  1.00 95.38  ? 255  ASN A OD1 1 
ATOM   47  N  ND2 . ASN A 1 15  ? -13.410 -3.176  -11.126 1.00 95.21  ? 255  ASN A ND2 1 
ATOM   48  N  N   . LEU A 1 16  ? -13.045 -5.380  -5.926  1.00 89.93  ? 256  LEU A N   1 
ATOM   49  C  CA  . LEU A 1 16  ? -13.523 -5.706  -4.586  1.00 87.55  ? 256  LEU A CA  1 
ATOM   50  C  C   . LEU A 1 16  ? -12.373 -5.864  -3.591  1.00 84.46  ? 256  LEU A C   1 
ATOM   51  O  O   . LEU A 1 16  ? -11.545 -6.764  -3.719  1.00 84.78  ? 256  LEU A O   1 
ATOM   52  C  CB  . LEU A 1 16  ? -14.372 -6.979  -4.634  1.00 88.77  ? 256  LEU A CB  1 
ATOM   53  C  CG  . LEU A 1 16  ? -15.714 -6.784  -5.349  1.00 89.49  ? 256  LEU A CG  1 
ATOM   54  C  CD1 . LEU A 1 16  ? -16.447 -8.115  -5.471  1.00 88.80  ? 256  LEU A CD1 1 
ATOM   55  C  CD2 . LEU A 1 16  ? -16.549 -5.763  -4.573  1.00 88.14  ? 256  LEU A CD2 1 
ATOM   56  N  N   . PRO A 1 17  ? -12.317 -4.983  -2.578  1.00 81.13  ? 257  PRO A N   1 
ATOM   57  C  CA  . PRO A 1 17  ? -11.291 -4.968  -1.528  1.00 79.40  ? 257  PRO A CA  1 
ATOM   58  C  C   . PRO A 1 17  ? -11.139 -6.307  -0.818  1.00 78.05  ? 257  PRO A C   1 
ATOM   59  O  O   . PRO A 1 17  ? -12.089 -6.814  -0.226  1.00 78.81  ? 257  PRO A O   1 
ATOM   60  C  CB  . PRO A 1 17  ? -11.788 -3.880  -0.580  1.00 79.03  ? 257  PRO A CB  1 
ATOM   61  C  CG  . PRO A 1 17  ? -12.533 -2.965  -1.482  1.00 79.21  ? 257  PRO A CG  1 
ATOM   62  C  CD  . PRO A 1 17  ? -13.308 -3.923  -2.339  1.00 79.85  ? 257  PRO A CD  1 
ATOM   63  N  N   . ARG A 1 18  ? -9.939  -6.873  -0.859  1.00 76.08  ? 258  ARG A N   1 
ATOM   64  C  CA  . ARG A 1 18  ? -9.700  -8.155  -0.210  1.00 74.75  ? 258  ARG A CA  1 
ATOM   65  C  C   . ARG A 1 18  ? -9.903  -8.035  1.296   1.00 72.45  ? 258  ARG A C   1 
ATOM   66  O  O   . ARG A 1 18  ? -10.218 -9.012  1.971   1.00 72.45  ? 258  ARG A O   1 
ATOM   67  C  CB  . ARG A 1 18  ? -8.285  -8.642  -0.516  1.00 76.50  ? 258  ARG A CB  1 
ATOM   68  C  CG  . ARG A 1 18  ? -8.166  -10.142 -0.733  1.00 80.06  ? 258  ARG A CG  1 
ATOM   69  C  CD  . ARG A 1 18  ? -8.101  -10.945 0.565   1.00 84.88  ? 258  ARG A CD  1 
ATOM   70  N  NE  . ARG A 1 18  ? -7.895  -12.374 0.302   1.00 88.20  ? 258  ARG A NE  1 
ATOM   71  C  CZ  . ARG A 1 18  ? -7.585  -13.280 1.229   1.00 89.70  ? 258  ARG A CZ  1 
ATOM   72  N  NH1 . ARG A 1 18  ? -7.442  -12.915 2.498   1.00 90.91  ? 258  ARG A NH1 1 
ATOM   73  N  NH2 . ARG A 1 18  ? -7.411  -14.553 0.885   1.00 90.07  ? 258  ARG A NH2 1 
ATOM   74  N  N   . ASN A 1 19  ? -9.723  -6.835  1.826   1.00 70.27  ? 259  ASN A N   1 
ATOM   75  C  CA  . ASN A 1 19  ? -9.903  -6.625  3.253   1.00 69.68  ? 259  ASN A CA  1 
ATOM   76  C  C   . ASN A 1 19  ? -10.758 -5.392  3.494   1.00 68.98  ? 259  ASN A C   1 
ATOM   77  O  O   . ASN A 1 19  ? -10.240 -4.295  3.717   1.00 68.32  ? 259  ASN A O   1 
ATOM   78  C  CB  . ASN A 1 19  ? -8.557  -6.455  3.959   1.00 70.77  ? 259  ASN A CB  1 
ATOM   79  C  CG  . ASN A 1 19  ? -8.705  -6.333  5.469   1.00 71.21  ? 259  ASN A CG  1 
ATOM   80  O  OD1 . ASN A 1 19  ? -9.721  -5.843  5.965   1.00 71.39  ? 259  ASN A OD1 1 
ATOM   81  N  ND2 . ASN A 1 19  ? -7.687  -6.765  6.203   1.00 70.78  ? 259  ASN A ND2 1 
ATOM   82  N  N   . PRO A 1 20  ? -12.087 -5.560  3.443   1.00 68.86  ? 260  PRO A N   1 
ATOM   83  C  CA  . PRO A 1 20  ? -13.057 -4.481  3.653   1.00 67.43  ? 260  PRO A CA  1 
ATOM   84  C  C   . PRO A 1 20  ? -12.864 -3.712  4.961   1.00 66.20  ? 260  PRO A C   1 
ATOM   85  O  O   . PRO A 1 20  ? -12.946 -2.485  4.986   1.00 66.17  ? 260  PRO A O   1 
ATOM   86  C  CB  . PRO A 1 20  ? -14.388 -5.219  3.595   1.00 66.93  ? 260  PRO A CB  1 
ATOM   87  C  CG  . PRO A 1 20  ? -14.123 -6.261  2.551   1.00 66.92  ? 260  PRO A CG  1 
ATOM   88  C  CD  . PRO A 1 20  ? -12.766 -6.785  2.977   1.00 68.71  ? 260  PRO A CD  1 
ATOM   89  N  N   . SER A 1 21  ? -12.595 -4.431  6.041   1.00 65.01  ? 261  SER A N   1 
ATOM   90  C  CA  . SER A 1 21  ? -12.401 -3.794  7.340   1.00 65.27  ? 261  SER A CA  1 
ATOM   91  C  C   . SER A 1 21  ? -11.232 -2.802  7.377   1.00 65.08  ? 261  SER A C   1 
ATOM   92  O  O   . SER A 1 21  ? -11.034 -2.096  8.368   1.00 63.32  ? 261  SER A O   1 
ATOM   93  C  CB  . SER A 1 21  ? -12.192 -4.866  8.412   1.00 65.28  ? 261  SER A CB  1 
ATOM   94  O  OG  . SER A 1 21  ? -11.088 -5.691  8.090   1.00 64.82  ? 261  SER A OG  1 
ATOM   95  N  N   . MET A 1 22  ? -10.462 -2.752  6.299   1.00 65.81  ? 262  MET A N   1 
ATOM   96  C  CA  . MET A 1 22  ? -9.308  -1.867  6.236   1.00 67.74  ? 262  MET A CA  1 
ATOM   97  C  C   . MET A 1 22  ? -9.403  -0.858  5.094   1.00 69.36  ? 262  MET A C   1 
ATOM   98  O  O   . MET A 1 22  ? -8.385  -0.375  4.597   1.00 70.07  ? 262  MET A O   1 
ATOM   99  C  CB  . MET A 1 22  ? -8.027  -2.698  6.084   1.00 66.28  ? 262  MET A CB  1 
ATOM   100 C  CG  . MET A 1 22  ? -7.571  -3.414  7.346   1.00 64.17  ? 262  MET A CG  1 
ATOM   101 S  SD  . MET A 1 22  ? -7.015  -2.265  8.634   1.00 64.50  ? 262  MET A SD  1 
ATOM   102 C  CE  . MET A 1 22  ? -7.848  -2.901  10.050  1.00 64.05  ? 262  MET A CE  1 
ATOM   103 N  N   . ALA A 1 23  ? -10.621 -0.525  4.688   1.00 70.15  ? 263  ALA A N   1 
ATOM   104 C  CA  . ALA A 1 23  ? -10.796 0.412   3.593   1.00 71.03  ? 263  ALA A CA  1 
ATOM   105 C  C   . ALA A 1 23  ? -10.758 1.879   4.019   1.00 71.86  ? 263  ALA A C   1 
ATOM   106 O  O   . ALA A 1 23  ? -10.802 2.770   3.174   1.00 71.80  ? 263  ALA A O   1 
ATOM   107 C  CB  . ALA A 1 23  ? -12.093 0.106   2.867   1.00 69.53  ? 263  ALA A CB  1 
ATOM   108 N  N   . ASP A 1 24  ? -10.652 2.137   5.319   1.00 73.85  ? 264  ASP A N   1 
ATOM   109 C  CA  . ASP A 1 24  ? -10.633 3.516   5.808   1.00 75.92  ? 264  ASP A CA  1 
ATOM   110 C  C   . ASP A 1 24  ? -9.309  3.960   6.381   1.00 74.38  ? 264  ASP A C   1 
ATOM   111 O  O   . ASP A 1 24  ? -8.790  3.346   7.310   1.00 72.90  ? 264  ASP A O   1 
ATOM   112 C  CB  . ASP A 1 24  ? -11.685 3.716   6.892   1.00 81.23  ? 264  ASP A CB  1 
ATOM   113 C  CG  . ASP A 1 24  ? -12.999 3.066   6.545   1.00 86.41  ? 264  ASP A CG  1 
ATOM   114 O  OD1 . ASP A 1 24  ? -13.684 3.555   5.611   1.00 88.49  ? 264  ASP A OD1 1 
ATOM   115 O  OD2 . ASP A 1 24  ? -13.335 2.054   7.209   1.00 88.63  ? 264  ASP A OD2 1 
ATOM   116 N  N   . TYR A 1 25  ? -8.791  5.055   5.837   1.00 74.05  ? 265  TYR A N   1 
ATOM   117 C  CA  . TYR A 1 25  ? -7.535  5.625   6.297   1.00 74.26  ? 265  TYR A CA  1 
ATOM   118 C  C   . TYR A 1 25  ? -7.469  5.550   7.821   1.00 74.93  ? 265  TYR A C   1 
ATOM   119 O  O   . TYR A 1 25  ? -6.401  5.351   8.398   1.00 76.04  ? 265  TYR A O   1 
ATOM   120 C  CB  . TYR A 1 25  ? -7.434  7.088   5.860   1.00 72.63  ? 265  TYR A CB  1 
ATOM   121 C  CG  . TYR A 1 25  ? -6.207  7.792   6.381   1.00 72.82  ? 265  TYR A CG  1 
ATOM   122 C  CD1 . TYR A 1 25  ? -5.035  7.841   5.628   1.00 73.94  ? 265  TYR A CD1 1 
ATOM   123 C  CD2 . TYR A 1 25  ? -6.201  8.375   7.650   1.00 73.59  ? 265  TYR A CD2 1 
ATOM   124 C  CE1 . TYR A 1 25  ? -3.882  8.452   6.124   1.00 74.87  ? 265  TYR A CE1 1 
ATOM   125 C  CE2 . TYR A 1 25  ? -5.057  8.987   8.160   1.00 74.54  ? 265  TYR A CE2 1 
ATOM   126 C  CZ  . TYR A 1 25  ? -3.900  9.021   7.392   1.00 75.38  ? 265  TYR A CZ  1 
ATOM   127 O  OH  . TYR A 1 25  ? -2.758  9.612   7.891   1.00 76.42  ? 265  TYR A OH  1 
ATOM   128 N  N   . GLU A 1 26  ? -8.619  5.710   8.469   1.00 74.89  ? 266  GLU A N   1 
ATOM   129 C  CA  . GLU A 1 26  ? -8.672  5.665   9.923   1.00 74.55  ? 266  GLU A CA  1 
ATOM   130 C  C   . GLU A 1 26  ? -8.343  4.280   10.429  1.00 72.07  ? 266  GLU A C   1 
ATOM   131 O  O   . GLU A 1 26  ? -7.457  4.104   11.266  1.00 70.58  ? 266  GLU A O   1 
ATOM   132 C  CB  . GLU A 1 26  ? -10.059 6.079   10.420  1.00 77.47  ? 266  GLU A CB  1 
ATOM   133 C  CG  . GLU A 1 26  ? -10.401 7.520   10.098  1.00 81.70  ? 266  GLU A CG  1 
ATOM   134 C  CD  . GLU A 1 26  ? -9.193  8.440   10.235  1.00 84.72  ? 266  GLU A CD  1 
ATOM   135 O  OE1 . GLU A 1 26  ? -8.474  8.333   11.256  1.00 85.91  ? 266  GLU A OE1 1 
ATOM   136 O  OE2 . GLU A 1 26  ? -8.967  9.268   9.321   1.00 85.43  ? 266  GLU A OE2 1 
ATOM   137 N  N   . ALA A 1 27  ? -9.072  3.299   9.913   1.00 70.15  ? 267  ALA A N   1 
ATOM   138 C  CA  . ALA A 1 27  ? -8.870  1.916   10.304  1.00 68.89  ? 267  ALA A CA  1 
ATOM   139 C  C   . ALA A 1 27  ? -7.399  1.558   10.140  1.00 68.44  ? 267  ALA A C   1 
ATOM   140 O  O   . ALA A 1 27  ? -6.755  1.065   11.073  1.00 68.23  ? 267  ALA A O   1 
ATOM   141 C  CB  . ALA A 1 27  ? -9.729  1.011   9.441   1.00 68.84  ? 267  ALA A CB  1 
ATOM   142 N  N   . ARG A 1 28  ? -6.878  1.833   8.945   1.00 66.80  ? 268  ARG A N   1 
ATOM   143 C  CA  . ARG A 1 28  ? -5.492  1.543   8.606   1.00 64.80  ? 268  ARG A CA  1 
ATOM   144 C  C   . ARG A 1 28  ? -4.479  2.281   9.474   1.00 64.24  ? 268  ARG A C   1 
ATOM   145 O  O   . ARG A 1 28  ? -3.669  1.659   10.161  1.00 65.17  ? 268  ARG A O   1 
ATOM   146 C  CB  . ARG A 1 28  ? -5.233  1.862   7.127   1.00 62.92  ? 268  ARG A CB  1 
ATOM   147 C  CG  . ARG A 1 28  ? -6.075  1.040   6.157   1.00 61.54  ? 268  ARG A CG  1 
ATOM   148 C  CD  . ARG A 1 28  ? -5.423  0.972   4.780   1.00 61.41  ? 268  ARG A CD  1 
ATOM   149 N  NE  . ARG A 1 28  ? -5.324  2.283   4.151   1.00 62.66  ? 268  ARG A NE  1 
ATOM   150 C  CZ  . ARG A 1 28  ? -6.333  2.904   3.547   1.00 63.70  ? 268  ARG A CZ  1 
ATOM   151 N  NH1 . ARG A 1 28  ? -7.529  2.334   3.476   1.00 63.75  ? 268  ARG A NH1 1 
ATOM   152 N  NH2 . ARG A 1 28  ? -6.145  4.107   3.023   1.00 64.27  ? 268  ARG A NH2 1 
ATOM   153 N  N   . ILE A 1 29  ? -4.519  3.605   9.449   1.00 62.85  ? 269  ILE A N   1 
ATOM   154 C  CA  . ILE A 1 29  ? -3.578  4.393   10.232  1.00 61.21  ? 269  ILE A CA  1 
ATOM   155 C  C   . ILE A 1 29  ? -3.470  3.898   11.677  1.00 60.20  ? 269  ILE A C   1 
ATOM   156 O  O   . ILE A 1 29  ? -2.397  3.930   12.281  1.00 58.85  ? 269  ILE A O   1 
ATOM   157 C  CB  . ILE A 1 29  ? -3.981  5.883   10.239  1.00 61.45  ? 269  ILE A CB  1 
ATOM   158 C  CG1 . ILE A 1 29  ? -2.815  6.733   10.748  1.00 60.02  ? 269  ILE A CG1 1 
ATOM   159 C  CG2 . ILE A 1 29  ? -5.233  6.087   11.097  1.00 61.02  ? 269  ILE A CG2 1 
ATOM   160 C  CD1 . ILE A 1 29  ? -1.576  6.637   9.884   1.00 60.55  ? 269  ILE A CD1 1 
ATOM   161 N  N   . PHE A 1 30  ? -4.585  3.429   12.223  1.00 60.13  ? 270  PHE A N   1 
ATOM   162 C  CA  . PHE A 1 30  ? -4.603  2.949   13.595  1.00 61.42  ? 270  PHE A CA  1 
ATOM   163 C  C   . PHE A 1 30  ? -3.621  1.810   13.859  1.00 60.94  ? 270  PHE A C   1 
ATOM   164 O  O   . PHE A 1 30  ? -3.085  1.680   14.963  1.00 60.15  ? 270  PHE A O   1 
ATOM   165 C  CB  . PHE A 1 30  ? -6.013  2.500   13.966  1.00 64.53  ? 270  PHE A CB  1 
ATOM   166 C  CG  . PHE A 1 30  ? -6.144  2.047   15.390  1.00 67.97  ? 270  PHE A CG  1 
ATOM   167 C  CD1 . PHE A 1 30  ? -5.639  2.828   16.429  1.00 69.01  ? 270  PHE A CD1 1 
ATOM   168 C  CD2 . PHE A 1 30  ? -6.780  0.844   15.697  1.00 69.68  ? 270  PHE A CD2 1 
ATOM   169 C  CE1 . PHE A 1 30  ? -5.764  2.421   17.755  1.00 70.19  ? 270  PHE A CE1 1 
ATOM   170 C  CE2 . PHE A 1 30  ? -6.913  0.424   17.021  1.00 70.21  ? 270  PHE A CE2 1 
ATOM   171 C  CZ  . PHE A 1 30  ? -6.404  1.215   18.053  1.00 70.71  ? 270  PHE A CZ  1 
ATOM   172 N  N   . THR A 1 31  ? -3.391  0.986   12.842  1.00 60.49  ? 271  THR A N   1 
ATOM   173 C  CA  . THR A 1 31  ? -2.483  -0.148  12.963  1.00 58.31  ? 271  THR A CA  1 
ATOM   174 C  C   . THR A 1 31  ? -1.036  0.280   13.178  1.00 58.71  ? 271  THR A C   1 
ATOM   175 O  O   . THR A 1 31  ? -0.225  -0.506  13.668  1.00 59.51  ? 271  THR A O   1 
ATOM   176 C  CB  . THR A 1 31  ? -2.522  -1.041  11.710  1.00 56.86  ? 271  THR A CB  1 
ATOM   177 O  OG1 . THR A 1 31  ? -1.903  -0.355  10.619  1.00 54.27  ? 271  THR A OG1 1 
ATOM   178 C  CG2 . THR A 1 31  ? -3.965  -1.392  11.343  1.00 55.19  ? 271  THR A CG2 1 
ATOM   179 N  N   . PHE A 1 32  ? -0.714  1.517   12.810  1.00 57.62  ? 272  PHE A N   1 
ATOM   180 C  CA  . PHE A 1 32  ? 0.645   2.023   12.966  1.00 56.79  ? 272  PHE A CA  1 
ATOM   181 C  C   . PHE A 1 32  ? 0.857   2.702   14.311  1.00 58.07  ? 272  PHE A C   1 
ATOM   182 O  O   . PHE A 1 32  ? 1.810   3.479   14.492  1.00 58.26  ? 272  PHE A O   1 
ATOM   183 C  CB  . PHE A 1 32  ? 0.975   2.997   11.838  1.00 54.64  ? 272  PHE A CB  1 
ATOM   184 C  CG  . PHE A 1 32  ? 1.001   2.357   10.478  1.00 54.68  ? 272  PHE A CG  1 
ATOM   185 C  CD1 . PHE A 1 32  ? -0.155  2.289   9.700   1.00 53.23  ? 272  PHE A CD1 1 
ATOM   186 C  CD2 . PHE A 1 32  ? 2.183   1.801   9.979   1.00 53.66  ? 272  PHE A CD2 1 
ATOM   187 C  CE1 . PHE A 1 32  ? -0.139  1.675   8.439   1.00 51.72  ? 272  PHE A CE1 1 
ATOM   188 C  CE2 . PHE A 1 32  ? 2.214   1.184   8.724   1.00 52.69  ? 272  PHE A CE2 1 
ATOM   189 C  CZ  . PHE A 1 32  ? 1.047   1.122   7.951   1.00 52.71  ? 272  PHE A CZ  1 
ATOM   190 N  N   . GLY A 1 33  ? -0.027  2.388   15.258  1.00 57.60  ? 273  GLY A N   1 
ATOM   191 C  CA  . GLY A 1 33  ? 0.049   2.979   16.579  1.00 57.28  ? 273  GLY A CA  1 
ATOM   192 C  C   . GLY A 1 33  ? 1.400   2.868   17.264  1.00 58.05  ? 273  GLY A C   1 
ATOM   193 O  O   . GLY A 1 33  ? 1.852   3.814   17.915  1.00 59.31  ? 273  GLY A O   1 
ATOM   194 N  N   . THR A 1 34  ? 2.055   1.721   17.112  1.00 56.31  ? 274  THR A N   1 
ATOM   195 C  CA  . THR A 1 34  ? 3.339   1.490   17.760  1.00 54.13  ? 274  THR A CA  1 
ATOM   196 C  C   . THR A 1 34  ? 4.529   1.440   16.808  1.00 53.93  ? 274  THR A C   1 
ATOM   197 O  O   . THR A 1 34  ? 5.668   1.282   17.247  1.00 55.22  ? 274  THR A O   1 
ATOM   198 C  CB  . THR A 1 34  ? 3.298   0.181   18.551  1.00 53.29  ? 274  THR A CB  1 
ATOM   199 O  OG1 . THR A 1 34  ? 3.008   -0.899  17.658  1.00 51.85  ? 274  THR A OG1 1 
ATOM   200 C  CG2 . THR A 1 34  ? 2.221   0.242   19.629  1.00 51.71  ? 274  THR A CG2 1 
ATOM   201 N  N   . TRP A 1 35  ? 4.255   1.568   15.515  1.00 52.08  ? 275  TRP A N   1 
ATOM   202 C  CA  . TRP A 1 35  ? 5.269   1.548   14.452  1.00 49.87  ? 275  TRP A CA  1 
ATOM   203 C  C   . TRP A 1 35  ? 6.635   2.121   14.887  1.00 49.91  ? 275  TRP A C   1 
ATOM   204 O  O   . TRP A 1 35  ? 6.759   3.307   15.200  1.00 49.63  ? 275  TRP A O   1 
ATOM   205 C  CB  . TRP A 1 35  ? 4.712   2.334   13.261  1.00 46.62  ? 275  TRP A CB  1 
ATOM   206 C  CG  . TRP A 1 35  ? 5.400   2.130   11.954  1.00 41.94  ? 275  TRP A CG  1 
ATOM   207 C  CD1 . TRP A 1 35  ? 6.031   3.084   11.200  1.00 40.55  ? 275  TRP A CD1 1 
ATOM   208 C  CD2 . TRP A 1 35  ? 5.417   0.931   11.178  1.00 40.85  ? 275  TRP A CD2 1 
ATOM   209 N  NE1 . TRP A 1 35  ? 6.430   2.554   9.998   1.00 38.42  ? 275  TRP A NE1 1 
ATOM   210 C  CE2 . TRP A 1 35  ? 6.066   1.232   9.958   1.00 40.73  ? 275  TRP A CE2 1 
ATOM   211 C  CE3 . TRP A 1 35  ? 4.943   -0.372  11.391  1.00 39.92  ? 275  TRP A CE3 1 
ATOM   212 C  CZ2 . TRP A 1 35  ? 6.251   0.272   8.950   1.00 39.61  ? 275  TRP A CZ2 1 
ATOM   213 C  CZ3 . TRP A 1 35  ? 5.126   -1.325  10.390  1.00 38.20  ? 275  TRP A CZ3 1 
ATOM   214 C  CH2 . TRP A 1 35  ? 5.775   -0.996  9.184   1.00 39.43  ? 275  TRP A CH2 1 
ATOM   215 N  N   . ILE A 1 36  ? 7.666   1.281   14.900  1.00 50.28  ? 276  ILE A N   1 
ATOM   216 C  CA  . ILE A 1 36  ? 8.989   1.742   15.319  1.00 49.69  ? 276  ILE A CA  1 
ATOM   217 C  C   . ILE A 1 36  ? 9.909   2.041   14.143  1.00 51.15  ? 276  ILE A C   1 
ATOM   218 O  O   . ILE A 1 36  ? 11.087  2.366   14.330  1.00 50.23  ? 276  ILE A O   1 
ATOM   219 C  CB  . ILE A 1 36  ? 9.681   0.715   16.278  1.00 47.73  ? 276  ILE A CB  1 
ATOM   220 C  CG1 . ILE A 1 36  ? 9.835   -0.653  15.604  1.00 45.86  ? 276  ILE A CG1 1 
ATOM   221 C  CG2 . ILE A 1 36  ? 8.877   0.578   17.567  1.00 46.46  ? 276  ILE A CG2 1 
ATOM   222 C  CD1 . ILE A 1 36  ? 11.139  -0.852  14.874  1.00 43.57  ? 276  ILE A CD1 1 
ATOM   223 N  N   . TYR A 1 37  ? 9.363   1.959   12.934  1.00 52.88  ? 277  TYR A N   1 
ATOM   224 C  CA  . TYR A 1 37  ? 10.160  2.206   11.739  1.00 55.74  ? 277  TYR A CA  1 
ATOM   225 C  C   . TYR A 1 37  ? 10.059  3.634   11.218  1.00 56.90  ? 277  TYR A C   1 
ATOM   226 O  O   . TYR A 1 37  ? 9.060   4.316   11.449  1.00 57.37  ? 277  TYR A O   1 
ATOM   227 C  CB  . TYR A 1 37  ? 9.780   1.197   10.658  1.00 55.97  ? 277  TYR A CB  1 
ATOM   228 C  CG  . TYR A 1 37  ? 9.986   -0.232  11.119  1.00 57.66  ? 277  TYR A CG  1 
ATOM   229 C  CD1 . TYR A 1 37  ? 8.960   -0.944  11.741  1.00 56.99  ? 277  TYR A CD1 1 
ATOM   230 C  CD2 . TYR A 1 37  ? 11.232  -0.852  10.987  1.00 58.36  ? 277  TYR A CD2 1 
ATOM   231 C  CE1 . TYR A 1 37  ? 9.170   -2.239  12.217  1.00 58.16  ? 277  TYR A CE1 1 
ATOM   232 C  CE2 . TYR A 1 37  ? 11.455  -2.143  11.463  1.00 58.77  ? 277  TYR A CE2 1 
ATOM   233 C  CZ  . TYR A 1 37  ? 10.421  -2.831  12.077  1.00 58.83  ? 277  TYR A CZ  1 
ATOM   234 O  OH  . TYR A 1 37  ? 10.643  -4.106  12.548  1.00 59.73  ? 277  TYR A OH  1 
ATOM   235 N  N   . SER A 1 38  ? 11.097  4.080   10.514  1.00 57.95  ? 278  SER A N   1 
ATOM   236 C  CA  . SER A 1 38  ? 11.135  5.444   9.997   1.00 59.16  ? 278  SER A CA  1 
ATOM   237 C  C   . SER A 1 38  ? 10.301  5.727   8.749   1.00 59.56  ? 278  SER A C   1 
ATOM   238 O  O   . SER A 1 38  ? 10.186  6.882   8.341   1.00 59.74  ? 278  SER A O   1 
ATOM   239 C  CB  . SER A 1 38  ? 12.581  5.878   9.751   1.00 58.98  ? 278  SER A CB  1 
ATOM   240 O  OG  . SER A 1 38  ? 13.174  5.131   8.706   1.00 63.96  ? 278  SER A OG  1 
ATOM   241 N  N   . VAL A 1 39  ? 9.729   4.698   8.128   1.00 60.61  ? 279  VAL A N   1 
ATOM   242 C  CA  . VAL A 1 39  ? 8.887   4.928   6.955   1.00 60.81  ? 279  VAL A CA  1 
ATOM   243 C  C   . VAL A 1 39  ? 7.600   5.585   7.428   1.00 61.49  ? 279  VAL A C   1 
ATOM   244 O  O   . VAL A 1 39  ? 6.939   5.081   8.337   1.00 59.90  ? 279  VAL A O   1 
ATOM   245 C  CB  . VAL A 1 39  ? 8.541   3.626   6.216   1.00 61.12  ? 279  VAL A CB  1 
ATOM   246 C  CG1 . VAL A 1 39  ? 9.594   3.342   5.156   1.00 61.64  ? 279  VAL A CG1 1 
ATOM   247 C  CG2 . VAL A 1 39  ? 8.456   2.472   7.205   1.00 60.78  ? 279  VAL A CG2 1 
ATOM   248 N  N   . ASN A 1 40  ? 7.260   6.713   6.809   1.00 63.75  ? 280  ASN A N   1 
ATOM   249 C  CA  . ASN A 1 40  ? 6.070   7.476   7.176   1.00 65.17  ? 280  ASN A CA  1 
ATOM   250 C  C   . ASN A 1 40  ? 4.751   6.710   7.110   1.00 64.57  ? 280  ASN A C   1 
ATOM   251 O  O   . ASN A 1 40  ? 4.238   6.386   6.031   1.00 61.51  ? 280  ASN A O   1 
ATOM   252 C  CB  . ASN A 1 40  ? 5.959   8.739   6.324   1.00 67.17  ? 280  ASN A CB  1 
ATOM   253 C  CG  . ASN A 1 40  ? 4.694   9.514   6.624   1.00 70.36  ? 280  ASN A CG  1 
ATOM   254 O  OD1 . ASN A 1 40  ? 4.477   9.954   7.759   1.00 71.40  ? 280  ASN A OD1 1 
ATOM   255 N  ND2 . ASN A 1 40  ? 3.840   9.672   5.616   1.00 71.35  ? 280  ASN A ND2 1 
ATOM   256 N  N   . LYS A 1 41  ? 4.192   6.460   8.287   1.00 64.53  ? 281  LYS A N   1 
ATOM   257 C  CA  . LYS A 1 41  ? 2.947   5.728   8.391   1.00 66.56  ? 281  LYS A CA  1 
ATOM   258 C  C   . LYS A 1 41  ? 1.741   6.409   7.735   1.00 67.60  ? 281  LYS A C   1 
ATOM   259 O  O   . LYS A 1 41  ? 0.779   5.736   7.357   1.00 68.50  ? 281  LYS A O   1 
ATOM   260 C  CB  . LYS A 1 41  ? 2.660   5.431   9.859   1.00 66.61  ? 281  LYS A CB  1 
ATOM   261 C  CG  . LYS A 1 41  ? 2.790   6.620   10.781  1.00 68.40  ? 281  LYS A CG  1 
ATOM   262 C  CD  . LYS A 1 41  ? 2.497   6.173   12.200  1.00 71.11  ? 281  LYS A CD  1 
ATOM   263 C  CE  . LYS A 1 41  ? 2.521   7.318   13.186  1.00 71.81  ? 281  LYS A CE  1 
ATOM   264 N  NZ  . LYS A 1 41  ? 2.141   6.820   14.539  1.00 73.83  ? 281  LYS A NZ  1 
ATOM   265 N  N   . GLU A 1 42  ? 1.780   7.734   7.602   1.00 67.17  ? 282  GLU A N   1 
ATOM   266 C  CA  . GLU A 1 42  ? 0.675   8.448   6.966   1.00 65.74  ? 282  GLU A CA  1 
ATOM   267 C  C   . GLU A 1 42  ? 0.658   8.064   5.495   1.00 64.03  ? 282  GLU A C   1 
ATOM   268 O  O   . GLU A 1 42  ? -0.379  7.678   4.945   1.00 62.13  ? 282  GLU A O   1 
ATOM   269 C  CB  . GLU A 1 42  ? 0.854   9.968   7.081   1.00 68.12  ? 282  GLU A CB  1 
ATOM   270 C  CG  . GLU A 1 42  ? 0.442   10.582  8.419   1.00 70.89  ? 282  GLU A CG  1 
ATOM   271 C  CD  . GLU A 1 42  ? 1.390   10.238  9.556   1.00 72.88  ? 282  GLU A CD  1 
ATOM   272 O  OE1 . GLU A 1 42  ? 2.614   10.469  9.403   1.00 71.98  ? 282  GLU A OE1 1 
ATOM   273 O  OE2 . GLU A 1 42  ? 0.905   9.745   10.602  1.00 73.42  ? 282  GLU A OE2 1 
ATOM   274 N  N   . GLN A 1 43  ? 1.824   8.179   4.867   1.00 62.29  ? 283  GLN A N   1 
ATOM   275 C  CA  . GLN A 1 43  ? 1.976   7.850   3.459   1.00 61.78  ? 283  GLN A CA  1 
ATOM   276 C  C   . GLN A 1 43  ? 1.564   6.406   3.212   1.00 60.23  ? 283  GLN A C   1 
ATOM   277 O  O   . GLN A 1 43  ? 0.857   6.104   2.248   1.00 59.31  ? 283  GLN A O   1 
ATOM   278 C  CB  . GLN A 1 43  ? 3.427   8.087   3.023   1.00 62.15  ? 283  GLN A CB  1 
ATOM   279 C  CG  . GLN A 1 43  ? 3.705   9.532   2.623   1.00 64.28  ? 283  GLN A CG  1 
ATOM   280 C  CD  . GLN A 1 43  ? 5.187   9.881   2.585   1.00 66.62  ? 283  GLN A CD  1 
ATOM   281 O  OE1 . GLN A 1 43  ? 5.839   10.000  3.628   1.00 67.31  ? 283  GLN A OE1 1 
ATOM   282 N  NE2 . GLN A 1 43  ? 5.727   10.046  1.379   1.00 67.60  ? 283  GLN A NE2 1 
ATOM   283 N  N   . LEU A 1 44  ? 2.004   5.522   4.101   1.00 59.30  ? 284  LEU A N   1 
ATOM   284 C  CA  . LEU A 1 44  ? 1.679   4.106   4.002   1.00 57.39  ? 284  LEU A CA  1 
ATOM   285 C  C   . LEU A 1 44  ? 0.175   3.888   4.044   1.00 56.25  ? 284  LEU A C   1 
ATOM   286 O  O   . LEU A 1 44  ? -0.383  3.181   3.202   1.00 55.46  ? 284  LEU A O   1 
ATOM   287 C  CB  . LEU A 1 44  ? 2.343   3.334   5.144   1.00 56.85  ? 284  LEU A CB  1 
ATOM   288 C  CG  . LEU A 1 44  ? 3.841   3.072   4.974   1.00 55.99  ? 284  LEU A CG  1 
ATOM   289 C  CD1 . LEU A 1 44  ? 4.414   2.525   6.271   1.00 53.68  ? 284  LEU A CD1 1 
ATOM   290 C  CD2 . LEU A 1 44  ? 4.061   2.103   3.815   1.00 52.85  ? 284  LEU A CD2 1 
ATOM   291 N  N   . ALA A 1 45  ? -0.478  4.492   5.031   1.00 55.14  ? 285  ALA A N   1 
ATOM   292 C  CA  . ALA A 1 45  ? -1.920  4.364   5.166   1.00 54.97  ? 285  ALA A CA  1 
ATOM   293 C  C   . ALA A 1 45  ? -2.607  4.971   3.938   1.00 56.78  ? 285  ALA A C   1 
ATOM   294 O  O   . ALA A 1 45  ? -3.556  4.398   3.392   1.00 56.34  ? 285  ALA A O   1 
ATOM   295 C  CB  . ALA A 1 45  ? -2.385  5.054   6.433   1.00 52.43  ? 285  ALA A CB  1 
ATOM   296 N  N   . ARG A 1 46  ? -2.119  6.128   3.497   1.00 57.96  ? 286  ARG A N   1 
ATOM   297 C  CA  . ARG A 1 46  ? -2.700  6.778   2.334   1.00 58.00  ? 286  ARG A CA  1 
ATOM   298 C  C   . ARG A 1 46  ? -2.489  5.953   1.069   1.00 54.95  ? 286  ARG A C   1 
ATOM   299 O  O   . ARG A 1 46  ? -3.354  5.928   0.187   1.00 52.98  ? 286  ARG A O   1 
ATOM   300 C  CB  . ARG A 1 46  ? -2.123  8.189   2.157   1.00 62.59  ? 286  ARG A CB  1 
ATOM   301 C  CG  . ARG A 1 46  ? -2.662  9.209   3.163   1.00 68.66  ? 286  ARG A CG  1 
ATOM   302 C  CD  . ARG A 1 46  ? -2.495  10.652  2.663   1.00 73.68  ? 286  ARG A CD  1 
ATOM   303 N  NE  . ARG A 1 46  ? -1.096  11.015  2.398   1.00 78.34  ? 286  ARG A NE  1 
ATOM   304 C  CZ  . ARG A 1 46  ? -0.209  11.397  3.322   1.00 79.20  ? 286  ARG A CZ  1 
ATOM   305 N  NH1 . ARG A 1 46  ? -0.558  11.478  4.602   1.00 80.43  ? 286  ARG A NH1 1 
ATOM   306 N  NH2 . ARG A 1 46  ? 1.038   11.696  2.965   1.00 77.70  ? 286  ARG A NH2 1 
ATOM   307 N  N   . ALA A 1 47  ? -1.344  5.280   0.977   1.00 51.87  ? 287  ALA A N   1 
ATOM   308 C  CA  . ALA A 1 47  ? -1.056  4.445   -0.185  1.00 49.81  ? 287  ALA A CA  1 
ATOM   309 C  C   . ALA A 1 47  ? -1.864  3.147   -0.103  1.00 48.88  ? 287  ALA A C   1 
ATOM   310 O  O   . ALA A 1 47  ? -1.755  2.280   -0.970  1.00 46.61  ? 287  ALA A O   1 
ATOM   311 C  CB  . ALA A 1 47  ? 0.427   4.144   -0.273  1.00 49.93  ? 287  ALA A CB  1 
ATOM   312 N  N   . GLY A 1 48  ? -2.670  3.029   0.952   1.00 49.18  ? 288  GLY A N   1 
ATOM   313 C  CA  . GLY A 1 48  ? -3.532  1.872   1.129   1.00 49.69  ? 288  GLY A CA  1 
ATOM   314 C  C   . GLY A 1 48  ? -3.019  0.705   1.951   1.00 50.05  ? 288  GLY A C   1 
ATOM   315 O  O   . GLY A 1 48  ? -3.587  -0.387  1.891   1.00 51.07  ? 288  GLY A O   1 
ATOM   316 N  N   . PHE A 1 49  ? -1.971  0.925   2.737   1.00 49.01  ? 289  PHE A N   1 
ATOM   317 C  CA  . PHE A 1 49  ? -1.394  -0.147  3.537   1.00 48.48  ? 289  PHE A CA  1 
ATOM   318 C  C   . PHE A 1 49  ? -1.720  -0.049  5.013   1.00 49.61  ? 289  PHE A C   1 
ATOM   319 O  O   . PHE A 1 49  ? -2.055  1.022   5.517   1.00 50.56  ? 289  PHE A O   1 
ATOM   320 C  CB  . PHE A 1 49  ? 0.128   -0.146  3.410   1.00 45.77  ? 289  PHE A CB  1 
ATOM   321 C  CG  . PHE A 1 49  ? 0.628   -0.297  2.007   1.00 44.16  ? 289  PHE A CG  1 
ATOM   322 C  CD1 . PHE A 1 49  ? 0.607   -1.530  1.376   1.00 43.92  ? 289  PHE A CD1 1 
ATOM   323 C  CD2 . PHE A 1 49  ? 1.161   0.792   1.327   1.00 43.51  ? 289  PHE A CD2 1 
ATOM   324 C  CE1 . PHE A 1 49  ? 1.118   -1.680  0.085   1.00 44.55  ? 289  PHE A CE1 1 
ATOM   325 C  CE2 . PHE A 1 49  ? 1.673   0.652   0.035   1.00 43.64  ? 289  PHE A CE2 1 
ATOM   326 C  CZ  . PHE A 1 49  ? 1.652   -0.585  -0.586  1.00 43.27  ? 289  PHE A CZ  1 
ATOM   327 N  N   . TYR A 1 50  ? -1.621  -1.184  5.699   1.00 50.11  ? 290  TYR A N   1 
ATOM   328 C  CA  . TYR A 1 50  ? -1.819  -1.244  7.144   1.00 49.55  ? 290  TYR A CA  1 
ATOM   329 C  C   . TYR A 1 50  ? -0.775  -2.238  7.655   1.00 49.53  ? 290  TYR A C   1 
ATOM   330 O  O   . TYR A 1 50  ? -0.332  -3.126  6.912   1.00 47.58  ? 290  TYR A O   1 
ATOM   331 C  CB  . TYR A 1 50  ? -3.243  -1.676  7.510   1.00 47.93  ? 290  TYR A CB  1 
ATOM   332 C  CG  . TYR A 1 50  ? -3.655  -3.003  6.936   1.00 50.30  ? 290  TYR A CG  1 
ATOM   333 C  CD1 . TYR A 1 50  ? -3.798  -4.125  7.755   1.00 48.80  ? 290  TYR A CD1 1 
ATOM   334 C  CD2 . TYR A 1 50  ? -3.906  -3.142  5.569   1.00 50.40  ? 290  TYR A CD2 1 
ATOM   335 C  CE1 . TYR A 1 50  ? -4.183  -5.350  7.227   1.00 48.61  ? 290  TYR A CE1 1 
ATOM   336 C  CE2 . TYR A 1 50  ? -4.291  -4.367  5.031   1.00 51.45  ? 290  TYR A CE2 1 
ATOM   337 C  CZ  . TYR A 1 50  ? -4.427  -5.465  5.867   1.00 50.70  ? 290  TYR A CZ  1 
ATOM   338 O  OH  . TYR A 1 50  ? -4.795  -6.676  5.336   1.00 52.43  ? 290  TYR A OH  1 
ATOM   339 N  N   . ALA A 1 51  ? -0.377  -2.060  8.912   1.00 50.50  ? 291  ALA A N   1 
ATOM   340 C  CA  . ALA A 1 51  ? 0.645   -2.884  9.554   1.00 51.46  ? 291  ALA A CA  1 
ATOM   341 C  C   . ALA A 1 51  ? 0.137   -4.220  10.087  1.00 52.53  ? 291  ALA A C   1 
ATOM   342 O  O   . ALA A 1 51  ? -0.912  -4.283  10.733  1.00 53.27  ? 291  ALA A O   1 
ATOM   343 C  CB  . ALA A 1 51  ? 1.292   -2.093  10.684  1.00 49.15  ? 291  ALA A CB  1 
ATOM   344 N  N   . LEU A 1 52  ? 0.898   -5.283  9.825   1.00 52.57  ? 292  LEU A N   1 
ATOM   345 C  CA  . LEU A 1 52  ? 0.531   -6.616  10.293  1.00 51.91  ? 292  LEU A CA  1 
ATOM   346 C  C   . LEU A 1 52  ? 1.031   -6.894  11.703  1.00 53.20  ? 292  LEU A C   1 
ATOM   347 O  O   . LEU A 1 52  ? 0.849   -7.990  12.226  1.00 53.62  ? 292  LEU A O   1 
ATOM   348 C  CB  . LEU A 1 52  ? 1.068   -7.682  9.348   1.00 49.85  ? 292  LEU A CB  1 
ATOM   349 C  CG  . LEU A 1 52  ? 0.519   -7.597  7.926   1.00 50.20  ? 292  LEU A CG  1 
ATOM   350 C  CD1 . LEU A 1 52  ? 0.913   -8.848  7.161   1.00 47.57  ? 292  LEU A CD1 1 
ATOM   351 C  CD2 . LEU A 1 52  ? -0.993  -7.439  7.963   1.00 48.80  ? 292  LEU A CD2 1 
ATOM   352 N  N   . GLY A 1 53  ? 1.666   -5.903  12.317  1.00 54.07  ? 293  GLY A N   1 
ATOM   353 C  CA  . GLY A 1 53  ? 2.157   -6.081  13.671  1.00 55.78  ? 293  GLY A CA  1 
ATOM   354 C  C   . GLY A 1 53  ? 3.345   -7.019  13.826  1.00 56.81  ? 293  GLY A C   1 
ATOM   355 O  O   . GLY A 1 53  ? 3.692   -7.406  14.943  1.00 57.95  ? 293  GLY A O   1 
ATOM   356 N  N   . GLU A 1 54  ? 3.967   -7.404  12.720  1.00 56.34  ? 294  GLU A N   1 
ATOM   357 C  CA  . GLU A 1 54  ? 5.130   -8.274  12.796  1.00 56.05  ? 294  GLU A CA  1 
ATOM   358 C  C   . GLU A 1 54  ? 6.205   -7.783  11.834  1.00 53.54  ? 294  GLU A C   1 
ATOM   359 O  O   . GLU A 1 54  ? 6.139   -8.029  10.629  1.00 51.84  ? 294  GLU A O   1 
ATOM   360 C  CB  . GLU A 1 54  ? 4.753   -9.720  12.484  1.00 60.49  ? 294  GLU A CB  1 
ATOM   361 C  CG  . GLU A 1 54  ? 4.170   -9.936  11.110  1.00 68.28  ? 294  GLU A CG  1 
ATOM   362 C  CD  . GLU A 1 54  ? 4.243   -11.393 10.678  1.00 73.94  ? 294  GLU A CD  1 
ATOM   363 O  OE1 . GLU A 1 54  ? 5.382   -11.929 10.598  1.00 76.18  ? 294  GLU A OE1 1 
ATOM   364 O  OE2 . GLU A 1 54  ? 3.170   -11.995 10.419  1.00 74.87  ? 294  GLU A OE2 1 
ATOM   365 N  N   . GLY A 1 55  ? 7.196   -7.086  12.384  1.00 51.91  ? 295  GLY A N   1 
ATOM   366 C  CA  . GLY A 1 55  ? 8.267   -6.547  11.571  1.00 50.29  ? 295  GLY A CA  1 
ATOM   367 C  C   . GLY A 1 55  ? 7.780   -5.274  10.912  1.00 49.70  ? 295  GLY A C   1 
ATOM   368 O  O   . GLY A 1 55  ? 6.988   -4.530  11.498  1.00 49.41  ? 295  GLY A O   1 
ATOM   369 N  N   . ASP A 1 56  ? 8.245   -5.017  9.696   1.00 48.86  ? 296  ASP A N   1 
ATOM   370 C  CA  . ASP A 1 56  ? 7.823   -3.829  8.970   1.00 48.16  ? 296  ASP A CA  1 
ATOM   371 C  C   . ASP A 1 56  ? 6.922   -4.271  7.813   1.00 48.18  ? 296  ASP A C   1 
ATOM   372 O  O   . ASP A 1 56  ? 6.864   -3.634  6.760   1.00 48.02  ? 296  ASP A O   1 
ATOM   373 C  CB  . ASP A 1 56  ? 9.050   -3.066  8.451   1.00 46.62  ? 296  ASP A CB  1 
ATOM   374 C  CG  . ASP A 1 56  ? 9.714   -3.746  7.254   1.00 47.25  ? 296  ASP A CG  1 
ATOM   375 O  OD1 . ASP A 1 56  ? 9.474   -4.958  7.024   1.00 48.20  ? 296  ASP A OD1 1 
ATOM   376 O  OD2 . ASP A 1 56  ? 10.487  -3.060  6.550   1.00 43.74  ? 296  ASP A OD2 1 
ATOM   377 N  N   . LYS A 1 57  ? 6.206   -5.369  8.029   1.00 48.30  ? 297  LYS A N   1 
ATOM   378 C  CA  . LYS A 1 57  ? 5.314   -5.918  7.016   1.00 47.53  ? 297  LYS A CA  1 
ATOM   379 C  C   . LYS A 1 57  ? 3.961   -5.218  6.957   1.00 46.77  ? 297  LYS A C   1 
ATOM   380 O  O   . LYS A 1 57  ? 3.338   -4.917  7.987   1.00 45.00  ? 297  LYS A O   1 
ATOM   381 C  CB  . LYS A 1 57  ? 5.117   -7.414  7.258   1.00 48.92  ? 297  LYS A CB  1 
ATOM   382 C  CG  . LYS A 1 57  ? 6.383   -8.218  7.020   1.00 51.66  ? 297  LYS A CG  1 
ATOM   383 C  CD  . LYS A 1 57  ? 6.267   -9.662  7.505   1.00 53.33  ? 297  LYS A CD  1 
ATOM   384 C  CE  . LYS A 1 57  ? 5.290   -10.476 6.677   1.00 53.17  ? 297  LYS A CE  1 
ATOM   385 N  NZ  . LYS A 1 57  ? 5.512   -11.928 6.885   1.00 53.06  ? 297  LYS A NZ  1 
ATOM   386 N  N   . VAL A 1 58  ? 3.515   -4.960  5.731   1.00 44.88  ? 298  VAL A N   1 
ATOM   387 C  CA  . VAL A 1 58  ? 2.242   -4.299  5.507   1.00 43.48  ? 298  VAL A CA  1 
ATOM   388 C  C   . VAL A 1 58  ? 1.551   -4.903  4.299   1.00 43.68  ? 298  VAL A C   1 
ATOM   389 O  O   . VAL A 1 58  ? 2.185   -5.583  3.477   1.00 40.58  ? 298  VAL A O   1 
ATOM   390 C  CB  . VAL A 1 58  ? 2.423   -2.781  5.270   1.00 42.85  ? 298  VAL A CB  1 
ATOM   391 C  CG1 . VAL A 1 58  ? 2.989   -2.120  6.522   1.00 41.46  ? 298  VAL A CG1 1 
ATOM   392 C  CG2 . VAL A 1 58  ? 3.339   -2.546  4.068   1.00 40.14  ? 298  VAL A CG2 1 
ATOM   393 N  N   . LYS A 1 59  ? 0.247   -4.654  4.203   1.00 44.76  ? 299  LYS A N   1 
ATOM   394 C  CA  . LYS A 1 59  ? -0.539  -5.160  3.090   1.00 46.84  ? 299  LYS A CA  1 
ATOM   395 C  C   . LYS A 1 59  ? -1.483  -4.090  2.578   1.00 46.79  ? 299  LYS A C   1 
ATOM   396 O  O   . LYS A 1 59  ? -1.806  -3.138  3.289   1.00 46.96  ? 299  LYS A O   1 
ATOM   397 C  CB  . LYS A 1 59  ? -1.368  -6.371  3.519   1.00 48.95  ? 299  LYS A CB  1 
ATOM   398 C  CG  . LYS A 1 59  ? -0.591  -7.433  4.260   1.00 54.83  ? 299  LYS A CG  1 
ATOM   399 C  CD  . LYS A 1 59  ? -1.356  -8.745  4.310   1.00 57.62  ? 299  LYS A CD  1 
ATOM   400 C  CE  . LYS A 1 59  ? -1.502  -9.347  2.921   1.00 59.25  ? 299  LYS A CE  1 
ATOM   401 N  NZ  . LYS A 1 59  ? -2.252  -10.635 2.965   1.00 61.25  ? 299  LYS A NZ  1 
ATOM   402 N  N   . CYS A 1 60  ? -1.921  -4.259  1.336   1.00 47.48  ? 300  CYS A N   1 
ATOM   403 C  CA  . CYS A 1 60  ? -2.867  -3.341  0.726   1.00 47.56  ? 300  CYS A CA  1 
ATOM   404 C  C   . CYS A 1 60  ? -4.256  -3.907  0.949   1.00 47.98  ? 300  CYS A C   1 
ATOM   405 O  O   . CYS A 1 60  ? -4.564  -4.983  0.442   1.00 48.32  ? 300  CYS A O   1 
ATOM   406 C  CB  . CYS A 1 60  ? -2.627  -3.229  -0.774  1.00 47.33  ? 300  CYS A CB  1 
ATOM   407 S  SG  . CYS A 1 60  ? -3.851  -2.193  -1.560  1.00 41.42  ? 300  CYS A SG  1 
ATOM   408 N  N   . PHE A 1 61  ? -5.085  -3.187  1.699   1.00 48.70  ? 301  PHE A N   1 
ATOM   409 C  CA  . PHE A 1 61  ? -6.454  -3.626  1.998   1.00 49.32  ? 301  PHE A CA  1 
ATOM   410 C  C   . PHE A 1 61  ? -7.217  -4.020  0.734   1.00 47.19  ? 301  PHE A C   1 
ATOM   411 O  O   . PHE A 1 61  ? -8.146  -4.827  0.783   1.00 45.85  ? 301  PHE A O   1 
ATOM   412 C  CB  . PHE A 1 61  ? -7.234  -2.509  2.709   1.00 52.67  ? 301  PHE A CB  1 
ATOM   413 C  CG  . PHE A 1 61  ? -7.785  -1.458  1.770   1.00 56.85  ? 301  PHE A CG  1 
ATOM   414 C  CD1 . PHE A 1 61  ? -8.952  -1.694  1.039   1.00 57.13  ? 301  PHE A CD1 1 
ATOM   415 C  CD2 . PHE A 1 61  ? -7.105  -0.256  1.568   1.00 58.90  ? 301  PHE A CD2 1 
ATOM   416 C  CE1 . PHE A 1 61  ? -9.426  -0.757  0.119   1.00 57.26  ? 301  PHE A CE1 1 
ATOM   417 C  CE2 . PHE A 1 61  ? -7.575  0.690   0.647   1.00 58.90  ? 301  PHE A CE2 1 
ATOM   418 C  CZ  . PHE A 1 61  ? -8.736  0.435   -0.078  1.00 57.36  ? 301  PHE A CZ  1 
ATOM   419 N  N   . HIS A 1 62  ? -6.823  -3.447  -0.398  1.00 45.45  ? 302  HIS A N   1 
ATOM   420 C  CA  . HIS A 1 62  ? -7.519  -3.725  -1.635  1.00 44.75  ? 302  HIS A CA  1 
ATOM   421 C  C   . HIS A 1 62  ? -6.961  -4.875  -2.466  1.00 43.97  ? 302  HIS A C   1 
ATOM   422 O  O   . HIS A 1 62  ? -7.624  -5.904  -2.602  1.00 43.25  ? 302  HIS A O   1 
ATOM   423 C  CB  . HIS A 1 62  ? -7.605  -2.451  -2.475  1.00 46.55  ? 302  HIS A CB  1 
ATOM   424 C  CG  . HIS A 1 62  ? -8.694  -2.484  -3.502  1.00 48.67  ? 302  HIS A CG  1 
ATOM   425 N  ND1 . HIS A 1 62  ? -8.582  -3.182  -4.688  1.00 49.95  ? 302  HIS A ND1 1 
ATOM   426 C  CD2 . HIS A 1 62  ? -9.935  -1.942  -3.500  1.00 48.14  ? 302  HIS A CD2 1 
ATOM   427 C  CE1 . HIS A 1 62  ? -9.707  -3.069  -5.371  1.00 48.69  ? 302  HIS A CE1 1 
ATOM   428 N  NE2 . HIS A 1 62  ? -10.544 -2.322  -4.672  1.00 49.72  ? 302  HIS A NE2 1 
ATOM   429 N  N   . CYS A 1 63  ? -5.771  -4.715  -3.038  1.00 42.42  ? 303  CYS A N   1 
ATOM   430 C  CA  . CYS A 1 63  ? -5.204  -5.793  -3.838  1.00 41.90  ? 303  CYS A CA  1 
ATOM   431 C  C   . CYS A 1 63  ? -4.616  -6.857  -2.908  1.00 43.03  ? 303  CYS A C   1 
ATOM   432 O  O   . CYS A 1 63  ? -4.312  -7.980  -3.324  1.00 40.60  ? 303  CYS A O   1 
ATOM   433 C  CB  . CYS A 1 63  ? -4.123  -5.267  -4.785  1.00 41.54  ? 303  CYS A CB  1 
ATOM   434 S  SG  . CYS A 1 63  ? -2.638  -4.641  -3.978  1.00 42.55  ? 303  CYS A SG  1 
ATOM   435 N  N   . GLY A 1 64  ? -4.458  -6.492  -1.640  1.00 44.51  ? 304  GLY A N   1 
ATOM   436 C  CA  . GLY A 1 64  ? -3.926  -7.429  -0.667  1.00 45.15  ? 304  GLY A CA  1 
ATOM   437 C  C   . GLY A 1 64  ? -2.452  -7.749  -0.827  1.00 44.99  ? 304  GLY A C   1 
ATOM   438 O  O   . GLY A 1 64  ? -1.959  -8.703  -0.220  1.00 45.92  ? 304  GLY A O   1 
ATOM   439 N  N   . GLY A 1 65  ? -1.753  -6.961  -1.643  1.00 43.28  ? 305  GLY A N   1 
ATOM   440 C  CA  . GLY A 1 65  ? -0.332  -7.171  -1.846  1.00 40.88  ? 305  GLY A CA  1 
ATOM   441 C  C   . GLY A 1 65  ? 0.441   -6.898  -0.564  1.00 41.08  ? 305  GLY A C   1 
ATOM   442 O  O   . GLY A 1 65  ? 0.127   -5.960  0.178   1.00 40.09  ? 305  GLY A O   1 
ATOM   443 N  N   . GLY A 1 66  ? 1.444   -7.726  -0.291  1.00 40.56  ? 306  GLY A N   1 
ATOM   444 C  CA  . GLY A 1 66  ? 2.234   -7.542  0.912   1.00 39.46  ? 306  GLY A CA  1 
ATOM   445 C  C   . GLY A 1 66  ? 3.621   -6.998  0.621   1.00 38.95  ? 306  GLY A C   1 
ATOM   446 O  O   . GLY A 1 66  ? 4.288   -7.431  -0.325  1.00 35.86  ? 306  GLY A O   1 
ATOM   447 N  N   . LEU A 1 67  ? 4.050   -6.035  1.432   1.00 38.81  ? 307  LEU A N   1 
ATOM   448 C  CA  . LEU A 1 67  ? 5.373   -5.439  1.278   1.00 40.47  ? 307  LEU A CA  1 
ATOM   449 C  C   . LEU A 1 67  ? 6.128   -5.403  2.600   1.00 40.99  ? 307  LEU A C   1 
ATOM   450 O  O   . LEU A 1 67  ? 5.554   -5.143  3.666   1.00 39.78  ? 307  LEU A O   1 
ATOM   451 C  CB  . LEU A 1 67  ? 5.272   -4.020  0.712   1.00 40.35  ? 307  LEU A CB  1 
ATOM   452 C  CG  . LEU A 1 67  ? 4.909   -3.881  -0.770  1.00 41.51  ? 307  LEU A CG  1 
ATOM   453 C  CD1 . LEU A 1 67  ? 4.922   -2.399  -1.139  1.00 41.54  ? 307  LEU A CD1 1 
ATOM   454 C  CD2 . LEU A 1 67  ? 5.890   -4.662  -1.641  1.00 39.01  ? 307  LEU A CD2 1 
ATOM   455 N  N   . THR A 1 68  ? 7.427   -5.658  2.527   1.00 41.92  ? 308  THR A N   1 
ATOM   456 C  CA  . THR A 1 68  ? 8.245   -5.668  3.728   1.00 44.75  ? 308  THR A CA  1 
ATOM   457 C  C   . THR A 1 68  ? 9.675   -5.297  3.402   1.00 45.64  ? 308  THR A C   1 
ATOM   458 O  O   . THR A 1 68  ? 10.045  -5.192  2.232   1.00 45.13  ? 308  THR A O   1 
ATOM   459 C  CB  . THR A 1 68  ? 8.246   -7.075  4.389   1.00 44.60  ? 308  THR A CB  1 
ATOM   460 O  OG1 . THR A 1 68  ? 9.028   -7.046  5.592   1.00 45.55  ? 308  THR A OG1 1 
ATOM   461 C  CG2 . THR A 1 68  ? 8.828   -8.110  3.430   1.00 40.39  ? 308  THR A CG2 1 
ATOM   462 N  N   . ASP A 1 69  ? 10.473  -5.109  4.448   1.00 47.37  ? 309  ASP A N   1 
ATOM   463 C  CA  . ASP A 1 69  ? 11.878  -4.778  4.287   1.00 49.77  ? 309  ASP A CA  1 
ATOM   464 C  C   . ASP A 1 69  ? 12.006  -3.437  3.567   1.00 48.88  ? 309  ASP A C   1 
ATOM   465 O  O   . ASP A 1 69  ? 12.608  -3.332  2.505   1.00 46.89  ? 309  ASP A O   1 
ATOM   466 C  CB  . ASP A 1 69  ? 12.566  -5.910  3.512   1.00 54.75  ? 309  ASP A CB  1 
ATOM   467 C  CG  . ASP A 1 69  ? 14.076  -5.764  3.464   1.00 61.27  ? 309  ASP A CG  1 
ATOM   468 O  OD1 . ASP A 1 69  ? 14.587  -5.079  2.543   1.00 64.43  ? 309  ASP A OD1 1 
ATOM   469 O  OD2 . ASP A 1 69  ? 14.751  -6.335  4.354   1.00 64.26  ? 309  ASP A OD2 1 
ATOM   470 N  N   . TRP A 1 70  ? 11.423  -2.408  4.168   1.00 49.61  ? 310  TRP A N   1 
ATOM   471 C  CA  . TRP A 1 70  ? 11.455  -1.069  3.605   1.00 50.87  ? 310  TRP A CA  1 
ATOM   472 C  C   . TRP A 1 70  ? 12.763  -0.332  3.856   1.00 52.96  ? 310  TRP A C   1 
ATOM   473 O  O   . TRP A 1 70  ? 13.394  -0.493  4.901   1.00 51.39  ? 310  TRP A O   1 
ATOM   474 C  CB  . TRP A 1 70  ? 10.327  -0.225  4.190   1.00 49.56  ? 310  TRP A CB  1 
ATOM   475 C  CG  . TRP A 1 70  ? 8.965   -0.706  3.862   1.00 50.41  ? 310  TRP A CG  1 
ATOM   476 C  CD1 . TRP A 1 70  ? 8.283   -1.714  4.470   1.00 50.33  ? 310  TRP A CD1 1 
ATOM   477 C  CD2 . TRP A 1 70  ? 8.109   -0.209  2.827   1.00 51.10  ? 310  TRP A CD2 1 
ATOM   478 N  NE1 . TRP A 1 70  ? 7.055   -1.880  3.882   1.00 49.83  ? 310  TRP A NE1 1 
ATOM   479 C  CE2 . TRP A 1 70  ? 6.922   -0.969  2.867   1.00 51.12  ? 310  TRP A CE2 1 
ATOM   480 C  CE3 . TRP A 1 70  ? 8.233   0.806   1.864   1.00 50.74  ? 310  TRP A CE3 1 
ATOM   481 C  CZ2 . TRP A 1 70  ? 5.859   -0.747  1.981   1.00 51.97  ? 310  TRP A CZ2 1 
ATOM   482 C  CZ3 . TRP A 1 70  ? 7.180   1.029   0.982   1.00 49.66  ? 310  TRP A CZ3 1 
ATOM   483 C  CH2 . TRP A 1 70  ? 6.008   0.253   1.048   1.00 51.90  ? 310  TRP A CH2 1 
ATOM   484 N  N   . LYS A 1 71  ? 13.163  0.478   2.884   1.00 56.66  ? 311  LYS A N   1 
ATOM   485 C  CA  . LYS A 1 71  ? 14.358  1.295   3.017   1.00 61.05  ? 311  LYS A CA  1 
ATOM   486 C  C   . LYS A 1 71  ? 13.851  2.688   3.385   1.00 64.34  ? 311  LYS A C   1 
ATOM   487 O  O   . LYS A 1 71  ? 12.739  3.077   3.017   1.00 64.63  ? 311  LYS A O   1 
ATOM   488 C  CB  . LYS A 1 71  ? 15.161  1.325   1.716   1.00 61.33  ? 311  LYS A CB  1 
ATOM   489 C  CG  . LYS A 1 71  ? 15.679  -0.044  1.283   1.00 63.18  ? 311  LYS A CG  1 
ATOM   490 C  CD  . LYS A 1 71  ? 16.224  -0.849  2.463   1.00 64.10  ? 311  LYS A CD  1 
ATOM   491 C  CE  . LYS A 1 71  ? 16.597  -2.265  2.041   1.00 66.29  ? 311  LYS A CE  1 
ATOM   492 N  NZ  . LYS A 1 71  ? 16.841  -3.176  3.202   1.00 67.35  ? 311  LYS A NZ  1 
ATOM   493 N  N   . PRO A 1 72  ? 14.659  3.457   4.121   1.00 67.90  ? 312  PRO A N   1 
ATOM   494 C  CA  . PRO A 1 72  ? 14.322  4.813   4.573   1.00 69.69  ? 312  PRO A CA  1 
ATOM   495 C  C   . PRO A 1 72  ? 13.616  5.772   3.598   1.00 70.15  ? 312  PRO A C   1 
ATOM   496 O  O   . PRO A 1 72  ? 12.497  6.235   3.861   1.00 70.27  ? 312  PRO A O   1 
ATOM   497 C  CB  . PRO A 1 72  ? 15.670  5.351   5.046   1.00 70.35  ? 312  PRO A CB  1 
ATOM   498 C  CG  . PRO A 1 72  ? 16.331  4.116   5.593   1.00 70.20  ? 312  PRO A CG  1 
ATOM   499 C  CD  . PRO A 1 72  ? 16.045  3.116   4.497   1.00 69.21  ? 312  PRO A CD  1 
ATOM   500 N  N   . SER A 1 73  ? 14.256  6.072   2.476   1.00 67.96  ? 313  SER A N   1 
ATOM   501 C  CA  . SER A 1 73  ? 13.669  7.013   1.533   1.00 67.05  ? 313  SER A CA  1 
ATOM   502 C  C   . SER A 1 73  ? 12.511  6.506   0.667   1.00 65.35  ? 313  SER A C   1 
ATOM   503 O  O   . SER A 1 73  ? 11.733  7.310   0.159   1.00 65.46  ? 313  SER A O   1 
ATOM   504 C  CB  . SER A 1 73  ? 14.760  7.547   0.617   1.00 69.11  ? 313  SER A CB  1 
ATOM   505 O  OG  . SER A 1 73  ? 15.241  6.506   -0.218  1.00 71.00  ? 313  SER A OG  1 
ATOM   506 N  N   . GLU A 1 74  ? 12.403  5.189   0.494   1.00 63.50  ? 314  GLU A N   1 
ATOM   507 C  CA  . GLU A 1 74  ? 11.356  4.588   -0.348  1.00 60.53  ? 314  GLU A CA  1 
ATOM   508 C  C   . GLU A 1 74  ? 9.937   5.135   -0.171  1.00 57.97  ? 314  GLU A C   1 
ATOM   509 O  O   . GLU A 1 74  ? 9.473   5.355   0.948   1.00 55.57  ? 314  GLU A O   1 
ATOM   510 C  CB  . GLU A 1 74  ? 11.349  3.064   -0.171  1.00 59.64  ? 314  GLU A CB  1 
ATOM   511 C  CG  . GLU A 1 74  ? 12.652  2.412   -0.611  1.00 59.26  ? 314  GLU A CG  1 
ATOM   512 C  CD  . GLU A 1 74  ? 12.603  0.903   -0.566  1.00 58.15  ? 314  GLU A CD  1 
ATOM   513 O  OE1 . GLU A 1 74  ? 12.293  0.354   0.509   1.00 57.73  ? 314  GLU A OE1 1 
ATOM   514 O  OE2 . GLU A 1 74  ? 12.880  0.268   -1.606  1.00 58.06  ? 314  GLU A OE2 1 
ATOM   515 N  N   . ASP A 1 75  ? 9.259   5.345   -1.299  1.00 55.33  ? 315  ASP A N   1 
ATOM   516 C  CA  . ASP A 1 75  ? 7.907   5.887   -1.296  1.00 53.44  ? 315  ASP A CA  1 
ATOM   517 C  C   . ASP A 1 75  ? 6.804   4.846   -1.479  1.00 50.72  ? 315  ASP A C   1 
ATOM   518 O  O   . ASP A 1 75  ? 6.781   4.105   -2.471  1.00 50.07  ? 315  ASP A O   1 
ATOM   519 C  CB  . ASP A 1 75  ? 7.784   6.964   -2.375  1.00 55.94  ? 315  ASP A CB  1 
ATOM   520 C  CG  . ASP A 1 75  ? 6.368   7.486   -2.518  1.00 57.51  ? 315  ASP A CG  1 
ATOM   521 O  OD1 . ASP A 1 75  ? 5.571   6.855   -3.251  1.00 58.07  ? 315  ASP A OD1 1 
ATOM   522 O  OD2 . ASP A 1 75  ? 6.055   8.517   -1.881  1.00 56.51  ? 315  ASP A OD2 1 
ATOM   523 N  N   . PRO A 1 76  ? 5.858   4.795   -0.526  1.00 47.19  ? 316  PRO A N   1 
ATOM   524 C  CA  . PRO A 1 76  ? 4.744   3.848   -0.563  1.00 46.69  ? 316  PRO A CA  1 
ATOM   525 C  C   . PRO A 1 76  ? 4.030   3.756   -1.908  1.00 47.87  ? 316  PRO A C   1 
ATOM   526 O  O   . PRO A 1 76  ? 3.992   2.680   -2.510  1.00 48.65  ? 316  PRO A O   1 
ATOM   527 C  CB  . PRO A 1 76  ? 3.842   4.345   0.557   1.00 45.86  ? 316  PRO A CB  1 
ATOM   528 C  CG  . PRO A 1 76  ? 4.831   4.825   1.561   1.00 44.80  ? 316  PRO A CG  1 
ATOM   529 C  CD  . PRO A 1 76  ? 5.785   5.621   0.689   1.00 45.46  ? 316  PRO A CD  1 
ATOM   530 N  N   . TRP A 1 77  ? 3.477   4.873   -2.384  1.00 47.40  ? 317  TRP A N   1 
ATOM   531 C  CA  . TRP A 1 77  ? 2.766   4.875   -3.659  1.00 46.85  ? 317  TRP A CA  1 
ATOM   532 C  C   . TRP A 1 77  ? 3.637   4.344   -4.767  1.00 46.23  ? 317  TRP A C   1 
ATOM   533 O  O   . TRP A 1 77  ? 3.199   3.536   -5.593  1.00 44.92  ? 317  TRP A O   1 
ATOM   534 C  CB  . TRP A 1 77  ? 2.295   6.289   -4.037  1.00 49.42  ? 317  TRP A CB  1 
ATOM   535 C  CG  . TRP A 1 77  ? 0.948   6.648   -3.469  1.00 51.26  ? 317  TRP A CG  1 
ATOM   536 C  CD1 . TRP A 1 77  ? 0.656   7.715   -2.667  1.00 51.90  ? 317  TRP A CD1 1 
ATOM   537 C  CD2 . TRP A 1 77  ? -0.273  5.912   -3.617  1.00 51.06  ? 317  TRP A CD2 1 
ATOM   538 N  NE1 . TRP A 1 77  ? -0.666  7.686   -2.301  1.00 52.83  ? 317  TRP A NE1 1 
ATOM   539 C  CE2 . TRP A 1 77  ? -1.263  6.591   -2.870  1.00 52.08  ? 317  TRP A CE2 1 
ATOM   540 C  CE3 . TRP A 1 77  ? -0.627  4.742   -4.304  1.00 51.53  ? 317  TRP A CE3 1 
ATOM   541 C  CZ2 . TRP A 1 77  ? -2.587  6.141   -2.789  1.00 51.07  ? 317  TRP A CZ2 1 
ATOM   542 C  CZ3 . TRP A 1 77  ? -1.947  4.291   -4.225  1.00 52.23  ? 317  TRP A CZ3 1 
ATOM   543 C  CH2 . TRP A 1 77  ? -2.909  4.993   -3.469  1.00 52.57  ? 317  TRP A CH2 1 
ATOM   544 N  N   . GLU A 1 78  ? 4.880   4.801   -4.783  1.00 46.93  ? 318  GLU A N   1 
ATOM   545 C  CA  . GLU A 1 78  ? 5.819   4.384   -5.812  1.00 47.95  ? 318  GLU A CA  1 
ATOM   546 C  C   . GLU A 1 78  ? 6.018   2.868   -5.751  1.00 46.58  ? 318  GLU A C   1 
ATOM   547 O  O   . GLU A 1 78  ? 5.946   2.177   -6.773  1.00 43.94  ? 318  GLU A O   1 
ATOM   548 C  CB  . GLU A 1 78  ? 7.137   5.131   -5.619  1.00 50.33  ? 318  GLU A CB  1 
ATOM   549 C  CG  . GLU A 1 78  ? 8.188   4.855   -6.677  1.00 55.83  ? 318  GLU A CG  1 
ATOM   550 C  CD  . GLU A 1 78  ? 9.467   5.659   -6.451  1.00 59.98  ? 318  GLU A CD  1 
ATOM   551 O  OE1 . GLU A 1 78  ? 10.505  5.295   -7.051  1.00 60.91  ? 318  GLU A OE1 1 
ATOM   552 O  OE2 . GLU A 1 78  ? 9.429   6.653   -5.681  1.00 61.59  ? 318  GLU A OE2 1 
ATOM   553 N  N   . GLN A 1 79  ? 6.243   2.356   -4.543  1.00 46.64  ? 319  GLN A N   1 
ATOM   554 C  CA  . GLN A 1 79  ? 6.443   0.921   -4.352  1.00 47.22  ? 319  GLN A CA  1 
ATOM   555 C  C   . GLN A 1 79  ? 5.200   0.127   -4.742  1.00 46.15  ? 319  GLN A C   1 
ATOM   556 O  O   . GLN A 1 79  ? 5.275   -0.815  -5.536  1.00 44.52  ? 319  GLN A O   1 
ATOM   557 C  CB  . GLN A 1 79  ? 6.816   0.625   -2.893  1.00 48.01  ? 319  GLN A CB  1 
ATOM   558 C  CG  . GLN A 1 79  ? 8.239   1.040   -2.529  1.00 49.50  ? 319  GLN A CG  1 
ATOM   559 C  CD  . GLN A 1 79  ? 9.257   0.576   -3.575  1.00 50.93  ? 319  GLN A CD  1 
ATOM   560 O  OE1 . GLN A 1 79  ? 9.356   -0.616  -3.890  1.00 51.02  ? 319  GLN A OE1 1 
ATOM   561 N  NE2 . GLN A 1 79  ? 10.014  1.525   -4.119  1.00 49.90  ? 319  GLN A NE2 1 
ATOM   562 N  N   . HIS A 1 80  ? 4.064   0.533   -4.177  1.00 44.85  ? 320  HIS A N   1 
ATOM   563 C  CA  . HIS A 1 80  ? 2.775   -0.096  -4.426  1.00 44.24  ? 320  HIS A CA  1 
ATOM   564 C  C   . HIS A 1 80  ? 2.549   -0.297  -5.917  1.00 44.96  ? 320  HIS A C   1 
ATOM   565 O  O   . HIS A 1 80  ? 1.927   -1.273  -6.339  1.00 45.49  ? 320  HIS A O   1 
ATOM   566 C  CB  . HIS A 1 80  ? 1.659   0.776   -3.835  1.00 44.41  ? 320  HIS A CB  1 
ATOM   567 C  CG  . HIS A 1 80  ? 0.333   0.083   -3.714  1.00 44.13  ? 320  HIS A CG  1 
ATOM   568 N  ND1 . HIS A 1 80  ? -0.600  0.430   -2.758  1.00 41.85  ? 320  HIS A ND1 1 
ATOM   569 C  CD2 . HIS A 1 80  ? -0.214  -0.937  -4.420  1.00 42.89  ? 320  HIS A CD2 1 
ATOM   570 C  CE1 . HIS A 1 80  ? -1.659  -0.348  -2.877  1.00 42.18  ? 320  HIS A CE1 1 
ATOM   571 N  NE2 . HIS A 1 80  ? -1.452  -1.186  -3.877  1.00 44.07  ? 320  HIS A NE2 1 
ATOM   572 N  N   . ALA A 1 81  ? 3.061   0.628   -6.717  1.00 45.59  ? 321  ALA A N   1 
ATOM   573 C  CA  . ALA A 1 81  ? 2.900   0.541   -8.159  1.00 46.41  ? 321  ALA A CA  1 
ATOM   574 C  C   . ALA A 1 81  ? 4.005   -0.308  -8.774  1.00 47.23  ? 321  ALA A C   1 
ATOM   575 O  O   . ALA A 1 81  ? 3.800   -0.984  -9.793  1.00 45.93  ? 321  ALA A O   1 
ATOM   576 C  CB  . ALA A 1 81  ? 2.915   1.930   -8.757  1.00 46.64  ? 321  ALA A CB  1 
ATOM   577 N  N   . LYS A 1 82  ? 5.178   -0.267  -8.147  1.00 47.93  ? 322  LYS A N   1 
ATOM   578 C  CA  . LYS A 1 82  ? 6.323   -1.027  -8.635  1.00 49.54  ? 322  LYS A CA  1 
ATOM   579 C  C   . LYS A 1 82  ? 6.054   -2.520  -8.605  1.00 48.61  ? 322  LYS A C   1 
ATOM   580 O  O   . LYS A 1 82  ? 6.303   -3.228  -9.576  1.00 46.54  ? 322  LYS A O   1 
ATOM   581 C  CB  . LYS A 1 82  ? 7.556   -0.744  -7.779  1.00 52.49  ? 322  LYS A CB  1 
ATOM   582 C  CG  . LYS A 1 82  ? 8.799   -1.535  -8.200  1.00 54.97  ? 322  LYS A CG  1 
ATOM   583 C  CD  . LYS A 1 82  ? 9.916   -1.407  -7.156  1.00 58.15  ? 322  LYS A CD  1 
ATOM   584 C  CE  . LYS A 1 82  ? 11.283  -1.785  -7.725  1.00 58.25  ? 322  LYS A CE  1 
ATOM   585 N  NZ  . LYS A 1 82  ? 11.286  -3.151  -8.313  1.00 59.74  ? 322  LYS A NZ  1 
ATOM   586 N  N   . TRP A 1 83  ? 5.534   -2.982  -7.476  1.00 48.39  ? 323  TRP A N   1 
ATOM   587 C  CA  . TRP A 1 83  ? 5.262   -4.392  -7.281  1.00 48.12  ? 323  TRP A CA  1 
ATOM   588 C  C   . TRP A 1 83  ? 3.855   -4.861  -7.622  1.00 48.69  ? 323  TRP A C   1 
ATOM   589 O  O   . TRP A 1 83  ? 3.675   -5.984  -8.098  1.00 48.44  ? 323  TRP A O   1 
ATOM   590 C  CB  . TRP A 1 83  ? 5.573   -4.767  -5.832  1.00 47.61  ? 323  TRP A CB  1 
ATOM   591 C  CG  . TRP A 1 83  ? 6.981   -4.460  -5.419  1.00 44.16  ? 323  TRP A CG  1 
ATOM   592 C  CD1 . TRP A 1 83  ? 7.396   -3.446  -4.608  1.00 45.02  ? 323  TRP A CD1 1 
ATOM   593 C  CD2 . TRP A 1 83  ? 8.156   -5.184  -5.787  1.00 41.60  ? 323  TRP A CD2 1 
ATOM   594 N  NE1 . TRP A 1 83  ? 8.760   -3.494  -4.443  1.00 41.93  ? 323  TRP A NE1 1 
ATOM   595 C  CE2 . TRP A 1 83  ? 9.253   -4.551  -5.156  1.00 40.65  ? 323  TRP A CE2 1 
ATOM   596 C  CE3 . TRP A 1 83  ? 8.392   -6.307  -6.589  1.00 40.94  ? 323  TRP A CE3 1 
ATOM   597 C  CZ2 . TRP A 1 83  ? 10.563  -5.003  -5.300  1.00 39.43  ? 323  TRP A CZ2 1 
ATOM   598 C  CZ3 . TRP A 1 83  ? 9.696   -6.757  -6.736  1.00 39.12  ? 323  TRP A CZ3 1 
ATOM   599 C  CH2 . TRP A 1 83  ? 10.766  -6.103  -6.091  1.00 39.33  ? 323  TRP A CH2 1 
ATOM   600 N  N   . TYR A 1 84  ? 2.855   -4.021  -7.381  1.00 48.84  ? 324  TYR A N   1 
ATOM   601 C  CA  . TYR A 1 84  ? 1.482   -4.440  -7.656  1.00 49.30  ? 324  TYR A CA  1 
ATOM   602 C  C   . TYR A 1 84  ? 0.683   -3.503  -8.566  1.00 48.18  ? 324  TYR A C   1 
ATOM   603 O  O   . TYR A 1 84  ? -0.362  -2.982  -8.179  1.00 48.48  ? 324  TYR A O   1 
ATOM   604 C  CB  . TYR A 1 84  ? 0.736   -4.650  -6.331  1.00 48.82  ? 324  TYR A CB  1 
ATOM   605 C  CG  . TYR A 1 84  ? 1.434   -5.584  -5.355  1.00 49.88  ? 324  TYR A CG  1 
ATOM   606 C  CD1 . TYR A 1 84  ? 2.039   -5.094  -4.192  1.00 49.62  ? 324  TYR A CD1 1 
ATOM   607 C  CD2 . TYR A 1 84  ? 1.441   -6.967  -5.564  1.00 50.36  ? 324  TYR A CD2 1 
ATOM   608 C  CE1 . TYR A 1 84  ? 2.628   -5.959  -3.252  1.00 48.62  ? 324  TYR A CE1 1 
ATOM   609 C  CE2 . TYR A 1 84  ? 2.026   -7.839  -4.631  1.00 48.79  ? 324  TYR A CE2 1 
ATOM   610 C  CZ  . TYR A 1 84  ? 2.612   -7.330  -3.479  1.00 49.06  ? 324  TYR A CZ  1 
ATOM   611 O  OH  . TYR A 1 84  ? 3.148   -8.196  -2.545  1.00 47.85  ? 324  TYR A OH  1 
ATOM   612 N  N   . PRO A 1 85  ? 1.155   -3.298  -9.804  1.00 47.95  ? 325  PRO A N   1 
ATOM   613 C  CA  . PRO A 1 85  ? 0.494   -2.425  -10.781 1.00 48.38  ? 325  PRO A CA  1 
ATOM   614 C  C   . PRO A 1 85  ? -0.979  -2.733  -11.034 1.00 48.88  ? 325  PRO A C   1 
ATOM   615 O  O   . PRO A 1 85  ? -1.780  -1.824  -11.224 1.00 50.18  ? 325  PRO A O   1 
ATOM   616 C  CB  . PRO A 1 85  ? 1.340   -2.619  -12.038 1.00 47.97  ? 325  PRO A CB  1 
ATOM   617 C  CG  . PRO A 1 85  ? 1.872   -4.001  -11.879 1.00 46.03  ? 325  PRO A CG  1 
ATOM   618 C  CD  . PRO A 1 85  ? 2.284   -4.002  -10.432 1.00 46.93  ? 325  PRO A CD  1 
ATOM   619 N  N   . GLY A 1 86  ? -1.331  -4.013  -11.036 1.00 49.50  ? 326  GLY A N   1 
ATOM   620 C  CA  . GLY A 1 86  ? -2.706  -4.410  -11.291 1.00 48.29  ? 326  GLY A CA  1 
ATOM   621 C  C   . GLY A 1 86  ? -3.734  -3.968  -10.269 1.00 48.30  ? 326  GLY A C   1 
ATOM   622 O  O   . GLY A 1 86  ? -4.936  -4.086  -10.519 1.00 49.35  ? 326  GLY A O   1 
ATOM   623 N  N   . CYS A 1 87  ? -3.277  -3.459  -9.126  1.00 47.29  ? 327  CYS A N   1 
ATOM   624 C  CA  . CYS A 1 87  ? -4.182  -3.006  -8.060  1.00 46.63  ? 327  CYS A CA  1 
ATOM   625 C  C   . CYS A 1 87  ? -5.133  -1.896  -8.527  1.00 47.18  ? 327  CYS A C   1 
ATOM   626 O  O   . CYS A 1 87  ? -4.717  -0.943  -9.196  1.00 46.50  ? 327  CYS A O   1 
ATOM   627 C  CB  . CYS A 1 87  ? -3.365  -2.531  -6.848  1.00 44.49  ? 327  CYS A CB  1 
ATOM   628 S  SG  . CYS A 1 87  ? -4.351  -1.896  -5.487  1.00 41.10  ? 327  CYS A SG  1 
ATOM   629 N  N   . LYS A 1 88  ? -6.411  -2.033  -8.169  1.00 47.94  ? 328  LYS A N   1 
ATOM   630 C  CA  . LYS A 1 88  ? -7.443  -1.067  -8.560  1.00 48.41  ? 328  LYS A CA  1 
ATOM   631 C  C   . LYS A 1 88  ? -7.487  0.168   -7.685  1.00 49.18  ? 328  LYS A C   1 
ATOM   632 O  O   . LYS A 1 88  ? -7.676  1.283   -8.179  1.00 49.55  ? 328  LYS A O   1 
ATOM   633 C  CB  . LYS A 1 88  ? -8.828  -1.718  -8.569  1.00 46.22  ? 328  LYS A CB  1 
ATOM   634 C  CG  . LYS A 1 88  ? -9.020  -2.749  -9.661  1.00 45.31  ? 328  LYS A CG  1 
ATOM   635 C  CD  . LYS A 1 88  ? -8.566  -2.223  -11.013 1.00 43.93  ? 328  LYS A CD  1 
ATOM   636 C  CE  . LYS A 1 88  ? -8.839  -3.240  -12.099 1.00 44.56  ? 328  LYS A CE  1 
ATOM   637 N  NZ  . LYS A 1 88  ? -8.345  -2.794  -13.422 1.00 46.41  ? 328  LYS A NZ  1 
ATOM   638 N  N   . TYR A 1 89  ? -7.333  -0.031  -6.382  1.00 50.38  ? 329  TYR A N   1 
ATOM   639 C  CA  . TYR A 1 89  ? -7.337  1.096   -5.466  1.00 52.21  ? 329  TYR A CA  1 
ATOM   640 C  C   . TYR A 1 89  ? -6.205  2.027   -5.910  1.00 52.30  ? 329  TYR A C   1 
ATOM   641 O  O   . TYR A 1 89  ? -6.315  3.254   -5.834  1.00 51.68  ? 329  TYR A O   1 
ATOM   642 C  CB  . TYR A 1 89  ? -7.096  0.626   -4.033  1.00 52.83  ? 329  TYR A CB  1 
ATOM   643 C  CG  . TYR A 1 89  ? -6.858  1.777   -3.092  1.00 56.86  ? 329  TYR A CG  1 
ATOM   644 C  CD1 . TYR A 1 89  ? -7.918  2.554   -2.611  1.00 57.85  ? 329  TYR A CD1 1 
ATOM   645 C  CD2 . TYR A 1 89  ? -5.562  2.144   -2.740  1.00 58.04  ? 329  TYR A CD2 1 
ATOM   646 C  CE1 . TYR A 1 89  ? -7.683  3.673   -1.803  1.00 57.87  ? 329  TYR A CE1 1 
ATOM   647 C  CE2 . TYR A 1 89  ? -5.319  3.254   -1.938  1.00 59.39  ? 329  TYR A CE2 1 
ATOM   648 C  CZ  . TYR A 1 89  ? -6.377  4.013   -1.477  1.00 59.16  ? 329  TYR A CZ  1 
ATOM   649 O  OH  . TYR A 1 89  ? -6.104  5.115   -0.707  1.00 61.55  ? 329  TYR A OH  1 
ATOM   650 N  N   . LEU A 1 90  ? -5.117  1.424   -6.376  1.00 51.75  ? 330  LEU A N   1 
ATOM   651 C  CA  . LEU A 1 90  ? -3.965  2.171   -6.845  1.00 50.63  ? 330  LEU A CA  1 
ATOM   652 C  C   . LEU A 1 90  ? -4.390  2.945   -8.074  1.00 51.15  ? 330  LEU A C   1 
ATOM   653 O  O   . LEU A 1 90  ? -4.229  4.164   -8.143  1.00 50.81  ? 330  LEU A O   1 
ATOM   654 C  CB  . LEU A 1 90  ? -2.835  1.214   -7.217  1.00 49.17  ? 330  LEU A CB  1 
ATOM   655 C  CG  . LEU A 1 90  ? -1.664  1.770   -8.040  1.00 48.25  ? 330  LEU A CG  1 
ATOM   656 C  CD1 . LEU A 1 90  ? -0.792  2.695   -7.202  1.00 46.15  ? 330  LEU A CD1 1 
ATOM   657 C  CD2 . LEU A 1 90  ? -0.841  0.598   -8.566  1.00 49.34  ? 330  LEU A CD2 1 
ATOM   658 N  N   . LEU A 1 91  ? -4.936  2.215   -9.041  1.00 51.66  ? 331  LEU A N   1 
ATOM   659 C  CA  . LEU A 1 91  ? -5.397  2.798   -10.295 1.00 52.66  ? 331  LEU A CA  1 
ATOM   660 C  C   . LEU A 1 91  ? -6.324  3.995   -10.054 1.00 54.83  ? 331  LEU A C   1 
ATOM   661 O  O   . LEU A 1 91  ? -6.173  5.065   -10.656 1.00 54.74  ? 331  LEU A O   1 
ATOM   662 C  CB  . LEU A 1 91  ? -6.133  1.735   -11.114 1.00 49.53  ? 331  LEU A CB  1 
ATOM   663 C  CG  . LEU A 1 91  ? -6.772  2.177   -12.433 1.00 48.45  ? 331  LEU A CG  1 
ATOM   664 C  CD1 . LEU A 1 91  ? -5.710  2.733   -13.361 1.00 46.99  ? 331  LEU A CD1 1 
ATOM   665 C  CD2 . LEU A 1 91  ? -7.479  0.996   -13.079 1.00 47.74  ? 331  LEU A CD2 1 
ATOM   666 N  N   . GLU A 1 92  ? -7.276  3.814   -9.151  1.00 55.27  ? 332  GLU A N   1 
ATOM   667 C  CA  . GLU A 1 92  ? -8.227  4.862   -8.861  1.00 56.57  ? 332  GLU A CA  1 
ATOM   668 C  C   . GLU A 1 92  ? -7.647  6.142   -8.275  1.00 56.02  ? 332  GLU A C   1 
ATOM   669 O  O   . GLU A 1 92  ? -8.183  7.220   -8.506  1.00 58.09  ? 332  GLU A O   1 
ATOM   670 C  CB  . GLU A 1 92  ? -9.300  4.336   -7.922  1.00 59.77  ? 332  GLU A CB  1 
ATOM   671 C  CG  . GLU A 1 92  ? -10.477 5.269   -7.793  1.00 63.26  ? 332  GLU A CG  1 
ATOM   672 C  CD  . GLU A 1 92  ? -11.554 4.701   -6.909  1.00 65.37  ? 332  GLU A CD  1 
ATOM   673 O  OE1 . GLU A 1 92  ? -11.373 4.711   -5.669  1.00 65.62  ? 332  GLU A OE1 1 
ATOM   674 O  OE2 . GLU A 1 92  ? -12.571 4.234   -7.468  1.00 66.23  ? 332  GLU A OE2 1 
ATOM   675 N  N   . GLN A 1 93  ? -6.560  6.042   -7.521  1.00 53.70  ? 333  GLN A N   1 
ATOM   676 C  CA  . GLN A 1 93  ? -5.988  7.229   -6.911  1.00 51.01  ? 333  GLN A CA  1 
ATOM   677 C  C   . GLN A 1 93  ? -4.889  7.916   -7.707  1.00 50.05  ? 333  GLN A C   1 
ATOM   678 O  O   . GLN A 1 93  ? -4.746  9.138   -7.637  1.00 49.70  ? 333  GLN A O   1 
ATOM   679 C  CB  . GLN A 1 93  ? -5.460  6.889   -5.523  1.00 52.01  ? 333  GLN A CB  1 
ATOM   680 C  CG  . GLN A 1 93  ? -6.524  6.414   -4.559  1.00 53.72  ? 333  GLN A CG  1 
ATOM   681 C  CD  . GLN A 1 93  ? -7.661  7.408   -4.417  1.00 55.02  ? 333  GLN A CD  1 
ATOM   682 O  OE1 . GLN A 1 93  ? -7.439  8.587   -4.124  1.00 53.93  ? 333  GLN A OE1 1 
ATOM   683 N  NE2 . GLN A 1 93  ? -8.890  6.935   -4.620  1.00 55.01  ? 333  GLN A NE2 1 
ATOM   684 N  N   . LYS A 1 94  ? -4.122  7.145   -8.470  1.00 48.16  ? 334  LYS A N   1 
ATOM   685 C  CA  . LYS A 1 94  ? -3.015  7.714   -9.235  1.00 47.18  ? 334  LYS A CA  1 
ATOM   686 C  C   . LYS A 1 94  ? -3.215  7.653   -10.740 1.00 46.83  ? 334  LYS A C   1 
ATOM   687 O  O   . LYS A 1 94  ? -2.519  8.336   -11.493 1.00 46.72  ? 334  LYS A O   1 
ATOM   688 C  CB  . LYS A 1 94  ? -1.707  6.994   -8.885  1.00 46.88  ? 334  LYS A CB  1 
ATOM   689 C  CG  . LYS A 1 94  ? -1.500  6.736   -7.407  1.00 44.37  ? 334  LYS A CG  1 
ATOM   690 C  CD  . LYS A 1 94  ? -1.409  8.015   -6.606  1.00 44.11  ? 334  LYS A CD  1 
ATOM   691 C  CE  . LYS A 1 94  ? -0.152  8.786   -6.940  1.00 42.36  ? 334  LYS A CE  1 
ATOM   692 N  NZ  . LYS A 1 94  ? 0.018   9.880   -5.952  1.00 43.16  ? 334  LYS A NZ  1 
ATOM   693 N  N   . GLY A 1 95  ? -4.143  6.818   -11.185 1.00 47.28  ? 335  GLY A N   1 
ATOM   694 C  CA  . GLY A 1 95  ? -4.398  6.713   -12.609 1.00 49.64  ? 335  GLY A CA  1 
ATOM   695 C  C   . GLY A 1 95  ? -3.343  5.971   -13.405 1.00 51.65  ? 335  GLY A C   1 
ATOM   696 O  O   . GLY A 1 95  ? -2.149  6.032   -13.105 1.00 52.67  ? 335  GLY A O   1 
ATOM   697 N  N   . GLN A 1 96  ? -3.807  5.285   -14.442 1.00 53.42  ? 336  GLN A N   1 
ATOM   698 C  CA  . GLN A 1 96  ? -2.972  4.486   -15.328 1.00 55.10  ? 336  GLN A CA  1 
ATOM   699 C  C   . GLN A 1 96  ? -1.670  5.146   -15.740 1.00 56.30  ? 336  GLN A C   1 
ATOM   700 O  O   . GLN A 1 96  ? -0.611  4.527   -15.684 1.00 56.76  ? 336  GLN A O   1 
ATOM   701 C  CB  . GLN A 1 96  ? -3.768  4.115   -16.574 1.00 55.99  ? 336  GLN A CB  1 
ATOM   702 C  CG  . GLN A 1 96  ? -3.137  3.018   -17.390 1.00 59.23  ? 336  GLN A CG  1 
ATOM   703 C  CD  . GLN A 1 96  ? -2.831  1.791   -16.551 1.00 61.00  ? 336  GLN A CD  1 
ATOM   704 O  OE1 . GLN A 1 96  ? -3.735  1.138   -16.021 1.00 60.29  ? 336  GLN A OE1 1 
ATOM   705 N  NE2 . GLN A 1 96  ? -1.546  1.477   -16.421 1.00 60.97  ? 336  GLN A NE2 1 
ATOM   706 N  N   . GLU A 1 97  ? -1.742  6.401   -16.161 1.00 58.94  ? 337  GLU A N   1 
ATOM   707 C  CA  . GLU A 1 97  ? -0.541  7.105   -16.581 1.00 61.68  ? 337  GLU A CA  1 
ATOM   708 C  C   . GLU A 1 97  ? 0.543   7.024   -15.518 1.00 60.95  ? 337  GLU A C   1 
ATOM   709 O  O   . GLU A 1 97  ? 1.672   6.642   -15.809 1.00 60.97  ? 337  GLU A O   1 
ATOM   710 C  CB  . GLU A 1 97  ? -0.869  8.564   -16.916 1.00 64.59  ? 337  GLU A CB  1 
ATOM   711 C  CG  . GLU A 1 97  ? -0.937  8.831   -18.420 1.00 67.39  ? 337  GLU A CG  1 
ATOM   712 C  CD  . GLU A 1 97  ? -1.618  10.145  -18.775 1.00 69.86  ? 337  GLU A CD  1 
ATOM   713 O  OE1 . GLU A 1 97  ? -1.244  11.196  -18.204 1.00 69.52  ? 337  GLU A OE1 1 
ATOM   714 O  OE2 . GLU A 1 97  ? -2.527  10.121  -19.636 1.00 70.36  ? 337  GLU A OE2 1 
ATOM   715 N  N   . TYR A 1 98  ? 0.196   7.363   -14.285 1.00 60.94  ? 338  TYR A N   1 
ATOM   716 C  CA  . TYR A 1 98  ? 1.162   7.316   -13.192 1.00 62.07  ? 338  TYR A CA  1 
ATOM   717 C  C   . TYR A 1 98  ? 1.880   5.980   -13.130 1.00 62.85  ? 338  TYR A C   1 
ATOM   718 O  O   . TYR A 1 98  ? 3.106   5.918   -13.028 1.00 61.41  ? 338  TYR A O   1 
ATOM   719 C  CB  . TYR A 1 98  ? 0.463   7.526   -11.862 1.00 61.88  ? 338  TYR A CB  1 
ATOM   720 C  CG  . TYR A 1 98  ? 1.366   7.300   -10.679 1.00 63.97  ? 338  TYR A CG  1 
ATOM   721 C  CD1 . TYR A 1 98  ? 2.251   8.286   -10.261 1.00 64.90  ? 338  TYR A CD1 1 
ATOM   722 C  CD2 . TYR A 1 98  ? 1.315   6.110   -9.954  1.00 64.73  ? 338  TYR A CD2 1 
ATOM   723 C  CE1 . TYR A 1 98  ? 3.056   8.102   -9.142  1.00 65.59  ? 338  TYR A CE1 1 
ATOM   724 C  CE2 . TYR A 1 98  ? 2.119   5.914   -8.833  1.00 65.04  ? 338  TYR A CE2 1 
ATOM   725 C  CZ  . TYR A 1 98  ? 2.984   6.916   -8.432  1.00 65.77  ? 338  TYR A CZ  1 
ATOM   726 O  OH  . TYR A 1 98  ? 3.759   6.755   -7.307  1.00 65.71  ? 338  TYR A OH  1 
ATOM   727 N  N   . ILE A 1 99  ? 1.082   4.917   -13.171 1.00 64.39  ? 339  ILE A N   1 
ATOM   728 C  CA  . ILE A 1 99  ? 1.575   3.552   -13.105 1.00 64.94  ? 339  ILE A CA  1 
ATOM   729 C  C   . ILE A 1 99  ? 2.536   3.260   -14.235 1.00 66.53  ? 339  ILE A C   1 
ATOM   730 O  O   . ILE A 1 99  ? 3.679   2.877   -14.005 1.00 67.27  ? 339  ILE A O   1 
ATOM   731 C  CB  . ILE A 1 99  ? 0.427   2.524   -13.221 1.00 64.00  ? 339  ILE A CB  1 
ATOM   732 C  CG1 . ILE A 1 99  ? -0.717  2.890   -12.284 1.00 63.15  ? 339  ILE A CG1 1 
ATOM   733 C  CG2 . ILE A 1 99  ? 0.940   1.142   -12.890 1.00 62.42  ? 339  ILE A CG2 1 
ATOM   734 C  CD1 . ILE A 1 99  ? -0.331  2.923   -10.846 1.00 64.76  ? 339  ILE A CD1 1 
ATOM   735 N  N   . ASN A 1 100 ? 2.057   3.439   -15.460 1.00 67.98  ? 340  ASN A N   1 
ATOM   736 C  CA  . ASN A 1 100 ? 2.851   3.159   -16.642 1.00 70.89  ? 340  ASN A CA  1 
ATOM   737 C  C   . ASN A 1 100 ? 4.231   3.776   -16.645 1.00 72.95  ? 340  ASN A C   1 
ATOM   738 O  O   . ASN A 1 100 ? 5.187   3.165   -17.113 1.00 73.23  ? 340  ASN A O   1 
ATOM   739 C  CB  . ASN A 1 100 ? 2.091   3.593   -17.886 1.00 70.54  ? 340  ASN A CB  1 
ATOM   740 C  CG  . ASN A 1 100 ? 0.814   2.816   -18.070 1.00 71.08  ? 340  ASN A CG  1 
ATOM   741 O  OD1 . ASN A 1 100 ? 0.835   1.593   -18.197 1.00 71.35  ? 340  ASN A OD1 1 
ATOM   742 N  ND2 . ASN A 1 100 ? -0.308  3.515   -18.077 1.00 72.62  ? 340  ASN A ND2 1 
ATOM   743 N  N   . ASN A 1 101 ? 4.346   4.980   -16.111 1.00 75.89  ? 341  ASN A N   1 
ATOM   744 C  CA  . ASN A 1 101 ? 5.630   5.653   -16.088 1.00 79.28  ? 341  ASN A CA  1 
ATOM   745 C  C   . ASN A 1 101 ? 6.533   5.176   -14.958 1.00 80.40  ? 341  ASN A C   1 
ATOM   746 O  O   . ASN A 1 101 ? 7.716   5.502   -14.917 1.00 79.94  ? 341  ASN A O   1 
ATOM   747 C  CB  . ASN A 1 101 ? 5.394   7.155   -16.029 1.00 81.48  ? 341  ASN A CB  1 
ATOM   748 C  CG  . ASN A 1 101 ? 4.498   7.628   -17.166 1.00 84.63  ? 341  ASN A CG  1 
ATOM   749 O  OD1 . ASN A 1 101 ? 4.793   7.390   -18.343 1.00 84.84  ? 341  ASN A OD1 1 
ATOM   750 N  ND2 . ASN A 1 101 ? 3.393   8.286   -16.822 1.00 86.31  ? 341  ASN A ND2 1 
ATOM   751 N  N   . ILE A 1 102 ? 5.974   4.395   -14.044 1.00 82.55  ? 342  ILE A N   1 
ATOM   752 C  CA  . ILE A 1 102 ? 6.754   3.851   -12.945 1.00 84.09  ? 342  ILE A CA  1 
ATOM   753 C  C   . ILE A 1 102 ? 7.513   2.662   -13.510 1.00 86.25  ? 342  ILE A C   1 
ATOM   754 O  O   . ILE A 1 102 ? 8.663   2.428   -13.162 1.00 86.37  ? 342  ILE A O   1 
ATOM   755 C  CB  . ILE A 1 102 ? 5.856   3.350   -11.792 1.00 83.22  ? 342  ILE A CB  1 
ATOM   756 C  CG1 . ILE A 1 102 ? 5.180   4.531   -11.088 1.00 82.81  ? 342  ILE A CG1 1 
ATOM   757 C  CG2 . ILE A 1 102 ? 6.681   2.550   -10.805 1.00 82.55  ? 342  ILE A CG2 1 
ATOM   758 C  CD1 . ILE A 1 102 ? 6.106   5.370   -10.243 1.00 81.24  ? 342  ILE A CD1 1 
ATOM   759 N  N   . HIS A 1 103 ? 6.864   1.919   -14.398 1.00 89.58  ? 343  HIS A N   1 
ATOM   760 C  CA  . HIS A 1 103 ? 7.489   0.749   -14.991 1.00 94.00  ? 343  HIS A CA  1 
ATOM   761 C  C   . HIS A 1 103 ? 8.328   1.040   -16.225 1.00 97.46  ? 343  HIS A C   1 
ATOM   762 O  O   . HIS A 1 103 ? 9.375   0.424   -16.419 1.00 98.52  ? 343  HIS A O   1 
ATOM   763 C  CB  . HIS A 1 103 ? 6.431   -0.311  -15.310 1.00 92.77  ? 343  HIS A CB  1 
ATOM   764 C  CG  . HIS A 1 103 ? 5.904   -1.010  -14.095 1.00 92.70  ? 343  HIS A CG  1 
ATOM   765 N  ND1 . HIS A 1 103 ? 5.955   -2.380  -13.942 1.00 92.04  ? 343  HIS A ND1 1 
ATOM   766 C  CD2 . HIS A 1 103 ? 5.336   -0.526  -12.964 1.00 92.06  ? 343  HIS A CD2 1 
ATOM   767 C  CE1 . HIS A 1 103 ? 5.440   -2.708  -12.770 1.00 92.00  ? 343  HIS A CE1 1 
ATOM   768 N  NE2 . HIS A 1 103 ? 5.057   -1.603  -12.156 1.00 91.23  ? 343  HIS A NE2 1 
ATOM   769 N  N   . LEU A 1 104 ? 7.883   1.976   -17.056 1.00 101.86 ? 344  LEU A N   1 
ATOM   770 C  CA  . LEU A 1 104 ? 8.633   2.323   -18.265 1.00 105.59 ? 344  LEU A CA  1 
ATOM   771 C  C   . LEU A 1 104 ? 9.925   3.076   -17.914 1.00 107.77 ? 344  LEU A C   1 
ATOM   772 O  O   . LEU A 1 104 ? 10.927  2.975   -18.630 1.00 108.10 ? 344  LEU A O   1 
ATOM   773 C  CB  . LEU A 1 104 ? 7.757   3.155   -19.213 1.00 105.96 ? 344  LEU A CB  1 
ATOM   774 C  CG  . LEU A 1 104 ? 6.496   2.460   -19.760 1.00 106.85 ? 344  LEU A CG  1 
ATOM   775 C  CD1 . LEU A 1 104 ? 5.632   3.459   -20.522 1.00 106.41 ? 344  LEU A CD1 1 
ATOM   776 C  CD2 . LEU A 1 104 ? 6.887   1.295   -20.660 1.00 106.46 ? 344  LEU A CD2 1 
ATOM   777 N  N   . THR A 1 105 ? 9.892   3.817   -16.805 1.00 110.23 ? 345  THR A N   1 
ATOM   778 C  CA  . THR A 1 105 ? 11.048  4.581   -16.313 1.00 112.10 ? 345  THR A CA  1 
ATOM   779 C  C   . THR A 1 105 ? 11.347  4.152   -14.868 1.00 112.51 ? 345  THR A C   1 
ATOM   780 O  O   . THR A 1 105 ? 10.769  3.127   -14.439 1.00 112.64 ? 345  THR A O   1 
ATOM   781 C  CB  . THR A 1 105 ? 10.785  6.125   -16.337 1.00 112.90 ? 345  THR A CB  1 
ATOM   782 O  OG1 . THR A 1 105 ? 10.394  6.529   -17.658 1.00 113.74 ? 345  THR A OG1 1 
ATOM   783 C  CG2 . THR A 1 105 ? 12.048  6.905   -15.939 1.00 112.34 ? 345  THR A CG2 1 
ATOM   784 N  N   . HIS A 1 106 ? 12.152  4.825   -14.185 1.00 112.71 ? 346  HIS A N   1 
HETATM 785 C  C49 . BI6 B 2 .   ? 11.181  -9.460  -2.528  1.00 38.71  ? 1346 BI6 A C49 1 
HETATM 786 C  C9  . BI6 B 2 .   ? 10.167  -9.140  -3.732  1.00 37.06  ? 1346 BI6 A C9  1 
HETATM 787 C  C10 . BI6 B 2 .   ? 8.692   -8.488  -3.495  1.00 37.55  ? 1346 BI6 A C10 1 
HETATM 788 N  N3  . BI6 B 2 .   ? 8.166   -8.120  -2.069  1.00 36.56  ? 1346 BI6 A N3  1 
HETATM 789 C  C6  . BI6 B 2 .   ? 8.770   -7.227  -1.128  1.00 36.22  ? 1346 BI6 A C6  1 
HETATM 790 C  C5  . BI6 B 2 .   ? 10.107  -6.406  -1.296  1.00 38.90  ? 1346 BI6 A C5  1 
HETATM 791 N  N2  . BI6 B 2 .   ? 10.419  -5.325  -0.412  1.00 40.59  ? 1346 BI6 A N2  1 
HETATM 792 C  C4  . BI6 B 2 .   ? 10.973  -4.221  -1.034  1.00 41.50  ? 1346 BI6 A C4  1 
HETATM 793 C  C1  . BI6 B 2 .   ? 11.318  -3.027  -0.202  1.00 42.70  ? 1346 BI6 A C1  1 
HETATM 794 C  C2  . BI6 B 2 .   ? 10.304  -1.871  -0.511  1.00 43.61  ? 1346 BI6 A C2  1 
HETATM 795 C  C3  . BI6 B 2 .   ? 8.836   -2.218  -0.140  1.00 42.02  ? 1346 BI6 A C3  1 
HETATM 796 N  N1  . BI6 B 2 .   ? 12.710  -2.676  -0.536  1.00 45.24  ? 1346 BI6 A N1  1 
HETATM 797 O  O1  . BI6 B 2 .   ? 11.202  -4.152  -2.274  1.00 39.02  ? 1346 BI6 A O1  1 
HETATM 798 C  C7  . BI6 B 2 .   ? 11.266  -7.250  -1.412  1.00 39.79  ? 1346 BI6 A C7  1 
HETATM 799 C  C8  . BI6 B 2 .   ? 11.383  -8.489  -1.442  1.00 38.35  ? 1346 BI6 A C8  1 
HETATM 800 O  O2  . BI6 B 2 .   ? 8.215   -7.032  0.001   1.00 33.33  ? 1346 BI6 A O2  1 
HETATM 801 C  C13 . BI6 B 2 .   ? 6.902   -8.781  -1.632  1.00 39.18  ? 1346 BI6 A C13 1 
HETATM 802 C  C14 . BI6 B 2 .   ? 7.147   -10.047 -0.789  1.00 40.43  ? 1346 BI6 A C14 1 
HETATM 803 O  O3  . BI6 B 2 .   ? 8.312   -10.361 -0.554  1.00 45.02  ? 1346 BI6 A O3  1 
HETATM 804 N  N4  . BI6 B 2 .   ? 6.189   -9.696  0.197   1.00 37.77  ? 1346 BI6 A N4  1 
HETATM 805 C  C15 . BI6 B 2 .   ? 6.010   -10.725 1.289   1.00 35.46  ? 1346 BI6 A C15 1 
HETATM 806 C  C17 . BI6 B 2 .   ? 5.532   -12.188 0.789   1.00 36.59  ? 1346 BI6 A C17 1 
HETATM 807 C  C18 . BI6 B 2 .   ? 5.875   -13.395 1.598   1.00 35.34  ? 1346 BI6 A C18 1 
HETATM 808 C  C26 . BI6 B 2 .   ? 13.960  -3.220  -0.209  1.00 47.53  ? 1346 BI6 A C26 1 
HETATM 809 C  C19 . BI6 B 2 .   ? 5.445   -14.709 1.155   1.00 35.46  ? 1346 BI6 A C19 1 
HETATM 810 C  C20 . BI6 B 2 .   ? 4.687   -14.875 -0.063  1.00 35.93  ? 1346 BI6 A C20 1 
HETATM 811 C  C21 . BI6 B 2 .   ? 4.339   -13.711 -0.867  1.00 37.64  ? 1346 BI6 A C21 1 
HETATM 812 C  C22 . BI6 B 2 .   ? 4.755   -12.376 -0.447  1.00 37.16  ? 1346 BI6 A C22 1 
HETATM 813 C  C16 . BI6 B 2 .   ? 4.960   -10.184 2.306   1.00 32.83  ? 1346 BI6 A C16 1 
HETATM 814 C  C23 . BI6 B 2 .   ? 3.719   -10.856 2.738   1.00 32.61  ? 1346 BI6 A C23 1 
HETATM 815 C  C24 . BI6 B 2 .   ? 2.849   -10.250 3.684   1.00 33.44  ? 1346 BI6 A C24 1 
HETATM 816 C  C25 . BI6 B 2 .   ? 3.185   -8.969  4.230   1.00 34.15  ? 1346 BI6 A C25 1 
HETATM 817 C  C27 . BI6 B 2 .   ? 5.263   -8.902  2.870   1.00 32.61  ? 1346 BI6 A C27 1 
HETATM 818 C  C28 . BI6 B 2 .   ? 4.397   -8.288  3.823   1.00 34.12  ? 1346 BI6 A C28 1 
HETATM 819 C  C12 . BI6 B 2 .   ? 6.273   -8.662  -2.955  1.00 38.48  ? 1346 BI6 A C12 1 
HETATM 820 C  C11 . BI6 B 2 .   ? 7.494   -9.258  -3.870  1.00 37.40  ? 1346 BI6 A C11 1 
HETATM 821 ZN ZN  . ZN  C 3 .   ? -3.171  -2.473  -3.524  1.00 46.66  ? 1347 ZN  A ZN  1 
HETATM 822 O  O   . HOH D 4 .   ? -5.938  11.163  4.485   1.00 50.80  ? 2001 HOH A O   1 
HETATM 823 O  O   . HOH D 4 .   ? -4.038  12.188  -0.488  1.00 48.41  ? 2002 HOH A O   1 
HETATM 824 O  O   . HOH D 4 .   ? 10.314  -8.026  14.945  1.00 60.78  ? 2003 HOH A O   1 
HETATM 825 O  O   . HOH D 4 .   ? 7.285   -4.373  -16.794 1.00 62.81  ? 2004 HOH A O   1 
HETATM 826 O  O   . HOH D 4 .   ? 10.561  -8.486  18.190  1.00 61.51  ? 2005 HOH A O   1 
HETATM 827 O  O   . HOH D 4 .   ? 0.342   -15.341 -4.986  1.00 47.19  ? 2006 HOH A O   1 
HETATM 828 O  O   . HOH D 4 .   ? -3.019  -10.807 -9.982  1.00 66.60  ? 2007 HOH A O   1 
HETATM 829 O  O   . HOH D 4 .   ? -2.921  -7.838  -10.615 1.00 56.95  ? 2008 HOH A O   1 
HETATM 830 O  O   . HOH D 4 .   ? -12.924 5.560   3.351   1.00 44.79  ? 2009 HOH A O   1 
HETATM 831 O  O   . HOH D 4 .   ? 2.129   -0.246  15.300  1.00 77.20  ? 2010 HOH A O   1 
HETATM 832 O  O   . HOH D 4 .   ? 6.830   -1.369  14.996  1.00 61.34  ? 2011 HOH A O   1 
HETATM 833 O  O   . HOH D 4 .   ? 12.370  -6.086  10.178  1.00 66.79  ? 2012 HOH A O   1 
HETATM 834 O  O   . HOH D 4 .   ? 2.765   12.778  7.242   1.00 45.04  ? 2013 HOH A O   1 
HETATM 835 O  O   . HOH D 4 .   ? 9.787   11.117  0.566   1.00 57.72  ? 2014 HOH A O   1 
HETATM 836 O  O   . HOH D 4 .   ? 3.772   12.907  4.517   1.00 43.78  ? 2015 HOH A O   1 
HETATM 837 O  O   . HOH D 4 .   ? -3.046  11.562  5.537   1.00 60.43  ? 2016 HOH A O   1 
HETATM 838 O  O   . HOH D 4 .   ? -1.929  9.824   -0.339  1.00 43.63  ? 2017 HOH A O   1 
HETATM 839 O  O   . HOH D 4 .   ? -4.618  -9.097  7.717   1.00 49.30  ? 2018 HOH A O   1 
HETATM 840 O  O   . HOH D 4 .   ? 5.009   -5.015  16.685  1.00 64.43  ? 2019 HOH A O   1 
HETATM 841 O  O   . HOH D 4 .   ? 6.984   -7.407  15.272  1.00 49.28  ? 2020 HOH A O   1 
HETATM 842 O  O   . HOH D 4 .   ? 4.321   -5.254  10.667  1.00 35.41  ? 2021 HOH A O   1 
HETATM 843 O  O   . HOH D 4 .   ? 1.322   -11.283 -0.942  1.00 67.65  ? 2022 HOH A O   1 
HETATM 844 O  O   . HOH D 4 .   ? 12.436  -7.069  6.919   1.00 51.44  ? 2023 HOH A O   1 
HETATM 845 O  O   . HOH D 4 .   ? 14.273  -8.015  1.497   1.00 53.85  ? 2024 HOH A O   1 
HETATM 846 O  O   . HOH D 4 .   ? 12.128  -0.379  7.167   1.00 40.61  ? 2025 HOH A O   1 
HETATM 847 O  O   . HOH D 4 .   ? 14.816  -3.278  5.706   1.00 37.82  ? 2026 HOH A O   1 
HETATM 848 O  O   . HOH D 4 .   ? 11.656  5.424   6.029   1.00 90.15  ? 2027 HOH A O   1 
HETATM 849 O  O   . HOH D 4 .   ? 12.116  9.376   -7.240  1.00 57.03  ? 2028 HOH A O   1 
HETATM 850 O  O   . HOH D 4 .   ? -0.291  -6.295  -9.698  1.00 37.30  ? 2029 HOH A O   1 
HETATM 851 O  O   . HOH D 4 .   ? -5.040  -1.886  -14.540 1.00 51.91  ? 2030 HOH A O   1 
HETATM 852 O  O   . HOH D 4 .   ? -7.344  -4.413  -7.028  1.00 39.06  ? 2031 HOH A O   1 
HETATM 853 O  O   . HOH D 4 .   ? -13.782 4.168   -4.272  1.00 44.01  ? 2032 HOH A O   1 
HETATM 854 O  O   . HOH D 4 .   ? -11.988 9.514   -3.081  1.00 71.77  ? 2033 HOH A O   1 
HETATM 855 O  O   . HOH D 4 .   ? 10.834  -0.574  -12.216 1.00 59.23  ? 2034 HOH A O   1 
HETATM 856 O  O   . HOH D 4 .   ? 9.043   -2.941  -14.994 1.00 46.96  ? 2035 HOH A O   1 
HETATM 857 O  O   . HOH D 4 .   ? 13.615  4.663   -11.716 1.00 54.52  ? 2036 HOH A O   1 
HETATM 858 O  O   . HOH D 4 .   ? 13.766  -5.104  -3.276  1.00 50.62  ? 2037 HOH A O   1 
# 
